data_6IMC
#
_entry.id   6IMC
#
_cell.length_a   147.898
_cell.length_b   147.898
_cell.length_c   178.044
_cell.angle_alpha   90.000
_cell.angle_beta   90.000
_cell.angle_gamma   90.000
#
_symmetry.space_group_name_H-M   'I 4'
#
loop_
_entity.id
_entity.type
_entity.pdbx_description
1 polymer 'Nucleic acid dioxygenase ALKBH1'
2 non-polymer 'MANGANESE (II) ION'
3 non-polymer N-OXALYLGLYCINE
4 water water
#
_entity_poly.entity_id   1
_entity_poly.type   'polypeptide(L)'
_entity_poly.pdbx_seq_one_letter_code
;GPMGKMAAAVASLATLAAEPREDAFRKLFRFYRQSRPGTADLGAVIDFSEAHLARSPKPGVPQVVRFPLNVSSVTERDAE
RVGLEPVSKWRAYGLEGYPGFIFIPNPFLPGCQRHWVKQCLKLYSQKPNVCNLDKHMTKEETQGLWEQSKEVLRSKEVTK
RRPRSLLERLRWVTLGYHYNWDSKKYSADHYTPFPSDLAFLSEQVATACGFQGFQAEAGILNYYRLDSTLGIHVDRSELD
HSKPLLSFSFGQSAIFLLGGLKRDEAPTAMFMHSGDIMVMSGFSRLLNHAVPRVLPHPDGECLPHCLETPLPAVLPSNSL
VEPCSVEDWQVCATYLRTARVNMTVRQVLATGQDFPLEPVE
;
_entity_poly.pdbx_strand_id   A,B,C,D
#
# COMPACT_ATOMS: atom_id res chain seq x y z
N GLU A 22 57.13 1.64 3.63
CA GLU A 22 55.77 1.20 3.85
C GLU A 22 55.68 0.53 5.23
N ASP A 23 55.10 1.25 6.21
CA ASP A 23 54.94 0.73 7.55
C ASP A 23 53.72 -0.19 7.63
N ALA A 24 53.45 -0.68 8.85
CA ALA A 24 52.31 -1.57 9.05
C ALA A 24 51.01 -0.90 8.65
N PHE A 25 50.84 0.38 9.02
CA PHE A 25 49.58 1.06 8.71
C PHE A 25 49.40 1.24 7.21
N ARG A 26 50.43 1.76 6.52
CA ARG A 26 50.28 1.99 5.10
C ARG A 26 50.05 0.68 4.36
N LYS A 27 50.60 -0.42 4.88
CA LYS A 27 50.36 -1.72 4.27
C LYS A 27 48.89 -2.13 4.37
N LEU A 28 48.32 -2.08 5.57
CA LEU A 28 46.91 -2.45 5.69
C LEU A 28 46.01 -1.48 4.93
N PHE A 29 46.33 -0.18 4.97
CA PHE A 29 45.57 0.81 4.22
C PHE A 29 45.56 0.49 2.72
N ARG A 30 46.73 0.26 2.15
CA ARG A 30 46.81 -0.10 0.73
C ARG A 30 46.02 -1.38 0.43
N PHE A 31 46.18 -2.40 1.29
CA PHE A 31 45.51 -3.67 1.06
C PHE A 31 44.01 -3.51 1.01
N TYR A 32 43.43 -2.88 2.04
CA TYR A 32 41.98 -2.77 2.09
C TYR A 32 41.45 -1.85 1.00
N ARG A 33 42.26 -0.90 0.54
CA ARG A 33 41.84 -0.04 -0.56
C ARG A 33 41.70 -0.82 -1.86
N GLN A 34 42.52 -1.85 -2.08
CA GLN A 34 42.46 -2.71 -3.26
C GLN A 34 41.73 -4.02 -3.01
N SER A 35 41.30 -4.29 -1.79
CA SER A 35 40.68 -5.56 -1.46
C SER A 35 39.50 -5.87 -2.40
N ARG A 36 39.23 -7.18 -2.55
CA ARG A 36 38.15 -7.66 -3.40
C ARG A 36 36.96 -8.04 -2.52
N PRO A 37 35.84 -7.33 -2.59
CA PRO A 37 34.70 -7.69 -1.75
C PRO A 37 34.24 -9.12 -2.01
N GLY A 38 33.74 -9.74 -0.94
CA GLY A 38 33.22 -11.10 -0.98
C GLY A 38 34.27 -12.14 -0.70
N THR A 39 35.50 -11.91 -1.14
CA THR A 39 36.57 -12.88 -0.99
C THR A 39 37.13 -12.87 0.43
N ALA A 40 38.12 -13.70 0.66
CA ALA A 40 38.72 -13.81 1.98
C ALA A 40 39.61 -12.64 2.33
N ASP A 41 39.78 -11.67 1.41
CA ASP A 41 40.54 -10.46 1.74
C ASP A 41 39.97 -9.74 2.95
N LEU A 42 38.64 -9.79 3.13
CA LEU A 42 37.97 -9.13 4.23
C LEU A 42 37.74 -10.05 5.42
N GLY A 43 38.35 -11.24 5.42
CA GLY A 43 38.05 -12.21 6.45
C GLY A 43 38.51 -11.81 7.83
N ALA A 44 39.49 -10.92 7.92
CA ALA A 44 39.99 -10.42 9.19
C ALA A 44 39.21 -9.21 9.68
N VAL A 45 38.35 -8.61 8.86
CA VAL A 45 37.66 -7.40 9.26
C VAL A 45 36.60 -7.74 10.31
N ILE A 46 36.71 -7.12 11.48
CA ILE A 46 35.73 -7.34 12.53
C ILE A 46 34.39 -6.76 12.11
N ASP A 47 33.31 -7.49 12.38
CA ASP A 47 31.95 -7.06 12.05
C ASP A 47 31.12 -7.11 13.33
N PHE A 48 30.99 -5.95 13.99
CA PHE A 48 30.30 -5.91 15.28
C PHE A 48 28.83 -6.31 15.18
N SER A 49 28.22 -6.20 14.01
CA SER A 49 26.81 -6.57 13.88
C SER A 49 26.58 -8.08 13.90
N GLU A 50 27.66 -8.87 13.83
CA GLU A 50 27.61 -10.31 14.06
C GLU A 50 28.26 -10.71 15.37
N ALA A 51 28.43 -9.78 16.31
CA ALA A 51 29.17 -10.10 17.52
C ALA A 51 28.31 -10.82 18.55
N HIS A 52 26.99 -10.62 18.53
CA HIS A 52 26.08 -11.33 19.42
C HIS A 52 26.04 -12.84 19.14
N LEU A 53 26.45 -13.26 17.93
CA LEU A 53 26.62 -14.67 17.60
C LEU A 53 27.87 -15.28 18.24
N ALA A 54 28.72 -14.46 18.87
CA ALA A 54 29.86 -14.92 19.69
C ALA A 54 30.71 -15.98 18.98
N ARG A 55 30.77 -15.94 17.66
CA ARG A 55 31.75 -16.74 16.95
C ARG A 55 33.14 -16.42 17.48
N SER A 56 33.98 -17.45 17.61
CA SER A 56 35.31 -17.25 18.18
C SER A 56 36.15 -16.35 17.26
N PRO A 57 36.95 -15.45 17.83
CA PRO A 57 37.76 -14.55 16.99
C PRO A 57 38.81 -15.30 16.17
N LYS A 58 39.03 -14.81 14.96
CA LYS A 58 40.01 -15.40 14.06
C LYS A 58 41.42 -15.06 14.55
N PRO A 59 42.37 -15.98 14.39
CA PRO A 59 43.74 -15.70 14.85
C PRO A 59 44.29 -14.42 14.24
N GLY A 60 45.00 -13.66 15.07
CA GLY A 60 45.57 -12.39 14.67
C GLY A 60 44.72 -11.18 14.99
N VAL A 61 43.47 -11.39 15.37
CA VAL A 61 42.48 -10.33 15.53
C VAL A 61 42.19 -10.08 17.01
N PRO A 62 42.13 -8.84 17.47
CA PRO A 62 41.76 -8.59 18.86
C PRO A 62 40.40 -9.17 19.19
N GLN A 63 40.14 -9.31 20.48
CA GLN A 63 38.93 -9.94 20.98
C GLN A 63 37.85 -8.90 21.22
N VAL A 64 36.64 -9.19 20.75
CA VAL A 64 35.48 -8.32 20.95
C VAL A 64 34.90 -8.61 22.33
N VAL A 65 34.84 -7.60 23.19
CA VAL A 65 34.24 -7.74 24.51
C VAL A 65 33.01 -6.83 24.56
N ARG A 66 32.01 -7.25 25.34
CA ARG A 66 30.85 -6.39 25.51
C ARG A 66 31.20 -5.29 26.50
N PHE A 67 30.57 -4.12 26.34
CA PHE A 67 30.82 -2.96 27.17
C PHE A 67 29.48 -2.54 27.77
N PRO A 68 29.36 -2.53 29.11
CA PRO A 68 28.04 -2.29 29.72
C PRO A 68 27.72 -0.80 29.76
N LEU A 69 26.52 -0.45 29.33
CA LEU A 69 26.06 0.92 29.28
C LEU A 69 25.22 1.26 30.50
N ASN A 70 25.16 2.54 30.80
CA ASN A 70 24.34 3.03 31.91
C ASN A 70 22.91 3.13 31.39
N VAL A 71 22.18 2.00 31.49
CA VAL A 71 20.86 1.92 30.87
C VAL A 71 19.86 2.84 31.54
N SER A 72 20.12 3.26 32.78
CA SER A 72 19.22 4.16 33.49
C SER A 72 19.55 5.63 33.25
N SER A 73 20.65 5.92 32.56
CA SER A 73 21.10 7.31 32.44
C SER A 73 20.36 8.09 31.37
N VAL A 74 19.65 7.41 30.45
CA VAL A 74 18.84 8.06 29.42
C VAL A 74 17.46 7.43 29.41
N THR A 75 16.42 8.25 29.47
CA THR A 75 15.06 7.73 29.51
C THR A 75 14.63 7.25 28.14
N GLU A 76 13.61 6.38 28.13
CA GLU A 76 13.11 5.85 26.88
C GLU A 76 12.46 6.92 26.00
N ARG A 77 11.80 7.92 26.59
CA ARG A 77 11.20 8.93 25.73
C ARG A 77 12.26 9.89 25.18
N ASP A 78 13.32 10.14 25.96
CA ASP A 78 14.45 10.94 25.47
C ASP A 78 15.13 10.23 24.30
N ALA A 79 15.47 8.96 24.50
CA ALA A 79 16.04 8.15 23.42
C ALA A 79 15.15 8.15 22.20
N GLU A 80 13.84 8.16 22.41
CA GLU A 80 12.91 8.12 21.30
C GLU A 80 12.80 9.47 20.60
N ARG A 81 13.08 10.56 21.32
CA ARG A 81 13.03 11.87 20.70
C ARG A 81 13.97 11.95 19.49
N VAL A 82 15.14 11.32 19.59
CA VAL A 82 16.14 11.40 18.53
C VAL A 82 16.25 10.08 17.77
N GLY A 83 15.21 9.25 17.80
CA GLY A 83 15.17 8.05 16.99
C GLY A 83 16.04 6.90 17.47
N LEU A 84 16.40 6.90 18.74
CA LEU A 84 17.21 5.84 19.34
C LEU A 84 16.34 4.82 20.06
N GLU A 85 16.71 3.55 19.93
CA GLU A 85 16.17 2.53 20.80
C GLU A 85 16.48 2.90 22.23
N PRO A 86 15.70 2.43 23.19
CA PRO A 86 16.09 2.58 24.59
C PRO A 86 17.47 1.97 24.82
N VAL A 87 18.25 2.60 25.72
CA VAL A 87 19.61 2.15 25.94
C VAL A 87 19.65 0.68 26.33
N SER A 88 18.61 0.19 27.00
CA SER A 88 18.58 -1.21 27.44
C SER A 88 18.65 -2.17 26.25
N LYS A 89 18.19 -1.76 25.07
CA LYS A 89 18.25 -2.59 23.87
C LYS A 89 19.58 -2.48 23.11
N TRP A 90 20.46 -1.55 23.48
CA TRP A 90 21.71 -1.35 22.73
C TRP A 90 22.72 -2.45 23.05
N ARG A 91 23.49 -2.82 22.05
CA ARG A 91 24.69 -3.62 22.25
C ARG A 91 25.90 -2.76 21.96
N ALA A 92 26.77 -2.59 22.95
CA ALA A 92 28.01 -1.86 22.79
C ALA A 92 29.17 -2.81 23.00
N TYR A 93 30.23 -2.64 22.21
CA TYR A 93 31.39 -3.49 22.34
C TYR A 93 32.65 -2.66 22.50
N GLY A 94 33.69 -3.32 23.01
CA GLY A 94 35.01 -2.77 23.09
C GLY A 94 35.96 -3.75 22.41
N LEU A 95 37.21 -3.31 22.26
CA LEU A 95 38.25 -4.14 21.68
C LEU A 95 39.37 -4.27 22.71
N GLU A 96 39.70 -5.50 23.08
CA GLU A 96 40.90 -5.71 23.89
C GLU A 96 42.11 -5.14 23.18
N GLY A 97 42.86 -4.31 23.89
CA GLY A 97 44.01 -3.61 23.33
C GLY A 97 43.73 -2.16 23.00
N TYR A 98 42.46 -1.76 23.02
CA TYR A 98 42.04 -0.40 22.67
C TYR A 98 41.09 0.14 23.74
N PRO A 99 41.59 0.42 24.94
CA PRO A 99 40.71 0.93 25.99
C PRO A 99 40.08 2.27 25.62
N GLY A 100 38.83 2.44 26.01
CA GLY A 100 38.05 3.61 25.69
C GLY A 100 37.27 3.54 24.39
N PHE A 101 37.61 2.62 23.49
CA PHE A 101 36.92 2.53 22.20
C PHE A 101 35.60 1.79 22.37
N ILE A 102 34.51 2.37 21.87
CA ILE A 102 33.17 1.84 22.02
C ILE A 102 32.49 1.83 20.67
N PHE A 103 31.81 0.73 20.34
CA PHE A 103 31.17 0.55 19.05
C PHE A 103 29.76 0.06 19.27
N ILE A 104 28.79 0.76 18.72
CA ILE A 104 27.38 0.49 18.95
C ILE A 104 26.72 0.24 17.61
N PRO A 105 26.50 -1.02 17.23
CA PRO A 105 25.77 -1.31 15.99
C PRO A 105 24.42 -0.61 15.99
N ASN A 106 24.04 -0.10 14.81
CA ASN A 106 22.80 0.59 14.53
C ASN A 106 21.78 0.46 15.64
N PRO A 107 21.72 1.41 16.60
CA PRO A 107 20.66 1.37 17.61
C PRO A 107 19.54 2.34 17.30
N PHE A 108 19.24 2.56 16.02
CA PHE A 108 18.21 3.52 15.66
C PHE A 108 16.88 2.81 15.53
N LEU A 109 15.82 3.47 15.99
CA LEU A 109 14.48 2.97 15.77
C LEU A 109 14.22 2.83 14.26
N PRO A 110 13.35 1.91 13.85
CA PRO A 110 13.10 1.73 12.42
C PRO A 110 12.81 3.04 11.73
N GLY A 111 13.34 3.17 10.51
CA GLY A 111 13.17 4.38 9.72
C GLY A 111 13.93 5.60 10.18
N CYS A 112 14.37 5.67 11.45
CA CYS A 112 14.86 6.93 12.01
C CYS A 112 16.21 7.37 11.46
N GLN A 113 16.94 6.47 10.78
CA GLN A 113 18.15 6.91 10.08
C GLN A 113 17.81 7.87 8.95
N ARG A 114 16.63 7.72 8.35
CA ARG A 114 16.24 8.60 7.25
C ARG A 114 16.24 10.06 7.65
N HIS A 115 15.79 10.37 8.87
CA HIS A 115 15.78 11.76 9.30
C HIS A 115 17.20 12.32 9.36
N TRP A 116 18.10 11.61 10.03
CA TRP A 116 19.47 12.07 10.16
C TRP A 116 20.17 12.18 8.81
N VAL A 117 19.99 11.17 7.93
CA VAL A 117 20.51 11.30 6.57
C VAL A 117 19.96 12.55 5.90
N LYS A 118 18.63 12.69 5.88
CA LYS A 118 18.04 13.87 5.27
C LYS A 118 18.67 15.13 5.83
N GLN A 119 18.90 15.18 7.14
CA GLN A 119 19.48 16.38 7.73
C GLN A 119 20.87 16.66 7.18
N CYS A 120 21.69 15.62 7.03
CA CYS A 120 23.06 15.81 6.56
C CYS A 120 23.08 16.29 5.11
N LEU A 121 22.18 15.76 4.28
CA LEU A 121 22.17 16.11 2.87
C LEU A 121 21.49 17.45 2.61
N LYS A 122 20.33 17.69 3.22
CA LYS A 122 19.48 18.83 2.88
C LYS A 122 19.62 20.01 3.82
N LEU A 123 19.77 19.80 5.13
CA LEU A 123 19.76 20.92 6.08
C LEU A 123 21.17 21.39 6.46
N TYR A 124 21.98 20.49 7.03
CA TYR A 124 23.28 20.86 7.53
C TYR A 124 24.19 21.40 6.42
N SER A 125 23.96 20.97 5.18
CA SER A 125 24.76 21.45 4.06
C SER A 125 24.41 22.88 3.66
N GLN A 126 23.45 23.52 4.31
CA GLN A 126 23.06 24.86 3.92
C GLN A 126 23.79 25.91 4.72
N LYS A 127 24.00 27.07 4.10
CA LYS A 127 24.32 28.27 4.86
C LYS A 127 23.32 28.41 6.00
N PRO A 128 23.76 28.85 7.19
CA PRO A 128 25.07 29.44 7.42
C PRO A 128 26.16 28.47 7.89
N ASN A 129 26.06 27.16 7.66
CA ASN A 129 27.21 26.32 7.96
C ASN A 129 28.23 26.46 6.83
N VAL A 130 29.39 25.86 7.01
CA VAL A 130 30.48 25.93 6.03
C VAL A 130 30.67 24.56 5.39
N CYS A 131 31.04 24.57 4.11
CA CYS A 131 31.26 23.33 3.40
C CYS A 131 32.29 23.58 2.30
N ASN A 132 32.76 22.47 1.70
CA ASN A 132 33.89 22.51 0.79
C ASN A 132 33.61 23.34 -0.45
N LEU A 133 32.34 23.50 -0.82
CA LEU A 133 31.95 24.27 -1.99
C LEU A 133 32.02 25.77 -1.79
N ASP A 134 32.25 26.25 -0.59
CA ASP A 134 32.12 27.69 -0.36
C ASP A 134 33.31 28.47 -0.91
N LYS A 135 34.50 27.85 -0.97
CA LYS A 135 35.70 28.59 -1.33
C LYS A 135 35.64 29.15 -2.74
N HIS A 136 34.96 28.46 -3.67
CA HIS A 136 34.93 28.87 -5.07
C HIS A 136 33.52 29.02 -5.63
N MET A 137 32.50 28.81 -4.84
CA MET A 137 31.14 28.95 -5.34
C MET A 137 30.39 29.90 -4.42
N THR A 138 29.60 30.78 -5.02
CA THR A 138 28.89 31.78 -4.23
C THR A 138 27.70 31.13 -3.53
N LYS A 139 27.11 31.87 -2.60
CA LYS A 139 25.89 31.40 -1.93
C LYS A 139 24.81 31.11 -2.96
N GLU A 140 24.67 31.99 -3.96
CA GLU A 140 23.60 31.84 -4.96
C GLU A 140 23.85 30.63 -5.84
N GLU A 141 25.12 30.29 -6.09
CA GLU A 141 25.43 29.10 -6.86
C GLU A 141 25.10 27.83 -6.08
N THR A 142 25.36 27.82 -4.78
CA THR A 142 25.18 26.61 -3.98
C THR A 142 23.81 26.52 -3.32
N GLN A 143 23.02 27.60 -3.29
CA GLN A 143 21.74 27.56 -2.62
C GLN A 143 20.79 26.55 -3.25
N GLY A 144 20.84 26.41 -4.58
CA GLY A 144 19.99 25.50 -5.30
C GLY A 144 20.37 24.05 -5.18
N LEU A 145 21.32 23.71 -4.30
CA LEU A 145 21.82 22.34 -4.17
C LEU A 145 20.69 21.31 -4.15
N TRP A 146 19.72 21.49 -3.26
CA TRP A 146 18.72 20.44 -3.09
C TRP A 146 17.74 20.42 -4.26
N GLU A 147 17.31 21.60 -4.74
CA GLU A 147 16.40 21.65 -5.87
C GLU A 147 17.03 21.04 -7.11
N GLN A 148 18.33 21.30 -7.30
CA GLN A 148 19.03 20.69 -8.42
C GLN A 148 18.87 19.18 -8.41
N SER A 149 19.06 18.55 -7.25
CA SER A 149 18.99 17.08 -7.18
C SER A 149 17.58 16.54 -7.31
N LYS A 150 16.56 17.28 -6.81
CA LYS A 150 15.18 16.85 -7.02
C LYS A 150 14.78 16.93 -8.49
N GLU A 151 15.36 17.87 -9.25
CA GLU A 151 14.99 18.01 -10.65
C GLU A 151 15.56 16.88 -11.49
N VAL A 152 16.80 16.46 -11.23
CA VAL A 152 17.38 15.36 -11.99
C VAL A 152 16.52 14.12 -11.84
N LEU A 153 16.00 13.88 -10.62
CA LEU A 153 15.20 12.69 -10.38
C LEU A 153 13.88 12.72 -11.15
N ARG A 154 13.33 13.91 -11.40
CA ARG A 154 11.99 14.04 -11.96
C ARG A 154 12.01 14.39 -13.44
N SER A 155 13.01 13.92 -14.20
CA SER A 155 13.13 14.30 -15.59
C SER A 155 13.17 13.06 -16.47
N LYS A 156 12.51 13.15 -17.63
CA LYS A 156 12.51 12.07 -18.61
C LYS A 156 13.72 12.15 -19.52
N GLU A 157 14.16 13.37 -19.84
CA GLU A 157 15.38 13.58 -20.60
C GLU A 157 16.62 13.01 -19.90
N VAL A 158 16.51 12.69 -18.61
CA VAL A 158 17.59 12.28 -17.70
C VAL A 158 18.70 11.46 -18.37
N THR A 159 19.96 11.76 -17.97
CA THR A 159 21.19 11.07 -18.35
C THR A 159 21.74 11.51 -19.71
N LYS A 160 22.74 12.39 -19.69
CA LYS A 160 23.49 12.80 -20.88
C LYS A 160 24.95 13.02 -20.52
N ARG A 161 25.54 12.02 -19.85
CA ARG A 161 26.91 12.10 -19.32
C ARG A 161 27.07 13.36 -18.46
N ARG A 162 26.22 13.45 -17.43
CA ARG A 162 26.06 14.70 -16.70
C ARG A 162 27.27 15.00 -15.82
N PRO A 163 27.62 16.28 -15.66
CA PRO A 163 28.62 16.63 -14.64
C PRO A 163 28.07 16.36 -13.24
N ARG A 164 29.01 16.25 -12.29
CA ARG A 164 28.61 15.92 -10.93
C ARG A 164 27.73 17.04 -10.35
N SER A 165 26.62 16.63 -9.73
CA SER A 165 25.69 17.59 -9.14
C SER A 165 26.33 18.29 -7.94
N LEU A 166 25.68 19.33 -7.44
CA LEU A 166 26.19 19.98 -6.23
C LEU A 166 26.23 18.98 -5.08
N LEU A 167 25.13 18.25 -4.87
CA LEU A 167 25.12 17.20 -3.86
C LEU A 167 26.28 16.25 -4.04
N GLU A 168 26.62 15.93 -5.28
CA GLU A 168 27.66 14.94 -5.52
C GLU A 168 29.06 15.51 -5.35
N ARG A 169 29.21 16.83 -5.34
CA ARG A 169 30.50 17.48 -5.12
C ARG A 169 30.74 17.84 -3.66
N LEU A 170 29.77 17.59 -2.80
CA LEU A 170 29.90 17.84 -1.37
C LEU A 170 30.87 16.84 -0.75
N ARG A 171 31.90 17.34 -0.07
CA ARG A 171 32.89 16.49 0.59
C ARG A 171 32.97 16.67 2.10
N TRP A 172 32.80 17.89 2.62
CA TRP A 172 32.75 18.09 4.07
C TRP A 172 31.81 19.23 4.40
N VAL A 173 31.25 19.15 5.59
CA VAL A 173 30.51 20.24 6.22
C VAL A 173 31.02 20.38 7.63
N THR A 174 31.18 21.62 8.10
CA THR A 174 31.49 21.86 9.50
C THR A 174 30.34 22.60 10.18
N LEU A 175 30.18 22.32 11.48
CA LEU A 175 29.14 22.88 12.32
C LEU A 175 29.75 23.38 13.62
N GLY A 176 29.04 24.28 14.31
CA GLY A 176 29.55 24.80 15.58
C GLY A 176 30.80 25.64 15.37
N TYR A 177 31.87 25.32 16.08
CA TYR A 177 33.16 25.92 15.80
C TYR A 177 33.72 25.30 14.52
N HIS A 178 33.86 26.11 13.48
CA HIS A 178 34.25 25.57 12.18
C HIS A 178 35.72 25.26 12.16
N TYR A 179 36.04 23.99 11.94
CA TYR A 179 37.44 23.58 11.87
C TYR A 179 38.10 24.27 10.70
N ASN A 180 39.30 24.78 10.94
CA ASN A 180 40.06 25.47 9.91
C ASN A 180 41.06 24.49 9.32
N TRP A 181 40.88 24.13 8.05
CA TRP A 181 41.68 23.07 7.48
C TRP A 181 43.12 23.50 7.25
N ASP A 182 43.34 24.79 7.02
CA ASP A 182 44.71 25.25 6.79
C ASP A 182 45.51 25.29 8.08
N SER A 183 45.07 26.09 9.06
CA SER A 183 45.77 26.16 10.34
C SER A 183 45.66 24.87 11.16
N LYS A 184 44.65 24.05 10.89
CA LYS A 184 44.32 22.90 11.74
C LYS A 184 44.01 23.34 13.17
N LYS A 185 43.23 24.42 13.30
CA LYS A 185 42.80 24.88 14.61
C LYS A 185 41.34 25.29 14.57
N TYR A 186 40.73 25.32 15.76
CA TYR A 186 39.43 25.96 15.97
C TYR A 186 39.66 27.38 16.46
N SER A 187 38.59 28.16 16.47
CA SER A 187 38.72 29.58 16.81
C SER A 187 37.37 30.09 17.23
N ALA A 188 37.36 30.95 18.25
CA ALA A 188 36.11 31.56 18.69
C ALA A 188 35.53 32.49 17.63
N ASP A 189 36.36 33.02 16.74
CA ASP A 189 35.92 33.98 15.75
C ASP A 189 35.10 33.35 14.63
N HIS A 190 35.00 32.03 14.58
CA HIS A 190 34.33 31.37 13.46
C HIS A 190 33.42 30.28 14.02
N TYR A 191 32.13 30.58 14.05
CA TYR A 191 31.16 29.80 14.79
C TYR A 191 29.79 30.01 14.18
N THR A 192 29.04 28.92 14.05
CA THR A 192 27.63 28.92 13.70
C THR A 192 26.94 28.03 14.72
N PRO A 193 25.84 28.46 15.32
CA PRO A 193 25.26 27.66 16.41
C PRO A 193 25.01 26.22 15.97
N PHE A 194 25.43 25.29 16.82
CA PHE A 194 25.37 23.87 16.51
C PHE A 194 23.91 23.41 16.44
N PRO A 195 23.51 22.69 15.40
CA PRO A 195 22.10 22.30 15.29
C PRO A 195 21.66 21.53 16.51
N SER A 196 20.48 21.87 17.02
CA SER A 196 20.07 21.37 18.33
C SER A 196 19.55 19.94 18.28
N ASP A 197 19.05 19.44 17.15
CA ASP A 197 18.67 18.03 17.15
C ASP A 197 19.89 17.15 17.22
N LEU A 198 20.91 17.45 16.40
CA LEU A 198 22.15 16.68 16.44
C LEU A 198 22.80 16.76 17.81
N ALA A 199 22.75 17.94 18.44
CA ALA A 199 23.35 18.09 19.76
C ALA A 199 22.64 17.20 20.78
N PHE A 200 21.31 17.15 20.74
CA PHE A 200 20.56 16.31 21.67
C PHE A 200 20.84 14.83 21.42
N LEU A 201 20.98 14.46 20.14
CA LEU A 201 21.37 13.09 19.80
C LEU A 201 22.75 12.77 20.36
N SER A 202 23.72 13.66 20.15
CA SER A 202 25.07 13.43 20.67
C SER A 202 25.08 13.33 22.19
N GLU A 203 24.25 14.13 22.85
CA GLU A 203 24.20 14.09 24.30
C GLU A 203 23.65 12.75 24.82
N GLN A 204 22.60 12.21 24.18
CA GLN A 204 22.09 10.89 24.63
C GLN A 204 23.16 9.82 24.49
N VAL A 205 23.76 9.70 23.29
CA VAL A 205 24.83 8.73 23.07
C VAL A 205 25.93 8.89 24.10
N ALA A 206 26.33 10.14 24.35
CA ALA A 206 27.44 10.39 25.27
C ALA A 206 27.06 9.98 26.69
N THR A 207 25.88 10.40 27.15
CA THR A 207 25.39 9.99 28.47
C THR A 207 25.33 8.47 28.58
N ALA A 208 24.68 7.82 27.61
CA ALA A 208 24.51 6.37 27.66
C ALA A 208 25.84 5.64 27.77
N CYS A 209 26.93 6.26 27.34
CA CYS A 209 28.27 5.70 27.43
C CYS A 209 29.01 6.14 28.69
N GLY A 210 28.32 6.82 29.61
CA GLY A 210 28.93 7.29 30.83
C GLY A 210 29.68 8.59 30.74
N PHE A 211 29.24 9.52 29.89
CA PHE A 211 29.88 10.82 29.70
C PHE A 211 28.82 11.93 29.78
N GLN A 212 28.18 12.07 30.93
CA GLN A 212 27.19 13.13 31.04
C GLN A 212 27.86 14.49 31.00
N GLY A 213 27.12 15.49 30.52
CA GLY A 213 27.68 16.83 30.36
C GLY A 213 28.45 17.06 29.08
N PHE A 214 28.25 16.23 28.07
CA PHE A 214 28.92 16.41 26.80
C PHE A 214 28.44 17.67 26.12
N GLN A 215 29.38 18.49 25.66
CA GLN A 215 29.09 19.71 24.92
C GLN A 215 29.36 19.49 23.43
N ALA A 216 28.28 19.41 22.64
CA ALA A 216 28.40 19.24 21.19
C ALA A 216 28.81 20.59 20.60
N GLU A 217 30.13 20.78 20.44
CA GLU A 217 30.66 22.09 20.10
C GLU A 217 31.22 22.21 18.69
N ALA A 218 31.71 21.13 18.09
CA ALA A 218 32.21 21.15 16.72
C ALA A 218 31.74 19.91 16.00
N GLY A 219 31.14 20.09 14.83
CA GLY A 219 30.79 19.00 13.96
C GLY A 219 31.60 19.02 12.68
N ILE A 220 32.02 17.84 12.24
CA ILE A 220 32.67 17.66 10.95
C ILE A 220 31.95 16.51 10.25
N LEU A 221 31.25 16.80 9.17
CA LEU A 221 30.52 15.81 8.40
C LEU A 221 31.30 15.49 7.13
N ASN A 222 31.55 14.20 6.88
CA ASN A 222 32.26 13.78 5.67
C ASN A 222 31.31 13.02 4.75
N TYR A 223 31.42 13.30 3.46
CA TYR A 223 30.58 12.72 2.43
C TYR A 223 31.48 11.90 1.52
N TYR A 224 31.28 10.58 1.52
CA TYR A 224 32.11 9.64 0.79
C TYR A 224 31.40 9.19 -0.48
N ARG A 225 32.11 9.20 -1.60
CA ARG A 225 31.73 8.39 -2.74
C ARG A 225 32.39 7.02 -2.60
N LEU A 226 32.12 6.14 -3.55
CA LEU A 226 32.67 4.79 -3.46
C LEU A 226 34.20 4.78 -3.55
N ASP A 227 34.80 5.72 -4.27
CA ASP A 227 36.25 5.76 -4.36
C ASP A 227 36.88 6.71 -3.36
N SER A 228 36.12 7.25 -2.42
CA SER A 228 36.65 8.19 -1.44
C SER A 228 37.49 7.46 -0.40
N THR A 229 38.46 8.18 0.19
CA THR A 229 39.29 7.66 1.27
C THR A 229 39.50 8.76 2.31
N LEU A 230 39.93 8.35 3.50
CA LEU A 230 40.38 9.28 4.52
C LEU A 230 41.65 8.72 5.11
N GLY A 231 42.75 9.50 5.00
CA GLY A 231 44.07 9.03 5.39
C GLY A 231 44.29 8.93 6.89
N ILE A 232 45.48 8.40 7.24
CA ILE A 232 45.87 8.20 8.63
C ILE A 232 46.00 9.55 9.31
N HIS A 233 45.39 9.67 10.49
CA HIS A 233 45.40 10.93 11.26
C HIS A 233 44.98 10.61 12.68
N VAL A 234 45.27 11.53 13.59
CA VAL A 234 44.66 11.54 14.91
C VAL A 234 43.92 12.87 15.05
N ASP A 235 42.79 12.83 15.74
CA ASP A 235 41.98 14.01 15.97
C ASP A 235 42.46 14.68 17.25
N ARG A 236 43.43 15.58 17.12
CA ARG A 236 44.00 16.21 18.30
C ARG A 236 43.84 17.73 18.30
N SER A 237 43.00 18.28 17.42
CA SER A 237 42.85 19.72 17.31
C SER A 237 41.92 20.31 18.37
N GLU A 238 41.06 19.50 18.99
CA GLU A 238 40.25 19.99 20.09
C GLU A 238 41.14 20.32 21.29
N LEU A 239 40.69 21.27 22.10
CA LEU A 239 41.50 21.67 23.25
C LEU A 239 41.43 20.68 24.40
N ASP A 240 40.33 19.92 24.54
CA ASP A 240 40.16 19.01 25.66
C ASP A 240 40.18 17.56 25.18
N HIS A 241 41.29 16.87 25.42
CA HIS A 241 41.42 15.49 24.96
C HIS A 241 40.82 14.48 25.92
N SER A 242 40.30 14.91 27.05
CA SER A 242 39.60 13.98 27.92
C SER A 242 38.16 13.77 27.49
N LYS A 243 37.75 14.32 26.37
CA LYS A 243 36.34 14.19 26.10
C LYS A 243 36.12 13.34 24.86
N PRO A 244 35.09 12.50 24.87
CA PRO A 244 34.94 11.49 23.79
C PRO A 244 34.57 12.13 22.45
N LEU A 245 35.03 11.50 21.37
CA LEU A 245 34.65 11.90 20.03
C LEU A 245 33.57 10.95 19.52
N LEU A 246 32.50 11.51 18.95
CA LEU A 246 31.33 10.76 18.52
C LEU A 246 31.30 10.66 17.00
N SER A 247 31.06 9.46 16.47
CA SER A 247 31.11 9.24 15.05
C SER A 247 29.93 8.39 14.59
N PHE A 248 29.12 8.96 13.70
CA PHE A 248 27.93 8.30 13.16
C PHE A 248 28.15 7.96 11.69
N SER A 249 27.55 6.87 11.27
CA SER A 249 27.70 6.39 9.91
C SER A 249 26.34 6.07 9.32
N PHE A 250 26.13 6.48 8.07
CA PHE A 250 24.91 6.17 7.34
C PHE A 250 25.26 5.79 5.92
N GLY A 251 24.56 4.80 5.38
CA GLY A 251 24.69 4.49 3.97
C GLY A 251 25.52 3.24 3.70
N GLN A 252 26.39 3.33 2.70
CA GLN A 252 27.23 2.19 2.38
C GLN A 252 28.27 1.97 3.47
N SER A 253 28.74 0.74 3.57
CA SER A 253 29.62 0.34 4.65
C SER A 253 31.05 0.73 4.35
N ALA A 254 31.80 0.97 5.41
CA ALA A 254 33.18 1.43 5.31
C ALA A 254 34.07 0.44 6.03
N ILE A 255 35.32 0.32 5.57
CA ILE A 255 36.36 -0.36 6.33
C ILE A 255 37.10 0.69 7.13
N PHE A 256 37.11 0.54 8.44
CA PHE A 256 37.71 1.49 9.35
C PHE A 256 38.95 0.84 9.94
N LEU A 257 40.05 1.57 9.96
CA LEU A 257 41.31 1.11 10.52
C LEU A 257 41.61 1.88 11.81
N LEU A 258 41.66 1.17 12.94
CA LEU A 258 42.03 1.77 14.22
C LEU A 258 43.44 1.32 14.60
N GLY A 259 44.36 2.27 14.70
CA GLY A 259 45.74 1.97 15.00
C GLY A 259 46.19 2.39 16.38
N GLY A 260 47.44 2.79 16.53
CA GLY A 260 48.01 3.11 17.81
C GLY A 260 48.35 4.58 17.96
N LEU A 261 49.07 4.88 19.05
CA LEU A 261 49.51 6.24 19.31
C LEU A 261 50.50 6.72 18.25
N LYS A 262 51.42 5.85 17.83
CA LYS A 262 52.35 6.20 16.76
C LYS A 262 51.83 5.68 15.41
N ARG A 263 52.20 6.39 14.35
CA ARG A 263 51.64 6.18 13.02
C ARG A 263 52.02 4.85 12.38
N ASP A 264 52.85 4.03 13.00
CA ASP A 264 53.36 2.83 12.34
C ASP A 264 52.86 1.53 12.94
N GLU A 265 52.30 1.56 14.16
CA GLU A 265 51.68 0.38 14.75
C GLU A 265 50.62 -0.17 13.79
N ALA A 266 50.57 -1.50 13.70
CA ALA A 266 49.62 -2.15 12.80
C ALA A 266 48.20 -1.96 13.32
N PRO A 267 47.26 -1.59 12.48
CA PRO A 267 45.89 -1.30 12.93
C PRO A 267 44.97 -2.52 12.82
N THR A 268 43.78 -2.37 13.41
CA THR A 268 42.74 -3.40 13.39
C THR A 268 41.58 -2.94 12.53
N ALA A 269 41.21 -3.74 11.53
CA ALA A 269 40.13 -3.38 10.64
C ALA A 269 38.78 -3.74 11.23
N MET A 270 37.77 -2.91 10.98
CA MET A 270 36.42 -3.23 11.39
C MET A 270 35.49 -2.61 10.37
N PHE A 271 34.27 -3.12 10.30
CA PHE A 271 33.25 -2.54 9.45
C PHE A 271 32.53 -1.41 10.17
N MET A 272 32.08 -0.44 9.39
CA MET A 272 31.15 0.56 9.91
C MET A 272 29.96 0.57 8.96
N HIS A 273 28.83 0.04 9.43
CA HIS A 273 27.62 -0.14 8.65
C HIS A 273 26.65 0.98 8.96
N SER A 274 25.60 1.07 8.15
CA SER A 274 24.63 2.14 8.29
C SER A 274 23.96 2.14 9.67
N GLY A 275 24.02 3.29 10.35
CA GLY A 275 23.51 3.40 11.70
C GLY A 275 24.51 3.12 12.79
N ASP A 276 25.70 2.61 12.47
CA ASP A 276 26.69 2.32 13.50
C ASP A 276 27.27 3.60 14.10
N ILE A 277 27.58 3.55 15.39
CA ILE A 277 28.11 4.68 16.15
C ILE A 277 29.42 4.24 16.77
N MET A 278 30.42 5.11 16.72
CA MET A 278 31.68 4.89 17.41
C MET A 278 31.87 6.01 18.42
N VAL A 279 32.47 5.66 19.55
CA VAL A 279 32.77 6.60 20.61
C VAL A 279 34.22 6.37 20.98
N MET A 280 35.09 7.29 20.59
CA MET A 280 36.51 7.17 20.85
C MET A 280 36.77 7.93 22.14
N SER A 281 36.64 7.24 23.27
CA SER A 281 36.90 7.87 24.56
C SER A 281 38.22 7.38 25.12
N GLY A 282 38.67 8.07 26.17
CA GLY A 282 39.80 7.60 26.95
C GLY A 282 41.09 7.52 26.16
N PHE A 283 41.80 6.40 26.34
CA PHE A 283 43.03 6.14 25.60
C PHE A 283 42.80 6.09 24.09
N SER A 284 41.61 5.66 23.64
CA SER A 284 41.38 5.57 22.21
C SER A 284 41.26 6.95 21.55
N ARG A 285 40.99 7.99 22.34
CA ARG A 285 40.68 9.31 21.81
C ARG A 285 41.74 9.81 20.84
N LEU A 286 43.00 9.51 21.12
CA LEU A 286 44.14 10.05 20.39
C LEU A 286 44.85 9.00 19.53
N LEU A 287 44.13 7.97 19.10
CA LEU A 287 44.70 6.91 18.28
C LEU A 287 44.66 7.30 16.81
N ASN A 288 45.67 6.86 16.05
CA ASN A 288 45.62 6.98 14.60
C ASN A 288 44.50 6.10 14.05
N HIS A 289 43.85 6.61 13.00
CA HIS A 289 42.80 5.84 12.33
C HIS A 289 42.67 6.35 10.90
N ALA A 290 41.91 5.61 10.09
CA ALA A 290 41.68 5.97 8.71
C ALA A 290 40.53 5.11 8.19
N VAL A 291 39.98 5.51 7.05
CA VAL A 291 39.06 4.67 6.29
C VAL A 291 39.62 4.52 4.88
N PRO A 292 40.24 3.37 4.58
CA PRO A 292 40.76 3.12 3.24
C PRO A 292 39.72 2.71 2.21
N ARG A 293 38.49 2.37 2.61
CA ARG A 293 37.55 1.84 1.64
C ARG A 293 36.11 2.07 2.07
N VAL A 294 35.29 2.55 1.13
CA VAL A 294 33.83 2.45 1.23
C VAL A 294 33.40 1.36 0.25
N LEU A 295 32.81 0.30 0.77
CA LEU A 295 32.43 -0.85 -0.05
C LEU A 295 31.08 -0.61 -0.70
N PRO A 296 30.92 -0.96 -1.97
CA PRO A 296 29.58 -0.94 -2.56
C PRO A 296 28.69 -2.01 -1.95
N HIS A 297 27.39 -1.80 -2.08
CA HIS A 297 26.44 -2.82 -1.70
C HIS A 297 26.73 -4.09 -2.52
N PRO A 298 26.58 -5.27 -1.93
CA PRO A 298 26.89 -6.50 -2.68
C PRO A 298 26.09 -6.71 -3.97
N ASP A 299 24.83 -6.26 -4.05
CA ASP A 299 24.04 -6.37 -5.28
C ASP A 299 24.27 -5.23 -6.26
N GLY A 300 25.30 -4.41 -6.06
CA GLY A 300 25.48 -3.18 -6.83
C GLY A 300 24.88 -1.96 -6.14
N GLU A 301 24.16 -1.14 -6.90
CA GLU A 301 23.69 0.16 -6.41
C GLU A 301 22.38 -0.03 -5.64
N CYS A 302 22.52 -0.42 -4.37
CA CYS A 302 21.36 -0.70 -3.52
C CYS A 302 21.60 -0.18 -2.11
N LEU A 303 20.51 0.13 -1.43
CA LEU A 303 20.59 0.54 -0.04
C LEU A 303 20.81 -0.68 0.86
N PRO A 304 21.43 -0.50 2.02
CA PRO A 304 21.35 -1.54 3.05
C PRO A 304 19.91 -1.67 3.53
N HIS A 305 19.61 -2.82 4.14
CA HIS A 305 18.20 -3.13 4.40
C HIS A 305 17.58 -2.16 5.41
N CYS A 306 18.35 -1.73 6.41
CA CYS A 306 17.81 -0.85 7.44
C CYS A 306 17.30 0.48 6.90
N LEU A 307 17.79 0.92 5.75
CA LEU A 307 17.31 2.15 5.13
C LEU A 307 16.06 1.95 4.28
N GLU A 308 15.52 0.73 4.20
CA GLU A 308 14.27 0.50 3.47
C GLU A 308 13.06 0.57 4.37
N THR A 309 13.27 0.52 5.69
CA THR A 309 12.17 0.72 6.62
C THR A 309 11.79 2.20 6.65
N PRO A 310 10.52 2.53 6.53
CA PRO A 310 10.09 3.94 6.55
C PRO A 310 9.95 4.47 7.97
N LEU A 311 9.84 5.79 8.05
CA LEU A 311 9.54 6.43 9.32
C LEU A 311 8.12 6.06 9.76
N PRO A 312 7.88 6.04 11.07
CA PRO A 312 6.51 5.74 11.56
C PRO A 312 5.50 6.74 10.99
N ALA A 313 4.27 6.27 10.83
CA ALA A 313 3.19 7.12 10.32
C ALA A 313 2.99 8.33 11.21
N VAL A 314 2.83 8.09 12.52
CA VAL A 314 2.63 9.13 13.52
C VAL A 314 3.82 9.12 14.46
N LEU A 315 4.51 10.26 14.55
CA LEU A 315 5.68 10.45 15.40
C LEU A 315 5.24 10.90 16.79
N PRO A 316 6.02 10.54 17.79
CA PRO A 316 5.71 10.94 19.17
C PRO A 316 5.57 12.45 19.29
N SER A 317 5.12 12.86 20.47
CA SER A 317 5.03 14.28 20.74
C SER A 317 6.42 14.85 20.99
N ASN A 318 6.66 16.05 20.44
CA ASN A 318 7.91 16.76 20.66
C ASN A 318 9.10 15.97 20.15
N SER A 319 8.93 15.32 19.02
CA SER A 319 10.01 14.51 18.46
C SER A 319 11.03 15.41 17.78
N LEU A 320 12.31 15.06 17.95
CA LEU A 320 13.34 15.75 17.19
C LEU A 320 13.49 15.13 15.80
N VAL A 321 13.30 13.82 15.71
CA VAL A 321 13.07 13.19 14.42
C VAL A 321 11.83 13.78 13.77
N GLU A 322 11.97 14.26 12.54
CA GLU A 322 10.91 14.90 11.79
C GLU A 322 10.43 14.02 10.66
N PRO A 323 9.22 14.25 10.14
CA PRO A 323 8.77 13.47 8.98
C PRO A 323 9.61 13.79 7.75
N CYS A 324 9.78 12.77 6.91
CA CYS A 324 10.58 12.86 5.70
C CYS A 324 9.68 12.63 4.50
N SER A 325 9.59 13.62 3.61
CA SER A 325 8.66 13.52 2.50
C SER A 325 9.05 12.40 1.55
N VAL A 326 8.11 12.03 0.69
CA VAL A 326 8.40 11.05 -0.36
C VAL A 326 9.43 11.62 -1.33
N GLU A 327 9.27 12.88 -1.70
CA GLU A 327 10.18 13.49 -2.67
C GLU A 327 11.58 13.68 -2.08
N ASP A 328 11.66 14.03 -0.78
CA ASP A 328 12.95 14.18 -0.13
C ASP A 328 13.68 12.85 -0.01
N TRP A 329 12.97 11.80 0.41
CA TRP A 329 13.69 10.55 0.61
C TRP A 329 14.14 9.93 -0.70
N GLN A 330 13.45 10.26 -1.80
CA GLN A 330 13.92 9.82 -3.11
C GLN A 330 15.34 10.29 -3.36
N VAL A 331 15.59 11.58 -3.13
CA VAL A 331 16.91 12.15 -3.34
C VAL A 331 17.94 11.43 -2.46
N CYS A 332 17.66 11.32 -1.15
CA CYS A 332 18.59 10.65 -0.24
C CYS A 332 18.87 9.21 -0.69
N ALA A 333 17.83 8.50 -1.11
CA ALA A 333 17.98 7.08 -1.40
C ALA A 333 18.83 6.86 -2.64
N THR A 334 18.61 7.65 -3.69
CA THR A 334 19.43 7.46 -4.89
C THR A 334 20.85 7.96 -4.64
N TYR A 335 21.02 8.91 -3.72
CA TYR A 335 22.37 9.33 -3.36
C TYR A 335 23.10 8.24 -2.58
N LEU A 336 22.44 7.69 -1.56
CA LEU A 336 23.10 6.78 -0.64
C LEU A 336 23.41 5.42 -1.24
N ARG A 337 22.92 5.13 -2.46
CA ARG A 337 23.25 3.89 -3.14
C ARG A 337 24.73 3.80 -3.54
N THR A 338 25.41 4.94 -3.66
CA THR A 338 26.82 4.99 -4.01
C THR A 338 27.54 5.98 -3.10
N ALA A 339 27.13 6.09 -1.84
CA ALA A 339 27.77 7.05 -0.94
C ALA A 339 27.61 6.63 0.51
N ARG A 340 28.46 7.22 1.34
CA ARG A 340 28.38 7.05 2.78
C ARG A 340 28.50 8.43 3.42
N VAL A 341 27.75 8.65 4.49
CA VAL A 341 27.75 9.91 5.23
C VAL A 341 28.23 9.65 6.64
N ASN A 342 29.19 10.44 7.08
CA ASN A 342 29.76 10.28 8.41
C ASN A 342 29.61 11.58 9.19
N MET A 343 29.00 11.52 10.36
CA MET A 343 28.90 12.68 11.25
C MET A 343 29.83 12.46 12.43
N THR A 344 30.70 13.41 12.68
CA THR A 344 31.50 13.39 13.90
C THR A 344 31.17 14.61 14.73
N VAL A 345 30.99 14.41 16.04
CA VAL A 345 30.70 15.49 16.97
C VAL A 345 31.78 15.52 18.03
N ARG A 346 32.22 16.72 18.39
CA ARG A 346 33.32 16.87 19.33
C ARG A 346 33.01 17.98 20.31
N GLN A 347 33.56 17.86 21.51
CA GLN A 347 33.64 18.98 22.42
C GLN A 347 35.02 19.62 22.24
N VAL A 348 35.04 20.93 22.05
CA VAL A 348 36.29 21.62 21.74
C VAL A 348 36.96 22.16 22.98
N LEU A 349 36.19 22.81 23.87
CA LEU A 349 36.72 23.50 25.03
C LEU A 349 36.43 22.72 26.30
N ALA A 350 37.46 22.49 27.10
CA ALA A 350 37.23 21.97 28.44
C ALA A 350 36.30 22.90 29.20
N THR A 351 35.42 22.31 30.00
CA THR A 351 34.50 23.08 30.81
C THR A 351 35.29 24.02 31.72
N GLY A 352 34.85 25.27 31.79
CA GLY A 352 35.61 26.27 32.50
C GLY A 352 36.82 26.82 31.77
N GLN A 353 36.95 26.56 30.47
CA GLN A 353 38.04 27.09 29.66
C GLN A 353 37.45 27.81 28.45
N ASP A 354 38.17 28.84 28.00
CA ASP A 354 37.89 29.56 26.77
C ASP A 354 39.11 29.40 25.88
N PHE A 355 38.93 29.59 24.59
CA PHE A 355 40.10 29.82 23.75
C PHE A 355 40.93 30.91 24.40
N PRO A 356 42.23 30.70 24.60
CA PRO A 356 43.08 31.78 25.10
C PRO A 356 42.98 33.03 24.24
N LEU A 357 42.92 34.20 24.89
CA LEU A 357 42.99 35.47 24.16
C LEU A 357 44.40 35.66 23.62
N GLU A 358 44.54 36.57 22.65
CA GLU A 358 45.85 36.52 22.02
C GLU A 358 46.69 37.75 22.34
N PRO A 359 47.95 37.53 22.68
CA PRO A 359 48.79 38.62 23.16
C PRO A 359 49.35 39.46 22.02
N VAL A 360 49.68 40.70 22.36
CA VAL A 360 50.23 41.64 21.40
C VAL A 360 51.67 41.27 21.03
N GLU B 22 2.60 11.35 26.86
CA GLU B 22 1.24 10.90 26.59
C GLU B 22 1.22 9.40 26.30
N ASP B 23 0.04 8.79 26.41
CA ASP B 23 -0.16 7.38 26.12
C ASP B 23 -0.46 7.18 24.63
N ALA B 24 -0.59 5.92 24.22
CA ALA B 24 -0.75 5.62 22.80
C ALA B 24 -2.04 6.24 22.25
N PHE B 25 -3.14 6.13 23.02
CA PHE B 25 -4.42 6.66 22.54
C PHE B 25 -4.37 8.17 22.34
N ARG B 26 -3.89 8.90 23.35
CA ARG B 26 -3.85 10.35 23.22
C ARG B 26 -2.95 10.78 22.08
N LYS B 27 -1.94 9.98 21.73
CA LYS B 27 -1.09 10.33 20.59
C LYS B 27 -1.89 10.32 19.30
N LEU B 28 -2.61 9.22 19.02
CA LEU B 28 -3.42 9.16 17.80
C LEU B 28 -4.57 10.17 17.85
N PHE B 29 -5.18 10.36 19.02
CA PHE B 29 -6.25 11.34 19.16
C PHE B 29 -5.76 12.73 18.78
N ARG B 30 -4.61 13.13 19.30
CA ARG B 30 -4.05 14.45 18.97
C ARG B 30 -3.72 14.54 17.49
N PHE B 31 -3.09 13.49 16.93
CA PHE B 31 -2.72 13.51 15.53
C PHE B 31 -3.93 13.77 14.64
N TYR B 32 -4.95 12.89 14.73
CA TYR B 32 -6.09 13.03 13.84
C TYR B 32 -6.86 14.31 14.13
N ARG B 33 -6.74 14.81 15.36
CA ARG B 33 -7.38 16.07 15.71
C ARG B 33 -6.83 17.23 14.88
N GLN B 34 -5.53 17.20 14.58
CA GLN B 34 -4.91 18.26 13.79
C GLN B 34 -4.50 17.81 12.41
N SER B 35 -4.81 16.56 12.04
CA SER B 35 -4.42 16.06 10.73
C SER B 35 -4.98 16.94 9.62
N ARG B 36 -4.31 16.91 8.47
CA ARG B 36 -4.67 17.74 7.34
C ARG B 36 -5.43 16.90 6.34
N PRO B 37 -6.70 17.23 6.05
CA PRO B 37 -7.46 16.46 5.06
C PRO B 37 -6.77 16.49 3.70
N GLY B 38 -6.95 15.40 2.96
CA GLY B 38 -6.36 15.24 1.65
C GLY B 38 -4.95 14.66 1.66
N THR B 39 -4.15 14.99 2.66
CA THR B 39 -2.75 14.58 2.68
C THR B 39 -2.62 13.15 3.18
N ALA B 40 -1.38 12.66 3.18
CA ALA B 40 -1.11 11.31 3.63
C ALA B 40 -1.28 11.15 5.13
N ASP B 41 -1.61 12.22 5.85
CA ASP B 41 -1.98 12.08 7.26
C ASP B 41 -3.09 11.04 7.44
N LEU B 42 -4.04 11.00 6.51
CA LEU B 42 -5.19 10.12 6.62
C LEU B 42 -4.98 8.77 5.93
N GLY B 43 -3.77 8.49 5.48
CA GLY B 43 -3.56 7.29 4.68
C GLY B 43 -3.65 6.00 5.44
N ALA B 44 -3.65 6.06 6.77
CA ALA B 44 -3.79 4.87 7.59
C ALA B 44 -5.22 4.64 8.04
N VAL B 45 -6.13 5.58 7.78
CA VAL B 45 -7.50 5.49 8.26
C VAL B 45 -8.26 4.49 7.41
N ILE B 46 -8.81 3.45 8.04
CA ILE B 46 -9.52 2.42 7.29
C ILE B 46 -10.80 3.02 6.72
N ASP B 47 -11.06 2.74 5.44
CA ASP B 47 -12.25 3.22 4.76
C ASP B 47 -13.02 1.98 4.31
N PHE B 48 -14.01 1.58 5.10
CA PHE B 48 -14.75 0.35 4.79
C PHE B 48 -15.52 0.43 3.49
N SER B 49 -15.83 1.64 3.00
CA SER B 49 -16.58 1.68 1.75
C SER B 49 -15.68 1.50 0.53
N GLU B 50 -14.34 1.52 0.72
CA GLU B 50 -13.38 1.04 -0.26
C GLU B 50 -13.06 -0.44 -0.12
N ALA B 51 -13.63 -1.13 0.87
CA ALA B 51 -13.15 -2.48 1.19
C ALA B 51 -13.53 -3.51 0.13
N HIS B 52 -14.55 -3.23 -0.68
CA HIS B 52 -14.90 -4.14 -1.76
C HIS B 52 -13.84 -4.11 -2.87
N LEU B 53 -13.15 -2.97 -3.05
CA LEU B 53 -11.98 -2.92 -3.93
C LEU B 53 -10.87 -3.87 -3.49
N ALA B 54 -10.96 -4.42 -2.29
CA ALA B 54 -10.02 -5.41 -1.77
C ALA B 54 -8.57 -5.09 -2.09
N ARG B 55 -8.22 -3.80 -2.17
CA ARG B 55 -6.83 -3.41 -2.18
C ARG B 55 -6.15 -3.97 -0.94
N SER B 56 -4.90 -4.36 -1.09
CA SER B 56 -4.32 -5.10 0.03
C SER B 56 -3.99 -4.18 1.20
N PRO B 57 -4.16 -4.66 2.43
CA PRO B 57 -4.02 -3.78 3.62
C PRO B 57 -2.66 -3.12 3.75
N LYS B 58 -2.67 -1.90 4.29
CA LYS B 58 -1.43 -1.20 4.56
C LYS B 58 -0.76 -1.77 5.81
N PRO B 59 0.56 -1.87 5.83
CA PRO B 59 1.25 -2.33 7.04
C PRO B 59 0.94 -1.42 8.21
N GLY B 60 0.85 -2.01 9.40
CA GLY B 60 0.46 -1.31 10.60
C GLY B 60 -1.03 -1.27 10.86
N VAL B 61 -1.84 -1.70 9.88
CA VAL B 61 -3.28 -1.55 9.91
C VAL B 61 -3.91 -2.93 10.03
N PRO B 62 -4.82 -3.15 10.98
CA PRO B 62 -5.56 -4.42 11.04
C PRO B 62 -6.20 -4.81 9.73
N GLN B 63 -6.66 -6.05 9.66
CA GLN B 63 -7.22 -6.60 8.44
C GLN B 63 -8.72 -6.43 8.40
N VAL B 64 -9.24 -5.91 7.30
CA VAL B 64 -10.67 -5.84 7.04
C VAL B 64 -11.12 -7.21 6.49
N VAL B 65 -11.81 -7.98 7.32
CA VAL B 65 -12.40 -9.24 6.90
C VAL B 65 -13.90 -9.05 6.81
N ARG B 66 -14.55 -9.90 6.01
CA ARG B 66 -15.97 -9.71 5.77
C ARG B 66 -16.79 -10.51 6.77
N PHE B 67 -17.95 -9.94 7.15
CA PHE B 67 -18.80 -10.56 8.13
C PHE B 67 -20.10 -10.97 7.46
N PRO B 68 -20.46 -12.24 7.49
CA PRO B 68 -21.68 -12.68 6.83
C PRO B 68 -22.88 -12.47 7.72
N LEU B 69 -23.95 -11.93 7.14
CA LEU B 69 -25.18 -11.64 7.86
C LEU B 69 -26.21 -12.75 7.65
N ASN B 70 -27.14 -12.83 8.59
CA ASN B 70 -28.29 -13.72 8.48
C ASN B 70 -29.25 -13.13 7.45
N VAL B 71 -28.91 -13.28 6.17
CA VAL B 71 -29.70 -12.63 5.13
C VAL B 71 -31.15 -13.09 5.11
N SER B 72 -31.47 -14.17 5.82
CA SER B 72 -32.85 -14.64 5.89
C SER B 72 -33.62 -14.02 7.06
N SER B 73 -32.92 -13.46 8.04
CA SER B 73 -33.55 -13.10 9.30
C SER B 73 -34.44 -11.87 9.20
N VAL B 74 -34.29 -11.05 8.16
CA VAL B 74 -35.10 -9.85 7.97
C VAL B 74 -35.71 -9.86 6.58
N THR B 75 -37.02 -9.72 6.50
CA THR B 75 -37.71 -9.71 5.22
C THR B 75 -37.44 -8.41 4.46
N GLU B 76 -37.47 -8.51 3.13
CA GLU B 76 -37.35 -7.31 2.29
C GLU B 76 -38.42 -6.27 2.64
N ARG B 77 -39.61 -6.73 3.02
CA ARG B 77 -40.69 -5.80 3.31
C ARG B 77 -40.38 -5.02 4.58
N ASP B 78 -39.86 -5.72 5.59
CA ASP B 78 -39.56 -5.07 6.86
C ASP B 78 -38.35 -4.14 6.72
N ALA B 79 -37.34 -4.59 5.97
CA ALA B 79 -36.19 -3.75 5.75
C ALA B 79 -36.57 -2.47 5.02
N GLU B 80 -37.54 -2.56 4.11
CA GLU B 80 -37.95 -1.39 3.34
C GLU B 80 -38.80 -0.44 4.16
N ARG B 81 -39.54 -0.96 5.15
CA ARG B 81 -40.36 -0.12 6.02
C ARG B 81 -39.54 1.01 6.64
N VAL B 82 -38.31 0.72 7.05
CA VAL B 82 -37.43 1.70 7.68
C VAL B 82 -36.38 2.24 6.70
N GLY B 83 -36.57 2.03 5.41
CA GLY B 83 -35.70 2.60 4.39
C GLY B 83 -34.37 1.92 4.21
N LEU B 84 -34.22 0.67 4.64
CA LEU B 84 -32.99 -0.09 4.44
C LEU B 84 -33.03 -0.89 3.13
N GLU B 85 -31.86 -1.15 2.57
CA GLU B 85 -31.72 -2.14 1.52
C GLU B 85 -32.00 -3.52 2.11
N PRO B 86 -32.42 -4.48 1.29
CA PRO B 86 -32.54 -5.86 1.78
C PRO B 86 -31.19 -6.35 2.25
N VAL B 87 -31.19 -7.16 3.33
CA VAL B 87 -29.92 -7.60 3.91
C VAL B 87 -29.02 -8.26 2.88
N SER B 88 -29.60 -8.90 1.86
CA SER B 88 -28.78 -9.56 0.84
C SER B 88 -27.81 -8.60 0.18
N LYS B 89 -28.17 -7.31 0.07
CA LYS B 89 -27.31 -6.31 -0.53
C LYS B 89 -26.37 -5.61 0.47
N TRP B 90 -26.40 -5.98 1.76
CA TRP B 90 -25.52 -5.34 2.71
C TRP B 90 -24.11 -5.94 2.65
N ARG B 91 -23.12 -5.09 2.89
CA ARG B 91 -21.76 -5.55 3.17
C ARG B 91 -21.41 -5.23 4.62
N ALA B 92 -21.12 -6.27 5.40
CA ALA B 92 -20.65 -6.10 6.76
C ALA B 92 -19.20 -6.56 6.85
N TYR B 93 -18.44 -5.90 7.69
CA TYR B 93 -17.03 -6.18 7.83
C TYR B 93 -16.66 -6.33 9.30
N GLY B 94 -15.53 -6.99 9.54
CA GLY B 94 -14.93 -7.08 10.84
C GLY B 94 -13.51 -6.54 10.78
N LEU B 95 -12.88 -6.47 11.94
CA LEU B 95 -11.47 -6.11 12.06
C LEU B 95 -10.78 -7.24 12.80
N GLU B 96 -9.66 -7.69 12.27
CA GLU B 96 -8.84 -8.63 13.02
C GLU B 96 -8.35 -7.97 14.30
N GLY B 97 -8.44 -8.71 15.41
CA GLY B 97 -8.09 -8.15 16.70
C GLY B 97 -9.24 -7.57 17.48
N TYR B 98 -10.39 -7.34 16.83
CA TYR B 98 -11.56 -6.72 17.47
C TYR B 98 -12.79 -7.58 17.26
N PRO B 99 -12.81 -8.79 17.82
CA PRO B 99 -13.99 -9.66 17.68
C PRO B 99 -15.26 -9.01 18.23
N GLY B 100 -16.35 -9.15 17.47
CA GLY B 100 -17.63 -8.57 17.82
C GLY B 100 -17.93 -7.25 17.13
N PHE B 101 -16.96 -6.61 16.50
CA PHE B 101 -17.15 -5.28 15.94
C PHE B 101 -17.56 -5.40 14.48
N ILE B 102 -18.78 -4.95 14.17
CA ILE B 102 -19.35 -5.03 12.83
C ILE B 102 -19.49 -3.62 12.29
N PHE B 103 -19.21 -3.46 11.00
CA PHE B 103 -19.28 -2.16 10.34
C PHE B 103 -19.98 -2.37 9.00
N ILE B 104 -21.07 -1.66 8.79
CA ILE B 104 -21.91 -1.82 7.61
C ILE B 104 -21.96 -0.49 6.87
N PRO B 105 -21.20 -0.32 5.79
CA PRO B 105 -21.27 0.91 5.02
C PRO B 105 -22.69 1.18 4.55
N ASN B 106 -23.05 2.47 4.46
CA ASN B 106 -24.39 2.97 4.12
C ASN B 106 -25.28 1.92 3.46
N PRO B 107 -26.19 1.24 4.20
CA PRO B 107 -27.11 0.29 3.56
C PRO B 107 -28.51 0.85 3.35
N PHE B 108 -28.63 2.18 3.29
CA PHE B 108 -29.94 2.81 3.24
C PHE B 108 -30.42 2.94 1.80
N LEU B 109 -31.71 2.74 1.60
CA LEU B 109 -32.32 2.97 0.30
C LEU B 109 -32.09 4.42 -0.13
N PRO B 110 -32.03 4.68 -1.43
CA PRO B 110 -31.80 6.05 -1.90
C PRO B 110 -32.78 7.02 -1.27
N GLY B 111 -32.27 8.19 -0.87
CA GLY B 111 -33.08 9.19 -0.21
C GLY B 111 -33.45 8.91 1.23
N CYS B 112 -33.29 7.70 1.74
CA CYS B 112 -33.92 7.36 3.02
C CYS B 112 -33.15 7.84 4.24
N GLN B 113 -31.89 8.23 4.09
CA GLN B 113 -31.22 8.89 5.20
C GLN B 113 -31.90 10.22 5.51
N ARG B 114 -32.56 10.82 4.52
CA ARG B 114 -33.20 12.12 4.75
C ARG B 114 -34.26 12.02 5.83
N HIS B 115 -35.00 10.90 5.89
CA HIS B 115 -35.99 10.76 6.93
C HIS B 115 -35.34 10.68 8.31
N TRP B 116 -34.31 9.85 8.44
CA TRP B 116 -33.68 9.69 9.73
C TRP B 116 -32.96 10.96 10.17
N VAL B 117 -32.35 11.69 9.23
CA VAL B 117 -31.77 12.98 9.58
C VAL B 117 -32.84 13.95 10.06
N LYS B 118 -33.93 14.07 9.31
CA LYS B 118 -35.01 14.94 9.73
C LYS B 118 -35.50 14.58 11.13
N GLN B 119 -35.60 13.29 11.44
CA GLN B 119 -36.13 12.93 12.76
C GLN B 119 -35.20 13.34 13.89
N CYS B 120 -33.89 13.28 13.67
CA CYS B 120 -32.96 13.69 14.71
C CYS B 120 -32.99 15.20 14.93
N LEU B 121 -33.20 15.97 13.86
CA LEU B 121 -33.17 17.42 13.95
C LEU B 121 -34.51 18.02 14.37
N LYS B 122 -35.59 17.50 13.80
CA LYS B 122 -36.90 18.13 13.95
C LYS B 122 -37.78 17.48 14.99
N LEU B 123 -37.72 16.16 15.18
CA LEU B 123 -38.68 15.46 16.04
C LEU B 123 -38.04 14.99 17.34
N TYR B 124 -37.01 14.16 17.27
CA TYR B 124 -36.38 13.64 18.47
C TYR B 124 -35.86 14.73 19.40
N SER B 125 -35.55 15.91 18.88
CA SER B 125 -35.05 16.99 19.72
C SER B 125 -36.15 17.67 20.52
N GLN B 126 -37.42 17.35 20.29
CA GLN B 126 -38.50 18.02 20.97
C GLN B 126 -38.83 17.35 22.29
N LYS B 127 -39.43 18.12 23.21
CA LYS B 127 -40.05 17.49 24.36
C LYS B 127 -41.13 16.53 23.85
N PRO B 128 -41.38 15.43 24.56
CA PRO B 128 -40.86 15.08 25.89
C PRO B 128 -39.50 14.38 25.90
N ASN B 129 -38.68 14.52 24.87
CA ASN B 129 -37.32 14.01 25.00
C ASN B 129 -36.45 15.06 25.70
N VAL B 130 -35.29 14.61 26.18
CA VAL B 130 -34.36 15.46 26.89
C VAL B 130 -33.19 15.80 25.98
N CYS B 131 -32.78 17.08 25.98
CA CYS B 131 -31.57 17.51 25.28
C CYS B 131 -30.76 18.45 26.18
N ASN B 132 -29.62 18.92 25.66
CA ASN B 132 -28.69 19.68 26.48
C ASN B 132 -29.19 21.09 26.78
N LEU B 133 -30.14 21.59 26.01
CA LEU B 133 -30.77 22.90 26.19
C LEU B 133 -31.80 22.92 27.33
N ASP B 134 -32.06 21.82 28.00
CA ASP B 134 -33.18 21.82 28.94
C ASP B 134 -32.80 22.39 30.30
N LYS B 135 -31.53 22.25 30.69
CA LYS B 135 -31.11 22.61 32.03
C LYS B 135 -31.30 24.10 32.34
N HIS B 136 -31.27 24.97 31.33
CA HIS B 136 -31.35 26.41 31.53
C HIS B 136 -32.38 27.12 30.65
N MET B 137 -33.15 26.40 29.85
CA MET B 137 -34.20 27.04 29.08
C MET B 137 -35.47 26.24 29.28
N THR B 138 -36.58 26.94 29.48
CA THR B 138 -37.86 26.27 29.64
C THR B 138 -38.29 25.66 28.30
N LYS B 139 -39.28 24.77 28.37
CA LYS B 139 -39.75 24.15 27.13
C LYS B 139 -40.38 25.16 26.17
N GLU B 140 -40.89 26.30 26.69
CA GLU B 140 -41.47 27.32 25.82
C GLU B 140 -40.40 28.09 25.05
N GLU B 141 -39.21 28.22 25.65
CA GLU B 141 -38.09 28.82 24.93
C GLU B 141 -37.60 27.91 23.81
N THR B 142 -37.38 26.61 24.13
CA THR B 142 -36.81 25.69 23.15
C THR B 142 -37.82 25.12 22.17
N GLN B 143 -39.13 25.24 22.41
CA GLN B 143 -40.11 24.62 21.51
C GLN B 143 -40.15 25.27 20.15
N GLY B 144 -39.61 26.49 20.02
CA GLY B 144 -39.52 27.10 18.72
C GLY B 144 -38.34 26.68 17.90
N LEU B 145 -37.60 25.63 18.32
CA LEU B 145 -36.31 25.28 17.70
C LEU B 145 -36.42 25.20 16.19
N TRP B 146 -37.41 24.45 15.69
CA TRP B 146 -37.51 24.25 14.24
C TRP B 146 -38.03 25.48 13.52
N GLU B 147 -39.06 26.14 14.06
CA GLU B 147 -39.55 27.36 13.43
C GLU B 147 -38.44 28.40 13.34
N GLN B 148 -37.59 28.47 14.37
CA GLN B 148 -36.51 29.45 14.40
C GLN B 148 -35.51 29.21 13.29
N SER B 149 -35.09 27.96 13.11
CA SER B 149 -34.14 27.65 12.04
C SER B 149 -34.80 27.73 10.68
N LYS B 150 -36.12 27.58 10.61
CA LYS B 150 -36.81 27.82 9.34
C LYS B 150 -36.85 29.31 9.00
N GLU B 151 -37.03 30.17 10.00
CA GLU B 151 -37.11 31.61 9.72
C GLU B 151 -35.76 32.16 9.27
N VAL B 152 -34.66 31.67 9.87
CA VAL B 152 -33.33 32.07 9.43
C VAL B 152 -33.16 31.85 7.93
N LEU B 153 -33.68 30.74 7.43
CA LEU B 153 -33.46 30.39 6.03
C LEU B 153 -34.33 31.18 5.07
N ARG B 154 -35.45 31.74 5.54
CA ARG B 154 -36.33 32.44 4.62
C ARG B 154 -36.01 33.94 4.53
N SER B 155 -35.32 34.51 5.52
CA SER B 155 -35.09 35.94 5.54
C SER B 155 -34.13 36.33 4.41
N LYS B 156 -34.48 37.41 3.69
CA LYS B 156 -33.61 37.93 2.64
C LYS B 156 -32.45 38.74 3.19
N GLU B 157 -32.64 39.36 4.37
CA GLU B 157 -31.55 39.97 5.13
C GLU B 157 -30.84 38.88 5.94
N VAL B 158 -30.49 37.78 5.26
CA VAL B 158 -29.80 36.66 5.92
C VAL B 158 -28.35 37.04 6.21
N THR B 159 -27.77 36.35 7.20
CA THR B 159 -26.41 36.56 7.67
C THR B 159 -26.14 38.02 8.08
N LYS B 160 -26.49 38.37 9.32
CA LYS B 160 -26.11 39.63 9.96
C LYS B 160 -25.28 39.36 11.20
N ARG B 161 -24.39 38.37 11.12
CA ARG B 161 -23.64 37.83 12.27
C ARG B 161 -24.56 37.68 13.47
N ARG B 162 -25.43 36.69 13.42
CA ARG B 162 -26.57 36.50 14.29
C ARG B 162 -26.18 35.74 15.54
N PRO B 163 -27.00 35.81 16.59
CA PRO B 163 -26.78 34.94 17.76
C PRO B 163 -26.89 33.46 17.41
N ARG B 164 -26.41 32.65 18.35
CA ARG B 164 -26.46 31.20 18.21
C ARG B 164 -27.90 30.71 18.28
N SER B 165 -28.36 30.02 17.24
CA SER B 165 -29.72 29.46 17.26
C SER B 165 -29.79 28.27 18.21
N LEU B 166 -31.02 27.87 18.52
CA LEU B 166 -31.24 26.69 19.35
C LEU B 166 -30.66 25.46 18.66
N LEU B 167 -31.00 25.28 17.37
CA LEU B 167 -30.51 24.13 16.62
C LEU B 167 -28.99 24.07 16.62
N GLU B 168 -28.33 25.22 16.57
CA GLU B 168 -26.88 25.23 16.50
C GLU B 168 -26.25 24.96 17.85
N ARG B 169 -26.94 25.24 18.95
CA ARG B 169 -26.44 24.91 20.27
C ARG B 169 -26.80 23.50 20.69
N LEU B 170 -27.57 22.79 19.88
CA LEU B 170 -27.97 21.42 20.18
C LEU B 170 -26.74 20.51 20.14
N ARG B 171 -26.53 19.71 21.20
CA ARG B 171 -25.33 18.89 21.27
C ARG B 171 -25.63 17.43 21.62
N TRP B 172 -26.72 17.17 22.35
CA TRP B 172 -27.11 15.80 22.60
C TRP B 172 -28.60 15.71 22.89
N VAL B 173 -29.15 14.54 22.57
CA VAL B 173 -30.51 14.17 22.88
C VAL B 173 -30.48 12.77 23.48
N THR B 174 -31.34 12.53 24.47
CA THR B 174 -31.56 11.19 25.00
C THR B 174 -33.02 10.80 24.79
N LEU B 175 -33.23 9.50 24.57
CA LEU B 175 -34.53 8.89 24.32
C LEU B 175 -34.66 7.65 25.20
N GLY B 176 -35.89 7.21 25.45
CA GLY B 176 -36.03 6.02 26.29
C GLY B 176 -35.66 6.33 27.73
N TYR B 177 -34.82 5.48 28.32
CA TYR B 177 -34.24 5.78 29.62
C TYR B 177 -33.19 6.86 29.46
N HIS B 178 -33.44 8.03 30.00
CA HIS B 178 -32.54 9.15 29.82
C HIS B 178 -31.26 8.97 30.63
N TYR B 179 -30.14 8.94 29.92
CA TYR B 179 -28.83 8.87 30.55
C TYR B 179 -28.58 10.11 31.41
N ASN B 180 -28.07 9.88 32.62
CA ASN B 180 -27.69 10.96 33.52
C ASN B 180 -26.21 11.23 33.32
N TRP B 181 -25.89 12.41 32.78
CA TRP B 181 -24.49 12.71 32.48
C TRP B 181 -23.66 12.94 33.72
N ASP B 182 -24.29 13.31 34.85
CA ASP B 182 -23.52 13.53 36.07
C ASP B 182 -23.21 12.21 36.76
N SER B 183 -24.25 11.43 37.08
CA SER B 183 -24.10 10.13 37.76
C SER B 183 -23.59 9.03 36.86
N LYS B 184 -23.60 9.23 35.54
CA LYS B 184 -23.25 8.19 34.58
C LYS B 184 -24.08 6.92 34.83
N LYS B 185 -25.37 7.11 35.11
CA LYS B 185 -26.28 6.00 35.33
C LYS B 185 -27.64 6.30 34.70
N TYR B 186 -28.38 5.22 34.45
CA TYR B 186 -29.80 5.24 34.11
C TYR B 186 -30.63 5.01 35.37
N SER B 187 -31.90 5.37 35.30
CA SER B 187 -32.79 5.15 36.41
C SER B 187 -34.18 4.86 35.88
N ALA B 188 -34.93 4.04 36.63
CA ALA B 188 -36.30 3.75 36.22
C ALA B 188 -37.18 4.99 36.30
N ASP B 189 -36.77 5.97 37.09
CA ASP B 189 -37.58 7.16 37.33
C ASP B 189 -37.50 8.18 36.19
N HIS B 190 -36.57 8.06 35.24
CA HIS B 190 -36.45 9.06 34.19
C HIS B 190 -36.52 8.38 32.83
N TYR B 191 -37.64 8.55 32.13
CA TYR B 191 -37.97 7.75 30.98
C TYR B 191 -38.96 8.49 30.10
N THR B 192 -38.80 8.36 28.79
CA THR B 192 -39.73 8.81 27.76
C THR B 192 -39.90 7.65 26.81
N PRO B 193 -41.11 7.39 26.30
CA PRO B 193 -41.28 6.29 25.35
C PRO B 193 -40.31 6.44 24.18
N PHE B 194 -39.52 5.39 23.95
CA PHE B 194 -38.55 5.36 22.87
C PHE B 194 -39.26 5.46 21.53
N PRO B 195 -38.84 6.36 20.63
CA PRO B 195 -39.56 6.48 19.35
C PRO B 195 -39.59 5.14 18.63
N SER B 196 -40.77 4.77 18.16
CA SER B 196 -40.94 3.42 17.66
C SER B 196 -40.44 3.23 16.22
N ASP B 197 -40.29 4.30 15.43
CA ASP B 197 -39.66 4.08 14.13
C ASP B 197 -38.18 3.76 14.31
N LEU B 198 -37.48 4.50 15.18
CA LEU B 198 -36.08 4.18 15.43
C LEU B 198 -35.94 2.83 16.11
N ALA B 199 -36.90 2.45 16.94
CA ALA B 199 -36.84 1.13 17.58
C ALA B 199 -36.94 0.02 16.55
N PHE B 200 -37.85 0.17 15.57
CA PHE B 200 -37.94 -0.82 14.51
C PHE B 200 -36.68 -0.85 13.65
N LEU B 201 -36.13 0.32 13.31
CA LEU B 201 -34.87 0.32 12.56
C LEU B 201 -33.77 -0.42 13.32
N SER B 202 -33.67 -0.18 14.62
CA SER B 202 -32.63 -0.83 15.42
C SER B 202 -32.83 -2.32 15.52
N GLU B 203 -34.08 -2.77 15.53
CA GLU B 203 -34.35 -4.19 15.69
C GLU B 203 -33.98 -4.95 14.42
N GLN B 204 -34.25 -4.37 13.24
CA GLN B 204 -33.80 -4.99 12.00
C GLN B 204 -32.29 -5.10 11.96
N VAL B 205 -31.58 -3.98 12.16
CA VAL B 205 -30.13 -4.01 12.15
C VAL B 205 -29.61 -5.06 13.13
N ALA B 206 -30.17 -5.08 14.33
CA ALA B 206 -29.72 -6.06 15.31
C ALA B 206 -30.03 -7.49 14.87
N THR B 207 -31.26 -7.73 14.41
CA THR B 207 -31.61 -9.06 13.87
C THR B 207 -30.67 -9.45 12.74
N ALA B 208 -30.50 -8.55 11.76
CA ALA B 208 -29.62 -8.79 10.63
C ALA B 208 -28.23 -9.23 11.08
N CYS B 209 -27.71 -8.67 12.16
CA CYS B 209 -26.40 -9.01 12.66
C CYS B 209 -26.42 -10.23 13.59
N GLY B 210 -27.57 -10.87 13.75
CA GLY B 210 -27.67 -12.07 14.56
C GLY B 210 -27.92 -11.81 16.04
N PHE B 211 -28.81 -10.83 16.34
CA PHE B 211 -29.21 -10.48 17.72
C PHE B 211 -30.71 -10.22 17.73
N GLN B 212 -31.51 -11.26 17.55
CA GLN B 212 -32.94 -11.03 17.70
C GLN B 212 -33.25 -10.75 19.15
N GLY B 213 -34.42 -10.15 19.39
CA GLY B 213 -34.79 -9.82 20.75
C GLY B 213 -34.11 -8.59 21.28
N PHE B 214 -33.61 -7.72 20.41
CA PHE B 214 -32.96 -6.52 20.87
C PHE B 214 -34.02 -5.51 21.30
N GLN B 215 -33.85 -4.98 22.50
CA GLN B 215 -34.80 -4.04 23.10
C GLN B 215 -34.19 -2.65 23.06
N ALA B 216 -34.74 -1.78 22.22
CA ALA B 216 -34.24 -0.41 22.07
C ALA B 216 -34.75 0.40 23.26
N GLU B 217 -33.90 0.57 24.28
CA GLU B 217 -34.32 1.14 25.54
C GLU B 217 -33.70 2.50 25.86
N ALA B 218 -32.47 2.76 25.43
CA ALA B 218 -31.84 4.06 25.65
C ALA B 218 -31.22 4.53 24.34
N GLY B 219 -31.54 5.74 23.94
CA GLY B 219 -30.89 6.40 22.83
C GLY B 219 -30.08 7.60 23.30
N ILE B 220 -28.86 7.73 22.76
CA ILE B 220 -28.04 8.91 22.95
C ILE B 220 -27.66 9.40 21.56
N LEU B 221 -28.22 10.53 21.16
CA LEU B 221 -27.92 11.19 19.89
C LEU B 221 -26.91 12.30 20.13
N ASN B 222 -25.88 12.37 19.30
CA ASN B 222 -24.88 13.41 19.41
C ASN B 222 -24.89 14.26 18.16
N TYR B 223 -24.79 15.56 18.33
CA TYR B 223 -24.80 16.51 17.22
C TYR B 223 -23.44 17.19 17.20
N TYR B 224 -22.70 17.03 16.10
CA TYR B 224 -21.33 17.49 15.97
C TYR B 224 -21.25 18.66 15.02
N ARG B 225 -20.56 19.72 15.44
CA ARG B 225 -20.11 20.76 14.53
C ARG B 225 -18.74 20.32 13.99
N LEU B 226 -18.14 21.11 13.10
CA LEU B 226 -16.90 20.65 12.48
C LEU B 226 -15.77 20.52 13.50
N ASP B 227 -15.71 21.40 14.48
CA ASP B 227 -14.69 21.27 15.51
C ASP B 227 -15.11 20.41 16.70
N SER B 228 -16.30 19.80 16.70
CA SER B 228 -16.71 19.00 17.84
C SER B 228 -15.88 17.73 17.93
N THR B 229 -15.71 17.23 19.15
CA THR B 229 -15.02 15.98 19.41
C THR B 229 -15.79 15.17 20.45
N LEU B 230 -15.43 13.91 20.60
CA LEU B 230 -15.98 13.05 21.65
C LEU B 230 -14.81 12.29 22.26
N GLY B 231 -14.45 12.64 23.50
CA GLY B 231 -13.27 12.09 24.13
C GLY B 231 -13.37 10.60 24.41
N ILE B 232 -12.20 10.03 24.75
CA ILE B 232 -12.07 8.60 24.91
C ILE B 232 -12.92 8.12 26.09
N HIS B 233 -13.59 6.99 25.90
CA HIS B 233 -14.57 6.51 26.88
C HIS B 233 -14.92 5.08 26.51
N VAL B 234 -15.51 4.37 27.47
CA VAL B 234 -16.18 3.09 27.20
C VAL B 234 -17.62 3.24 27.66
N ASP B 235 -18.54 2.63 26.93
CA ASP B 235 -19.97 2.68 27.27
C ASP B 235 -20.26 1.50 28.19
N ARG B 236 -20.26 1.74 29.49
CA ARG B 236 -20.54 0.67 30.43
C ARG B 236 -21.72 0.94 31.33
N SER B 237 -22.46 2.04 31.13
CA SER B 237 -23.54 2.38 32.05
C SER B 237 -24.76 1.50 31.88
N GLU B 238 -24.92 0.82 30.75
CA GLU B 238 -26.03 -0.10 30.63
C GLU B 238 -25.84 -1.24 31.62
N LEU B 239 -26.94 -1.91 31.97
CA LEU B 239 -26.83 -2.96 32.97
C LEU B 239 -26.43 -4.30 32.36
N ASP B 240 -26.74 -4.53 31.09
CA ASP B 240 -26.46 -5.79 30.40
C ASP B 240 -25.37 -5.58 29.36
N HIS B 241 -24.17 -6.06 29.65
CA HIS B 241 -23.01 -5.89 28.78
C HIS B 241 -22.90 -6.96 27.71
N SER B 242 -23.87 -7.87 27.62
CA SER B 242 -23.92 -8.87 26.58
C SER B 242 -24.72 -8.41 25.37
N LYS B 243 -25.29 -7.21 25.40
CA LYS B 243 -26.13 -6.76 24.32
C LYS B 243 -25.40 -5.76 23.45
N PRO B 244 -25.57 -5.82 22.13
CA PRO B 244 -24.78 -4.96 21.25
C PRO B 244 -25.20 -3.50 21.37
N LEU B 245 -24.22 -2.62 21.21
CA LEU B 245 -24.47 -1.19 21.03
C LEU B 245 -24.49 -0.87 19.53
N LEU B 246 -25.53 -0.16 19.10
CA LEU B 246 -25.75 0.19 17.71
C LEU B 246 -25.44 1.67 17.50
N SER B 247 -24.78 2.00 16.39
CA SER B 247 -24.35 3.37 16.15
C SER B 247 -24.59 3.77 14.70
N PHE B 248 -25.33 4.85 14.51
CA PHE B 248 -25.71 5.35 13.21
C PHE B 248 -25.09 6.72 13.04
N SER B 249 -24.76 7.07 11.79
CA SER B 249 -24.01 8.25 11.46
C SER B 249 -24.59 8.89 10.21
N PHE B 250 -24.80 10.20 10.21
CA PHE B 250 -25.28 10.88 9.03
C PHE B 250 -24.57 12.22 8.90
N GLY B 251 -24.44 12.68 7.65
CA GLY B 251 -23.83 13.97 7.40
C GLY B 251 -22.35 13.87 7.16
N GLN B 252 -21.57 14.82 7.69
CA GLN B 252 -20.14 14.83 7.40
C GLN B 252 -19.45 13.64 8.07
N SER B 253 -18.31 13.27 7.54
CA SER B 253 -17.63 12.05 7.95
C SER B 253 -16.75 12.30 9.16
N ALA B 254 -16.52 11.24 9.91
CA ALA B 254 -15.79 11.30 11.16
C ALA B 254 -14.65 10.31 11.12
N ILE B 255 -13.59 10.62 11.87
CA ILE B 255 -12.53 9.67 12.14
C ILE B 255 -12.82 9.07 13.50
N PHE B 256 -13.02 7.77 13.53
CA PHE B 256 -13.40 7.06 14.73
C PHE B 256 -12.21 6.22 15.15
N LEU B 257 -11.82 6.31 16.42
CA LEU B 257 -10.70 5.55 16.97
C LEU B 257 -11.26 4.44 17.85
N LEU B 258 -11.00 3.21 17.47
CA LEU B 258 -11.46 2.05 18.22
C LEU B 258 -10.25 1.44 18.90
N GLY B 259 -10.19 1.58 20.22
CA GLY B 259 -9.11 1.08 21.03
C GLY B 259 -9.46 -0.23 21.70
N GLY B 260 -8.82 -0.48 22.84
CA GLY B 260 -9.03 -1.71 23.56
C GLY B 260 -9.61 -1.49 24.95
N LEU B 261 -9.58 -2.54 25.78
CA LEU B 261 -10.18 -2.45 27.10
C LEU B 261 -9.45 -1.44 27.98
N LYS B 262 -8.14 -1.33 27.83
CA LYS B 262 -7.34 -0.36 28.58
C LYS B 262 -7.15 0.91 27.75
N ARG B 263 -7.29 2.07 28.39
CA ARG B 263 -7.14 3.36 27.70
C ARG B 263 -5.77 3.52 27.09
N ASP B 264 -4.89 2.54 27.29
CA ASP B 264 -3.52 2.61 26.80
C ASP B 264 -3.42 2.18 25.35
N GLU B 265 -3.98 1.00 25.04
CA GLU B 265 -3.85 0.37 23.73
C GLU B 265 -4.06 1.39 22.61
N ALA B 266 -3.06 1.54 21.76
CA ALA B 266 -3.19 2.36 20.56
C ALA B 266 -4.43 1.92 19.80
N PRO B 267 -5.27 2.85 19.35
CA PRO B 267 -6.50 2.47 18.63
C PRO B 267 -6.25 2.36 17.13
N THR B 268 -7.20 1.71 16.46
CA THR B 268 -7.29 1.73 15.01
C THR B 268 -8.22 2.87 14.59
N ALA B 269 -7.77 3.69 13.63
CA ALA B 269 -8.61 4.73 13.07
C ALA B 269 -9.41 4.20 11.89
N MET B 270 -10.68 4.63 11.80
CA MET B 270 -11.54 4.31 10.66
C MET B 270 -12.44 5.49 10.38
N PHE B 271 -12.86 5.60 9.12
CA PHE B 271 -13.84 6.62 8.75
C PHE B 271 -15.24 6.13 9.06
N MET B 272 -16.12 7.06 9.38
CA MET B 272 -17.54 6.77 9.46
C MET B 272 -18.25 7.77 8.55
N HIS B 273 -18.82 7.28 7.46
CA HIS B 273 -19.42 8.13 6.43
C HIS B 273 -20.93 8.16 6.61
N SER B 274 -21.58 9.07 5.89
CA SER B 274 -23.01 9.22 6.02
C SER B 274 -23.74 7.92 5.67
N GLY B 275 -24.56 7.43 6.61
CA GLY B 275 -25.28 6.20 6.44
C GLY B 275 -24.63 4.98 7.07
N ASP B 276 -23.38 5.09 7.51
CA ASP B 276 -22.68 3.93 8.04
C ASP B 276 -23.22 3.51 9.41
N ILE B 277 -23.14 2.21 9.68
CA ILE B 277 -23.63 1.63 10.92
C ILE B 277 -22.50 0.82 11.56
N MET B 278 -22.28 1.01 12.86
CA MET B 278 -21.40 0.18 13.65
C MET B 278 -22.23 -0.60 14.65
N VAL B 279 -21.82 -1.84 14.92
CA VAL B 279 -22.42 -2.67 15.94
C VAL B 279 -21.29 -3.13 16.83
N MET B 280 -21.29 -2.69 18.08
CA MET B 280 -20.26 -3.09 19.03
C MET B 280 -20.84 -4.22 19.88
N SER B 281 -20.55 -5.45 19.47
CA SER B 281 -21.01 -6.63 20.18
C SER B 281 -19.82 -7.42 20.68
N GLY B 282 -20.12 -8.44 21.50
CA GLY B 282 -19.11 -9.34 22.01
C GLY B 282 -17.99 -8.62 22.73
N PHE B 283 -16.77 -9.02 22.41
CA PHE B 283 -15.57 -8.41 22.98
C PHE B 283 -15.55 -6.91 22.74
N SER B 284 -16.00 -6.47 21.56
CA SER B 284 -15.84 -5.06 21.22
C SER B 284 -16.68 -4.15 22.12
N ARG B 285 -17.66 -4.73 22.82
CA ARG B 285 -18.72 -3.94 23.45
C ARG B 285 -18.16 -2.91 24.42
N LEU B 286 -17.14 -3.28 25.18
CA LEU B 286 -16.63 -2.47 26.26
C LEU B 286 -15.27 -1.83 25.94
N LEU B 287 -14.99 -1.63 24.65
CA LEU B 287 -13.70 -1.10 24.22
C LEU B 287 -13.67 0.43 24.28
N ASN B 288 -12.49 0.97 24.54
CA ASN B 288 -12.34 2.41 24.48
C ASN B 288 -12.48 2.87 23.04
N HIS B 289 -13.08 4.04 22.87
CA HIS B 289 -13.24 4.62 21.54
C HIS B 289 -13.43 6.12 21.70
N ALA B 290 -13.35 6.83 20.58
CA ALA B 290 -13.41 8.29 20.60
C ALA B 290 -13.62 8.78 19.18
N VAL B 291 -14.00 10.05 19.06
CA VAL B 291 -14.12 10.70 17.77
C VAL B 291 -13.24 11.95 17.81
N PRO B 292 -12.00 11.86 17.32
CA PRO B 292 -11.10 13.02 17.33
C PRO B 292 -11.42 14.08 16.28
N ARG B 293 -12.23 13.78 15.26
CA ARG B 293 -12.30 14.70 14.14
C ARG B 293 -13.59 14.47 13.36
N VAL B 294 -14.29 15.57 13.06
CA VAL B 294 -15.31 15.60 12.02
C VAL B 294 -14.71 16.33 10.81
N LEU B 295 -14.59 15.61 9.67
CA LEU B 295 -13.91 16.17 8.50
C LEU B 295 -14.87 17.04 7.69
N PRO B 296 -14.47 18.24 7.32
CA PRO B 296 -15.30 19.01 6.38
C PRO B 296 -15.37 18.28 5.04
N HIS B 297 -16.43 18.57 4.31
CA HIS B 297 -16.56 18.04 2.97
C HIS B 297 -15.37 18.53 2.13
N PRO B 298 -14.79 17.66 1.28
CA PRO B 298 -13.60 18.07 0.50
C PRO B 298 -13.74 19.40 -0.26
N ASP B 299 -14.91 19.73 -0.80
CA ASP B 299 -15.11 21.00 -1.49
C ASP B 299 -15.55 22.13 -0.59
N GLY B 300 -15.64 21.90 0.73
CA GLY B 300 -16.15 22.90 1.66
C GLY B 300 -17.54 22.64 2.22
N GLU B 301 -18.43 23.61 2.10
CA GLU B 301 -19.75 23.51 2.72
C GLU B 301 -20.73 22.84 1.77
N CYS B 302 -20.62 21.50 1.67
CA CYS B 302 -21.43 20.69 0.77
C CYS B 302 -21.80 19.37 1.43
N LEU B 303 -22.85 18.71 0.88
CA LEU B 303 -23.30 17.43 1.39
C LEU B 303 -22.50 16.29 0.77
N PRO B 304 -22.40 15.14 1.45
CA PRO B 304 -21.99 13.93 0.74
C PRO B 304 -22.96 13.64 -0.38
N HIS B 305 -22.48 12.94 -1.40
CA HIS B 305 -23.30 12.69 -2.57
C HIS B 305 -24.58 11.93 -2.22
N CYS B 306 -24.48 10.98 -1.28
CA CYS B 306 -25.64 10.14 -0.95
C CYS B 306 -26.81 10.96 -0.40
N LEU B 307 -26.53 12.09 0.24
CA LEU B 307 -27.60 12.91 0.79
C LEU B 307 -28.25 13.80 -0.26
N GLU B 308 -27.76 13.81 -1.49
CA GLU B 308 -28.35 14.67 -2.52
C GLU B 308 -29.48 13.99 -3.27
N THR B 309 -29.60 12.66 -3.14
CA THR B 309 -30.65 11.86 -3.76
C THR B 309 -31.95 11.99 -2.99
N PRO B 310 -33.06 12.32 -3.65
CA PRO B 310 -34.32 12.54 -2.93
C PRO B 310 -35.00 11.24 -2.55
N LEU B 311 -35.90 11.36 -1.56
CA LEU B 311 -36.79 10.26 -1.18
C LEU B 311 -37.62 9.81 -2.38
N PRO B 312 -38.11 8.58 -2.34
CA PRO B 312 -39.06 8.15 -3.38
C PRO B 312 -40.34 8.98 -3.33
N ALA B 313 -40.89 9.26 -4.52
CA ALA B 313 -42.11 10.07 -4.61
C ALA B 313 -43.29 9.37 -3.97
N VAL B 314 -43.39 8.05 -4.12
CA VAL B 314 -44.44 7.25 -3.49
C VAL B 314 -43.77 6.26 -2.56
N LEU B 315 -44.07 6.37 -1.28
CA LEU B 315 -43.55 5.44 -0.30
C LEU B 315 -44.47 4.25 -0.20
N PRO B 316 -43.94 3.09 0.24
CA PRO B 316 -44.76 1.89 0.35
C PRO B 316 -45.89 2.07 1.34
N SER B 317 -46.75 1.06 1.35
CA SER B 317 -47.74 0.92 2.40
C SER B 317 -47.05 0.69 3.74
N ASN B 318 -47.56 1.36 4.78
CA ASN B 318 -47.11 1.15 6.15
C ASN B 318 -45.67 1.58 6.39
N SER B 319 -45.10 2.43 5.54
CA SER B 319 -43.69 2.80 5.69
C SER B 319 -43.47 3.57 6.99
N LEU B 320 -42.34 3.29 7.65
CA LEU B 320 -41.95 4.15 8.75
C LEU B 320 -41.18 5.36 8.24
N VAL B 321 -40.52 5.22 7.08
CA VAL B 321 -39.96 6.38 6.39
C VAL B 321 -41.10 7.25 5.86
N GLU B 322 -41.07 8.52 6.20
CA GLU B 322 -42.11 9.48 5.91
C GLU B 322 -41.64 10.48 4.87
N PRO B 323 -42.54 11.15 4.18
CA PRO B 323 -42.10 12.22 3.27
C PRO B 323 -41.46 13.36 4.04
N CYS B 324 -40.61 14.11 3.34
CA CYS B 324 -39.89 15.25 3.90
C CYS B 324 -40.15 16.47 3.02
N SER B 325 -40.82 17.47 3.58
CA SER B 325 -41.17 18.64 2.80
C SER B 325 -39.92 19.33 2.28
N VAL B 326 -40.05 19.99 1.13
CA VAL B 326 -38.94 20.73 0.56
C VAL B 326 -38.36 21.69 1.58
N GLU B 327 -39.23 22.31 2.37
CA GLU B 327 -38.77 23.29 3.34
C GLU B 327 -38.07 22.63 4.53
N ASP B 328 -38.57 21.45 4.96
CA ASP B 328 -37.89 20.73 6.03
C ASP B 328 -36.52 20.26 5.58
N TRP B 329 -36.40 19.78 4.36
CA TRP B 329 -35.10 19.30 3.93
C TRP B 329 -34.12 20.45 3.75
N GLN B 330 -34.61 21.64 3.42
CA GLN B 330 -33.70 22.78 3.31
C GLN B 330 -33.08 23.14 4.65
N VAL B 331 -33.80 22.96 5.75
CA VAL B 331 -33.18 23.15 7.06
C VAL B 331 -32.10 22.10 7.29
N CYS B 332 -32.44 20.82 7.10
CA CYS B 332 -31.49 19.74 7.29
C CYS B 332 -30.24 19.91 6.44
N ALA B 333 -30.43 20.24 5.15
CA ALA B 333 -29.32 20.32 4.22
C ALA B 333 -28.30 21.37 4.65
N THR B 334 -28.76 22.61 4.91
CA THR B 334 -27.79 23.63 5.27
C THR B 334 -27.13 23.32 6.61
N TYR B 335 -27.85 22.66 7.52
CA TYR B 335 -27.24 22.23 8.78
C TYR B 335 -26.11 21.22 8.53
N LEU B 336 -26.38 20.19 7.72
CA LEU B 336 -25.49 19.06 7.57
C LEU B 336 -24.28 19.36 6.69
N ARG B 337 -24.24 20.51 6.02
CA ARG B 337 -23.04 20.92 5.29
C ARG B 337 -21.86 21.14 6.20
N THR B 338 -22.10 21.37 7.50
CA THR B 338 -21.04 21.56 8.48
C THR B 338 -21.33 20.82 9.77
N ALA B 339 -22.03 19.68 9.71
CA ALA B 339 -22.40 18.98 10.92
C ALA B 339 -22.48 17.48 10.66
N ARG B 340 -22.55 16.72 11.74
CA ARG B 340 -22.68 15.28 11.68
C ARG B 340 -23.58 14.84 12.82
N VAL B 341 -24.56 13.98 12.52
CA VAL B 341 -25.51 13.46 13.49
C VAL B 341 -25.17 12.01 13.77
N ASN B 342 -25.14 11.64 15.05
CA ASN B 342 -24.83 10.29 15.48
C ASN B 342 -25.96 9.78 16.36
N MET B 343 -26.47 8.58 16.08
CA MET B 343 -27.48 7.94 16.93
C MET B 343 -26.91 6.65 17.49
N THR B 344 -26.84 6.55 18.80
CA THR B 344 -26.48 5.31 19.44
C THR B 344 -27.73 4.74 20.10
N VAL B 345 -27.96 3.44 19.93
CA VAL B 345 -29.11 2.76 20.51
C VAL B 345 -28.59 1.62 21.37
N ARG B 346 -29.11 1.54 22.59
CA ARG B 346 -28.62 0.60 23.56
C ARG B 346 -29.79 -0.13 24.21
N GLN B 347 -29.53 -1.33 24.69
CA GLN B 347 -30.42 -2.04 25.58
C GLN B 347 -29.85 -1.92 26.99
N VAL B 348 -30.66 -1.44 27.93
CA VAL B 348 -30.18 -1.16 29.28
C VAL B 348 -30.32 -2.38 30.18
N LEU B 349 -31.48 -3.03 30.14
CA LEU B 349 -31.87 -4.09 31.08
C LEU B 349 -31.85 -5.46 30.41
N ALA B 350 -31.24 -6.43 31.11
CA ALA B 350 -31.34 -7.82 30.68
C ALA B 350 -32.79 -8.27 30.65
N THR B 351 -33.05 -9.30 29.84
CA THR B 351 -34.41 -9.77 29.60
C THR B 351 -35.06 -10.18 30.92
N GLY B 352 -36.28 -9.69 31.15
CA GLY B 352 -37.02 -10.00 32.35
C GLY B 352 -36.45 -9.42 33.62
N GLN B 353 -35.40 -8.62 33.55
CA GLN B 353 -34.89 -7.91 34.72
C GLN B 353 -35.40 -6.47 34.68
N ASP B 354 -35.70 -5.94 35.85
CA ASP B 354 -36.05 -4.54 35.99
C ASP B 354 -34.94 -3.86 36.79
N PHE B 355 -34.97 -2.54 36.78
CA PHE B 355 -34.16 -1.82 37.74
C PHE B 355 -34.61 -2.30 39.10
N PRO B 356 -33.70 -2.81 39.95
CA PRO B 356 -34.12 -3.20 41.29
C PRO B 356 -34.82 -2.03 41.99
N LEU B 357 -35.78 -2.35 42.85
CA LEU B 357 -36.44 -1.30 43.61
C LEU B 357 -35.50 -0.81 44.71
N GLU B 358 -35.59 0.49 45.01
CA GLU B 358 -34.70 1.15 45.95
C GLU B 358 -34.89 0.56 47.34
N PRO B 359 -33.88 -0.13 47.87
CA PRO B 359 -34.05 -0.79 49.17
C PRO B 359 -34.33 0.23 50.27
N VAL B 360 -35.19 -0.16 51.21
CA VAL B 360 -35.62 0.74 52.29
C VAL B 360 -34.49 0.97 53.31
N GLU C 22 24.56 -41.44 22.31
CA GLU C 22 24.74 -40.07 21.82
C GLU C 22 25.93 -39.94 20.85
N ASP C 23 25.66 -40.15 19.56
CA ASP C 23 26.66 -39.93 18.54
C ASP C 23 26.75 -38.45 18.21
N ALA C 24 27.35 -38.13 17.06
CA ALA C 24 27.41 -36.73 16.64
C ALA C 24 26.01 -36.18 16.35
N PHE C 25 25.27 -36.85 15.46
CA PHE C 25 23.96 -36.37 15.01
C PHE C 25 23.00 -36.15 16.18
N ARG C 26 22.84 -37.16 17.04
CA ARG C 26 21.96 -37.04 18.19
C ARG C 26 22.34 -35.85 19.07
N LYS C 27 23.63 -35.52 19.13
CA LYS C 27 24.06 -34.39 19.95
C LYS C 27 23.60 -33.06 19.33
N LEU C 28 23.92 -32.85 18.06
CA LEU C 28 23.48 -31.61 17.39
C LEU C 28 21.97 -31.49 17.34
N PHE C 29 21.27 -32.61 17.07
CA PHE C 29 19.81 -32.61 17.05
C PHE C 29 19.27 -32.13 18.40
N ARG C 30 19.75 -32.71 19.49
CA ARG C 30 19.31 -32.29 20.83
C ARG C 30 19.66 -30.83 21.07
N PHE C 31 20.82 -30.38 20.59
CA PHE C 31 21.24 -29.01 20.86
C PHE C 31 20.33 -28.01 20.14
N TYR C 32 20.13 -28.20 18.83
CA TYR C 32 19.29 -27.26 18.11
C TYR C 32 17.83 -27.40 18.53
N ARG C 33 17.41 -28.58 18.97
CA ARG C 33 16.08 -28.72 19.54
C ARG C 33 15.90 -27.80 20.75
N GLN C 34 16.98 -27.59 21.52
CA GLN C 34 16.92 -26.83 22.75
C GLN C 34 17.56 -25.45 22.62
N SER C 35 18.05 -25.10 21.43
CA SER C 35 18.73 -23.84 21.21
C SER C 35 17.81 -22.66 21.48
N ARG C 36 18.41 -21.55 21.94
CA ARG C 36 17.68 -20.31 22.14
C ARG C 36 17.85 -19.42 20.91
N PRO C 37 16.76 -19.04 20.24
CA PRO C 37 16.89 -18.18 19.06
C PRO C 37 17.51 -16.83 19.42
N GLY C 38 18.30 -16.30 18.51
CA GLY C 38 18.92 -15.02 18.69
C GLY C 38 20.23 -15.04 19.44
N THR C 39 20.55 -16.10 20.17
CA THR C 39 21.80 -16.10 20.92
C THR C 39 22.90 -16.69 20.05
N ALA C 40 24.06 -16.91 20.64
CA ALA C 40 25.21 -17.50 19.95
C ALA C 40 24.96 -18.95 19.56
N ASP C 41 23.78 -19.47 19.93
CA ASP C 41 23.45 -20.86 19.62
C ASP C 41 23.36 -21.10 18.10
N LEU C 42 22.76 -20.18 17.36
CA LEU C 42 22.56 -20.38 15.92
C LEU C 42 23.74 -19.93 15.09
N GLY C 43 24.92 -19.75 15.70
CA GLY C 43 26.06 -19.17 15.02
C GLY C 43 26.71 -20.06 13.99
N ALA C 44 26.52 -21.39 14.11
CA ALA C 44 27.09 -22.31 13.15
C ALA C 44 26.12 -22.67 12.02
N VAL C 45 24.95 -22.03 11.97
CA VAL C 45 23.90 -22.39 11.05
C VAL C 45 24.06 -21.58 9.77
N ILE C 46 24.30 -22.26 8.66
CA ILE C 46 24.45 -21.59 7.36
C ILE C 46 23.14 -20.93 6.95
N ASP C 47 23.21 -19.68 6.56
CA ASP C 47 22.06 -19.03 5.95
C ASP C 47 22.39 -18.72 4.48
N PHE C 48 22.00 -19.64 3.59
CA PHE C 48 22.20 -19.47 2.14
C PHE C 48 21.60 -18.18 1.62
N SER C 49 20.47 -17.73 2.18
CA SER C 49 19.85 -16.54 1.63
C SER C 49 20.59 -15.26 2.00
N GLU C 50 21.62 -15.36 2.84
CA GLU C 50 22.50 -14.26 3.18
C GLU C 50 23.86 -14.38 2.52
N ALA C 51 24.07 -15.43 1.72
CA ALA C 51 25.37 -15.61 1.07
C ALA C 51 25.68 -14.51 0.05
N HIS C 52 24.66 -13.99 -0.66
CA HIS C 52 24.94 -12.95 -1.63
C HIS C 52 25.32 -11.63 -0.97
N LEU C 53 25.10 -11.48 0.33
CA LEU C 53 25.43 -10.26 1.05
C LEU C 53 26.67 -10.39 1.94
N ALA C 54 27.31 -11.56 1.98
CA ALA C 54 28.41 -11.75 2.92
C ALA C 54 29.63 -10.94 2.49
N ARG C 55 30.28 -10.28 3.45
CA ARG C 55 31.51 -9.54 3.11
C ARG C 55 32.68 -10.50 2.89
N SER C 56 32.67 -11.63 3.56
CA SER C 56 33.69 -12.65 3.41
C SER C 56 33.06 -14.01 3.74
N PRO C 57 33.65 -15.10 3.26
CA PRO C 57 33.07 -16.43 3.52
C PRO C 57 32.98 -16.73 5.02
N LYS C 58 31.81 -17.23 5.43
CA LYS C 58 31.58 -17.55 6.84
C LYS C 58 32.56 -18.61 7.31
N PRO C 59 33.23 -18.40 8.44
CA PRO C 59 34.30 -19.31 8.85
C PRO C 59 33.81 -20.53 9.62
N GLY C 60 34.71 -21.51 9.76
CA GLY C 60 34.51 -22.66 10.63
C GLY C 60 33.47 -23.66 10.17
N VAL C 61 32.95 -23.50 8.96
CA VAL C 61 31.81 -24.28 8.48
C VAL C 61 32.04 -24.64 7.02
N PRO C 62 31.53 -25.84 6.58
CA PRO C 62 31.63 -26.22 5.16
C PRO C 62 31.37 -25.05 4.23
N GLN C 63 32.02 -25.02 3.07
CA GLN C 63 32.01 -23.82 2.26
C GLN C 63 30.78 -23.79 1.36
N VAL C 64 29.97 -22.74 1.51
CA VAL C 64 28.93 -22.43 0.54
C VAL C 64 29.58 -22.14 -0.80
N VAL C 65 29.21 -22.90 -1.83
CA VAL C 65 29.70 -22.68 -3.18
C VAL C 65 28.52 -22.36 -4.09
N ARG C 66 28.77 -21.62 -5.16
CA ARG C 66 27.70 -21.27 -6.09
C ARG C 66 27.57 -22.33 -7.17
N PHE C 67 26.33 -22.77 -7.45
CA PHE C 67 26.06 -23.86 -8.37
C PHE C 67 25.34 -23.30 -9.58
N PRO C 68 25.87 -23.44 -10.80
CA PRO C 68 25.23 -22.79 -11.95
C PRO C 68 24.11 -23.61 -12.54
N LEU C 69 22.98 -22.95 -12.79
CA LEU C 69 21.79 -23.59 -13.33
C LEU C 69 21.80 -23.55 -14.85
N ASN C 70 21.17 -24.56 -15.45
CA ASN C 70 20.94 -24.50 -16.88
C ASN C 70 19.92 -23.39 -17.15
N VAL C 71 20.40 -22.16 -17.30
CA VAL C 71 19.51 -20.99 -17.32
C VAL C 71 18.60 -20.97 -18.55
N SER C 72 18.90 -21.78 -19.57
CA SER C 72 18.10 -21.78 -20.79
C SER C 72 17.09 -22.90 -20.85
N SER C 73 17.09 -23.83 -19.87
CA SER C 73 16.27 -25.03 -19.94
C SER C 73 14.81 -24.83 -19.52
N VAL C 74 14.47 -23.70 -18.89
CA VAL C 74 13.09 -23.36 -18.54
C VAL C 74 12.81 -21.96 -19.04
N THR C 75 11.75 -21.79 -19.81
CA THR C 75 11.47 -20.47 -20.35
C THR C 75 10.87 -19.59 -19.27
N GLU C 76 11.21 -18.30 -19.34
CA GLU C 76 10.62 -17.33 -18.43
C GLU C 76 9.09 -17.43 -18.44
N ARG C 77 8.52 -17.84 -19.57
CA ARG C 77 7.09 -18.09 -19.66
C ARG C 77 6.65 -19.21 -18.72
N ASP C 78 7.40 -20.32 -18.70
CA ASP C 78 6.99 -21.48 -17.92
C ASP C 78 7.21 -21.29 -16.42
N ALA C 79 8.35 -20.69 -16.05
CA ALA C 79 8.60 -20.37 -14.64
C ALA C 79 7.49 -19.50 -14.08
N GLU C 80 7.02 -18.52 -14.87
CA GLU C 80 5.99 -17.62 -14.40
C GLU C 80 4.66 -18.33 -14.21
N ARG C 81 4.41 -19.39 -14.98
CA ARG C 81 3.16 -20.12 -14.87
C ARG C 81 2.94 -20.68 -13.47
N VAL C 82 4.03 -21.04 -12.79
CA VAL C 82 3.96 -21.65 -11.47
C VAL C 82 4.47 -20.67 -10.39
N GLY C 83 4.62 -19.40 -10.74
CA GLY C 83 4.97 -18.41 -9.74
C GLY C 83 6.44 -18.28 -9.46
N LEU C 84 7.30 -18.74 -10.36
CA LEU C 84 8.74 -18.65 -10.15
C LEU C 84 9.34 -17.49 -10.92
N GLU C 85 10.39 -16.91 -10.35
CA GLU C 85 11.27 -16.02 -11.07
C GLU C 85 11.87 -16.74 -12.27
N PRO C 86 12.43 -16.00 -13.22
CA PRO C 86 13.24 -16.64 -14.26
C PRO C 86 14.45 -17.32 -13.63
N VAL C 87 14.87 -18.43 -14.24
CA VAL C 87 16.02 -19.17 -13.71
C VAL C 87 17.26 -18.29 -13.68
N SER C 88 17.33 -17.31 -14.58
CA SER C 88 18.49 -16.41 -14.59
C SER C 88 18.59 -15.65 -13.27
N LYS C 89 17.46 -15.41 -12.60
CA LYS C 89 17.46 -14.68 -11.34
C LYS C 89 17.63 -15.56 -10.11
N TRP C 90 17.62 -16.89 -10.23
CA TRP C 90 17.83 -17.73 -9.06
C TRP C 90 19.30 -17.71 -8.64
N ARG C 91 19.53 -17.93 -7.35
CA ARG C 91 20.87 -18.14 -6.83
C ARG C 91 20.93 -19.55 -6.25
N ALA C 92 21.61 -20.46 -6.92
CA ALA C 92 21.68 -21.85 -6.48
C ALA C 92 23.05 -22.10 -5.87
N TYR C 93 23.08 -22.91 -4.82
CA TYR C 93 24.28 -23.09 -4.02
C TYR C 93 24.47 -24.57 -3.73
N GLY C 94 25.72 -24.94 -3.45
CA GLY C 94 26.05 -26.28 -3.00
C GLY C 94 26.93 -26.21 -1.77
N LEU C 95 27.40 -27.35 -1.28
CA LEU C 95 28.22 -27.39 -0.08
C LEU C 95 29.38 -28.33 -0.29
N GLU C 96 30.57 -27.87 0.05
CA GLU C 96 31.75 -28.71 -0.03
C GLU C 96 31.62 -29.85 0.99
N GLY C 97 31.75 -31.08 0.51
CA GLY C 97 31.53 -32.28 1.30
C GLY C 97 30.23 -33.00 0.97
N TYR C 98 29.35 -32.34 0.21
CA TYR C 98 27.98 -32.84 -0.04
C TYR C 98 27.65 -32.66 -1.51
N PRO C 99 28.36 -33.35 -2.41
CA PRO C 99 28.06 -33.20 -3.84
C PRO C 99 26.65 -33.65 -4.16
N GLY C 100 25.99 -32.88 -5.03
CA GLY C 100 24.63 -33.12 -5.41
C GLY C 100 23.61 -32.40 -4.57
N PHE C 101 23.95 -31.98 -3.35
CA PHE C 101 23.07 -31.09 -2.60
C PHE C 101 23.02 -29.71 -3.26
N ILE C 102 21.81 -29.27 -3.60
CA ILE C 102 21.55 -27.97 -4.20
C ILE C 102 20.53 -27.24 -3.32
N PHE C 103 20.80 -25.95 -3.02
CA PHE C 103 19.93 -25.11 -2.20
C PHE C 103 19.62 -23.85 -2.98
N ILE C 104 18.34 -23.51 -3.08
CA ILE C 104 17.88 -22.35 -3.84
C ILE C 104 17.04 -21.48 -2.91
N PRO C 105 17.60 -20.40 -2.37
CA PRO C 105 16.81 -19.48 -1.54
C PRO C 105 15.64 -18.90 -2.32
N ASN C 106 14.54 -18.65 -1.61
CA ASN C 106 13.25 -18.21 -2.13
C ASN C 106 13.30 -17.66 -3.55
N PRO C 107 12.96 -18.45 -4.58
CA PRO C 107 12.91 -17.92 -5.95
C PRO C 107 11.50 -17.70 -6.45
N PHE C 108 10.55 -17.41 -5.58
CA PHE C 108 9.17 -17.26 -5.99
C PHE C 108 8.86 -15.79 -6.32
N LEU C 109 8.05 -15.60 -7.35
CA LEU C 109 7.58 -14.26 -7.67
C LEU C 109 6.83 -13.70 -6.46
N PRO C 110 6.97 -12.41 -6.18
CA PRO C 110 6.40 -11.83 -4.95
C PRO C 110 4.94 -12.18 -4.78
N GLY C 111 4.60 -12.63 -3.57
CA GLY C 111 3.25 -13.02 -3.26
C GLY C 111 2.79 -14.35 -3.83
N CYS C 112 3.62 -15.06 -4.58
CA CYS C 112 3.16 -16.30 -5.17
C CYS C 112 3.33 -17.49 -4.24
N GLN C 113 4.10 -17.35 -3.16
CA GLN C 113 4.10 -18.38 -2.13
C GLN C 113 2.70 -18.58 -1.55
N ARG C 114 1.82 -17.60 -1.70
CA ARG C 114 0.50 -17.72 -1.10
C ARG C 114 -0.38 -18.71 -1.86
N HIS C 115 -0.19 -18.83 -3.17
CA HIS C 115 -0.90 -19.87 -3.89
C HIS C 115 -0.53 -21.26 -3.37
N TRP C 116 0.77 -21.53 -3.27
CA TRP C 116 1.24 -22.84 -2.86
C TRP C 116 0.88 -23.13 -1.42
N VAL C 117 1.01 -22.15 -0.54
CA VAL C 117 0.55 -22.33 0.84
C VAL C 117 -0.94 -22.67 0.86
N LYS C 118 -1.76 -21.94 0.08
CA LYS C 118 -3.19 -22.22 0.11
C LYS C 118 -3.51 -23.61 -0.41
N GLN C 119 -2.81 -24.08 -1.45
CA GLN C 119 -3.04 -25.43 -1.94
C GLN C 119 -2.74 -26.47 -0.87
N CYS C 120 -1.63 -26.30 -0.14
CA CYS C 120 -1.23 -27.30 0.85
C CYS C 120 -2.25 -27.40 1.97
N LEU C 121 -2.81 -26.26 2.40
CA LEU C 121 -3.72 -26.24 3.54
C LEU C 121 -5.17 -26.49 3.14
N LYS C 122 -5.62 -25.91 2.02
CA LYS C 122 -7.03 -26.01 1.65
C LYS C 122 -7.35 -27.09 0.62
N LEU C 123 -6.45 -27.41 -0.31
CA LEU C 123 -6.75 -28.32 -1.41
C LEU C 123 -6.13 -29.70 -1.21
N TYR C 124 -4.80 -29.78 -1.12
CA TYR C 124 -4.13 -31.08 -1.06
C TYR C 124 -4.56 -31.88 0.17
N SER C 125 -4.96 -31.19 1.24
CA SER C 125 -5.39 -31.88 2.44
C SER C 125 -6.73 -32.59 2.27
N GLN C 126 -7.47 -32.28 1.22
CA GLN C 126 -8.80 -32.88 1.08
C GLN C 126 -8.72 -34.23 0.38
N LYS C 127 -9.72 -35.08 0.67
CA LYS C 127 -9.94 -36.29 -0.12
C LYS C 127 -10.05 -35.88 -1.59
N PRO C 128 -9.56 -36.70 -2.53
CA PRO C 128 -9.07 -38.07 -2.46
C PRO C 128 -7.58 -38.24 -2.11
N ASN C 129 -6.92 -37.22 -1.60
CA ASN C 129 -5.60 -37.45 -1.04
C ASN C 129 -5.73 -38.05 0.36
N VAL C 130 -4.60 -38.41 0.95
CA VAL C 130 -4.58 -39.13 2.21
C VAL C 130 -3.85 -38.28 3.24
N CYS C 131 -4.35 -38.25 4.46
CA CYS C 131 -3.67 -37.47 5.50
C CYS C 131 -3.83 -38.18 6.83
N ASN C 132 -3.10 -37.68 7.83
CA ASN C 132 -3.00 -38.38 9.11
C ASN C 132 -4.34 -38.45 9.83
N LEU C 133 -5.26 -37.51 9.56
CA LEU C 133 -6.58 -37.53 10.18
C LEU C 133 -7.45 -38.70 9.71
N ASP C 134 -7.05 -39.46 8.70
CA ASP C 134 -8.01 -40.42 8.13
C ASP C 134 -8.06 -41.73 8.90
N LYS C 135 -6.97 -42.12 9.58
CA LYS C 135 -6.94 -43.38 10.29
C LYS C 135 -8.02 -43.47 11.37
N HIS C 136 -8.42 -42.34 11.98
CA HIS C 136 -9.42 -42.34 13.06
C HIS C 136 -10.53 -41.32 12.88
N MET C 137 -10.63 -40.68 11.72
CA MET C 137 -11.78 -39.83 11.45
C MET C 137 -12.32 -40.16 10.06
N THR C 138 -13.63 -40.06 9.91
CA THR C 138 -14.25 -40.38 8.63
C THR C 138 -14.23 -39.17 7.72
N LYS C 139 -14.61 -39.43 6.46
CA LYS C 139 -14.71 -38.38 5.46
C LYS C 139 -15.64 -37.26 5.93
N GLU C 140 -16.76 -37.62 6.57
CA GLU C 140 -17.71 -36.60 7.03
C GLU C 140 -17.05 -35.69 8.07
N GLU C 141 -16.38 -36.30 9.05
CA GLU C 141 -15.78 -35.54 10.15
C GLU C 141 -14.70 -34.58 9.67
N THR C 142 -13.94 -34.95 8.63
CA THR C 142 -12.82 -34.13 8.16
C THR C 142 -13.17 -33.23 6.99
N GLN C 143 -14.31 -33.45 6.33
CA GLN C 143 -14.62 -32.69 5.13
C GLN C 143 -14.69 -31.20 5.41
N GLY C 144 -15.08 -30.81 6.62
CA GLY C 144 -15.27 -29.41 6.93
C GLY C 144 -14.05 -28.76 7.54
N LEU C 145 -12.87 -29.36 7.33
CA LEU C 145 -11.63 -28.80 7.87
C LEU C 145 -11.55 -27.31 7.61
N TRP C 146 -11.64 -26.91 6.33
CA TRP C 146 -11.45 -25.51 5.99
C TRP C 146 -12.55 -24.64 6.57
N GLU C 147 -13.79 -25.12 6.52
CA GLU C 147 -14.92 -24.32 6.98
C GLU C 147 -14.82 -24.07 8.48
N GLN C 148 -14.45 -25.11 9.24
CA GLN C 148 -14.23 -24.96 10.66
C GLN C 148 -13.22 -23.86 10.95
N SER C 149 -12.08 -23.89 10.25
CA SER C 149 -11.05 -22.88 10.50
C SER C 149 -11.49 -21.49 10.06
N LYS C 150 -12.25 -21.39 8.96
CA LYS C 150 -12.82 -20.09 8.58
C LYS C 150 -13.71 -19.53 9.68
N GLU C 151 -14.53 -20.39 10.30
CA GLU C 151 -15.57 -19.94 11.22
C GLU C 151 -15.05 -19.66 12.62
N VAL C 152 -13.92 -20.24 13.01
CA VAL C 152 -13.25 -19.83 14.24
C VAL C 152 -12.78 -18.39 14.13
N LEU C 153 -12.35 -17.98 12.94
CA LEU C 153 -11.93 -16.60 12.76
C LEU C 153 -13.10 -15.62 12.84
N ARG C 154 -14.33 -16.07 12.60
CA ARG C 154 -15.49 -15.17 12.59
C ARG C 154 -16.07 -14.94 13.98
N SER C 155 -15.48 -15.52 15.03
CA SER C 155 -16.10 -15.49 16.34
C SER C 155 -16.18 -14.05 16.85
N LYS C 156 -17.15 -13.82 17.75
CA LYS C 156 -17.37 -12.51 18.36
C LYS C 156 -16.70 -12.35 19.72
N GLU C 157 -16.10 -13.42 20.26
CA GLU C 157 -15.42 -13.37 21.56
C GLU C 157 -13.90 -13.45 21.39
N VAL C 158 -13.19 -13.10 22.48
CA VAL C 158 -11.72 -13.03 22.44
C VAL C 158 -11.14 -14.45 22.37
N THR C 159 -9.87 -14.53 21.94
CA THR C 159 -9.20 -15.81 21.80
C THR C 159 -9.09 -16.51 23.14
N LYS C 160 -9.76 -17.65 23.28
CA LYS C 160 -9.80 -18.45 24.51
C LYS C 160 -8.96 -19.71 24.32
N ARG C 161 -8.89 -20.51 25.40
CA ARG C 161 -8.29 -21.84 25.30
C ARG C 161 -9.24 -22.72 24.51
N ARG C 162 -8.92 -22.92 23.25
CA ARG C 162 -9.74 -23.78 22.42
C ARG C 162 -8.96 -25.06 22.12
N PRO C 163 -9.63 -26.18 21.87
CA PRO C 163 -8.91 -27.38 21.48
C PRO C 163 -8.35 -27.20 20.08
N ARG C 164 -7.50 -28.14 19.66
CA ARG C 164 -6.95 -28.10 18.31
C ARG C 164 -8.08 -28.22 17.29
N SER C 165 -8.07 -27.34 16.29
CA SER C 165 -8.93 -27.53 15.14
C SER C 165 -8.37 -28.62 14.25
N LEU C 166 -9.16 -29.04 13.26
CA LEU C 166 -8.69 -30.04 12.32
C LEU C 166 -7.40 -29.58 11.66
N LEU C 167 -7.38 -28.33 11.18
CA LEU C 167 -6.22 -27.80 10.48
C LEU C 167 -4.95 -27.87 11.34
N GLU C 168 -5.09 -27.60 12.63
CA GLU C 168 -3.94 -27.63 13.53
C GLU C 168 -3.53 -29.04 13.88
N ARG C 169 -4.39 -30.03 13.63
CA ARG C 169 -4.09 -31.42 13.86
C ARG C 169 -3.47 -32.12 12.65
N LEU C 170 -3.44 -31.45 11.50
CA LEU C 170 -2.76 -31.98 10.32
C LEU C 170 -1.26 -32.16 10.59
N ARG C 171 -0.73 -33.30 10.17
CA ARG C 171 0.70 -33.56 10.37
C ARG C 171 1.35 -34.03 9.08
N TRP C 172 0.62 -34.76 8.25
CA TRP C 172 1.16 -35.20 6.97
C TRP C 172 0.03 -35.42 5.97
N VAL C 173 0.38 -35.23 4.70
CA VAL C 173 -0.48 -35.46 3.56
C VAL C 173 0.37 -36.18 2.51
N THR C 174 -0.21 -37.15 1.82
CA THR C 174 0.51 -37.82 0.75
C THR C 174 -0.24 -37.67 -0.58
N LEU C 175 0.53 -37.57 -1.65
CA LEU C 175 -0.01 -37.40 -3.00
C LEU C 175 0.59 -38.47 -3.90
N GLY C 176 -0.10 -38.76 -5.00
CA GLY C 176 0.41 -39.69 -6.00
C GLY C 176 0.39 -41.11 -5.47
N TYR C 177 1.55 -41.76 -5.44
CA TYR C 177 1.65 -43.03 -4.72
C TYR C 177 1.74 -42.73 -3.23
N HIS C 178 0.75 -43.19 -2.49
CA HIS C 178 0.66 -42.90 -1.07
C HIS C 178 1.65 -43.77 -0.30
N TYR C 179 2.58 -43.14 0.40
CA TYR C 179 3.55 -43.87 1.20
C TYR C 179 2.86 -44.57 2.35
N ASN C 180 3.16 -45.86 2.53
CA ASN C 180 2.56 -46.63 3.63
C ASN C 180 3.47 -46.48 4.84
N TRP C 181 3.01 -45.76 5.87
CA TRP C 181 3.91 -45.46 6.97
C TRP C 181 4.26 -46.70 7.77
N ASP C 182 3.40 -47.72 7.75
CA ASP C 182 3.66 -48.95 8.50
C ASP C 182 4.62 -49.86 7.74
N SER C 183 4.28 -50.21 6.50
CA SER C 183 5.12 -51.09 5.70
C SER C 183 6.38 -50.41 5.20
N LYS C 184 6.47 -49.08 5.31
CA LYS C 184 7.56 -48.27 4.75
C LYS C 184 7.81 -48.58 3.27
N LYS C 185 6.72 -48.79 2.52
CA LYS C 185 6.84 -49.09 1.09
C LYS C 185 5.73 -48.38 0.33
N TYR C 186 5.98 -48.14 -0.96
CA TYR C 186 4.95 -47.71 -1.90
C TYR C 186 4.27 -48.95 -2.49
N SER C 187 3.37 -48.71 -3.43
CA SER C 187 2.47 -49.74 -3.92
C SER C 187 1.57 -49.20 -5.01
N ALA C 188 1.53 -49.90 -6.15
CA ALA C 188 0.59 -49.54 -7.21
C ALA C 188 -0.85 -49.53 -6.71
N ASP C 189 -1.16 -50.27 -5.64
CA ASP C 189 -2.54 -50.38 -5.17
C ASP C 189 -3.06 -49.13 -4.48
N HIS C 190 -2.21 -48.18 -4.08
CA HIS C 190 -2.68 -47.00 -3.35
C HIS C 190 -2.15 -45.75 -4.06
N TYR C 191 -3.01 -45.13 -4.87
CA TYR C 191 -2.63 -44.07 -5.79
C TYR C 191 -3.77 -43.07 -5.91
N THR C 192 -3.40 -41.80 -6.09
CA THR C 192 -4.35 -40.73 -6.33
C THR C 192 -3.58 -39.86 -7.32
N PRO C 193 -4.22 -39.40 -8.39
CA PRO C 193 -3.48 -38.61 -9.38
C PRO C 193 -2.77 -37.44 -8.71
N PHE C 194 -1.49 -37.30 -9.03
CA PHE C 194 -0.67 -36.25 -8.46
C PHE C 194 -1.11 -34.89 -8.98
N PRO C 195 -1.32 -33.89 -8.11
CA PRO C 195 -1.87 -32.61 -8.58
C PRO C 195 -1.00 -32.01 -9.68
N SER C 196 -1.64 -31.62 -10.77
CA SER C 196 -0.87 -31.27 -11.94
C SER C 196 -0.17 -29.94 -11.81
N ASP C 197 -0.62 -29.03 -10.94
CA ASP C 197 0.13 -27.79 -10.77
C ASP C 197 1.41 -28.00 -9.96
N LEU C 198 1.36 -28.85 -8.91
CA LEU C 198 2.57 -29.19 -8.19
C LEU C 198 3.52 -30.01 -9.05
N ALA C 199 2.99 -30.89 -9.89
CA ALA C 199 3.86 -31.63 -10.82
C ALA C 199 4.59 -30.67 -11.75
N PHE C 200 3.88 -29.69 -12.32
CA PHE C 200 4.51 -28.76 -13.24
C PHE C 200 5.59 -27.94 -12.54
N LEU C 201 5.27 -27.42 -11.34
CA LEU C 201 6.26 -26.72 -10.52
C LEU C 201 7.49 -27.59 -10.26
N SER C 202 7.26 -28.86 -9.91
CA SER C 202 8.38 -29.76 -9.61
C SER C 202 9.23 -30.00 -10.84
N GLU C 203 8.59 -30.17 -12.00
CA GLU C 203 9.32 -30.43 -13.25
C GLU C 203 10.20 -29.25 -13.63
N GLN C 204 9.73 -28.01 -13.48
CA GLN C 204 10.57 -26.86 -13.79
C GLN C 204 11.78 -26.79 -12.85
N VAL C 205 11.54 -26.90 -11.55
CA VAL C 205 12.64 -26.91 -10.58
C VAL C 205 13.64 -28.01 -10.89
N ALA C 206 13.14 -29.17 -11.33
CA ALA C 206 14.04 -30.28 -11.66
C ALA C 206 14.82 -29.99 -12.94
N THR C 207 14.15 -29.44 -13.95
CA THR C 207 14.84 -29.14 -15.20
C THR C 207 15.94 -28.11 -14.99
N ALA C 208 15.61 -27.03 -14.25
CA ALA C 208 16.58 -25.97 -14.01
C ALA C 208 17.83 -26.48 -13.32
N CYS C 209 17.74 -27.59 -12.58
CA CYS C 209 18.87 -28.14 -11.86
C CYS C 209 19.56 -29.28 -12.61
N GLY C 210 19.23 -29.46 -13.90
CA GLY C 210 19.92 -30.47 -14.70
C GLY C 210 19.35 -31.87 -14.58
N PHE C 211 18.03 -31.97 -14.44
CA PHE C 211 17.33 -33.23 -14.29
C PHE C 211 16.02 -33.18 -15.07
N GLN C 212 16.11 -33.00 -16.38
CA GLN C 212 14.89 -33.07 -17.17
C GLN C 212 14.33 -34.50 -17.17
N GLY C 213 13.04 -34.60 -17.48
CA GLY C 213 12.39 -35.89 -17.42
C GLY C 213 11.94 -36.30 -16.05
N PHE C 214 11.97 -35.40 -15.07
CA PHE C 214 11.54 -35.73 -13.71
C PHE C 214 10.05 -36.04 -13.70
N GLN C 215 9.69 -37.17 -13.07
CA GLN C 215 8.30 -37.60 -12.93
C GLN C 215 7.84 -37.37 -11.50
N ALA C 216 6.86 -36.49 -11.32
CA ALA C 216 6.31 -36.23 -9.99
C ALA C 216 5.35 -37.35 -9.64
N GLU C 217 5.80 -38.30 -8.84
CA GLU C 217 5.03 -39.51 -8.58
C GLU C 217 4.60 -39.69 -7.14
N ALA C 218 5.37 -39.21 -6.17
CA ALA C 218 4.94 -39.27 -4.78
C ALA C 218 5.19 -37.94 -4.10
N GLY C 219 4.18 -37.43 -3.42
CA GLY C 219 4.32 -36.25 -2.59
C GLY C 219 4.11 -36.62 -1.14
N ILE C 220 4.96 -36.08 -0.27
CA ILE C 220 4.78 -36.16 1.18
C ILE C 220 4.85 -34.75 1.75
N LEU C 221 3.75 -34.29 2.32
CA LEU C 221 3.62 -32.94 2.83
C LEU C 221 3.62 -33.01 4.36
N ASN C 222 4.55 -32.30 4.99
CA ASN C 222 4.70 -32.30 6.45
C ASN C 222 4.23 -30.96 6.99
N TYR C 223 3.42 -31.01 8.04
CA TYR C 223 2.88 -29.81 8.68
C TYR C 223 3.43 -29.73 10.09
N TYR C 224 4.25 -28.70 10.35
CA TYR C 224 4.94 -28.52 11.62
C TYR C 224 4.31 -27.41 12.44
N ARG C 225 3.99 -27.69 13.69
CA ARG C 225 3.78 -26.63 14.67
C ARG C 225 5.14 -26.19 15.22
N LEU C 226 5.15 -25.14 16.04
CA LEU C 226 6.44 -24.66 16.54
C LEU C 226 7.16 -25.70 17.37
N ASP C 227 6.44 -26.65 17.96
CA ASP C 227 7.04 -27.71 18.75
C ASP C 227 7.46 -28.92 17.94
N SER C 228 7.06 -29.00 16.67
CA SER C 228 7.22 -30.25 15.92
C SER C 228 8.68 -30.48 15.55
N THR C 229 9.01 -31.74 15.32
CA THR C 229 10.34 -32.15 14.89
C THR C 229 10.21 -33.32 13.92
N LEU C 230 11.29 -33.55 13.17
CA LEU C 230 11.39 -34.69 12.26
C LEU C 230 12.73 -35.36 12.51
N GLY C 231 12.69 -36.61 12.98
CA GLY C 231 13.89 -37.29 13.39
C GLY C 231 14.80 -37.69 12.26
N ILE C 232 15.95 -38.23 12.65
CA ILE C 232 17.00 -38.61 11.71
C ILE C 232 16.52 -39.80 10.90
N HIS C 233 16.72 -39.74 9.58
CA HIS C 233 16.17 -40.70 8.65
C HIS C 233 16.82 -40.50 7.30
N VAL C 234 16.70 -41.51 6.44
CA VAL C 234 17.02 -41.34 5.02
C VAL C 234 15.78 -41.75 4.22
N ASP C 235 15.66 -41.14 3.04
CA ASP C 235 14.52 -41.33 2.16
C ASP C 235 14.94 -42.38 1.13
N ARG C 236 14.72 -43.65 1.47
CA ARG C 236 15.14 -44.72 0.58
C ARG C 236 14.00 -45.55 0.04
N SER C 237 12.76 -45.29 0.47
CA SER C 237 11.61 -46.09 0.06
C SER C 237 11.31 -46.02 -1.43
N GLU C 238 11.91 -45.09 -2.18
CA GLU C 238 11.70 -45.00 -3.62
C GLU C 238 12.57 -46.01 -4.35
N LEU C 239 12.03 -46.58 -5.43
CA LEU C 239 12.74 -47.67 -6.10
C LEU C 239 13.94 -47.16 -6.92
N ASP C 240 13.84 -45.97 -7.52
CA ASP C 240 14.95 -45.42 -8.33
C ASP C 240 15.70 -44.35 -7.54
N HIS C 241 16.76 -44.79 -6.86
CA HIS C 241 17.58 -43.89 -6.03
C HIS C 241 18.40 -42.91 -6.83
N SER C 242 18.33 -42.95 -8.15
CA SER C 242 19.10 -42.03 -8.98
C SER C 242 18.36 -40.74 -9.25
N LYS C 243 17.17 -40.59 -8.72
CA LYS C 243 16.42 -39.40 -9.06
C LYS C 243 16.37 -38.43 -7.88
N PRO C 244 16.40 -37.13 -8.16
CA PRO C 244 16.48 -36.14 -7.08
C PRO C 244 15.20 -36.09 -6.26
N LEU C 245 15.37 -35.82 -4.96
CA LEU C 245 14.27 -35.47 -4.08
C LEU C 245 14.17 -33.95 -3.99
N LEU C 246 13.01 -33.40 -4.41
CA LEU C 246 12.71 -31.97 -4.31
C LEU C 246 12.00 -31.65 -2.99
N SER C 247 12.45 -30.60 -2.29
CA SER C 247 11.89 -30.22 -1.00
C SER C 247 11.64 -28.72 -0.94
N PHE C 248 10.38 -28.33 -0.73
CA PHE C 248 9.94 -26.95 -0.66
C PHE C 248 9.52 -26.63 0.76
N SER C 249 9.64 -25.36 1.12
CA SER C 249 9.42 -24.89 2.48
C SER C 249 8.56 -23.63 2.43
N PHE C 250 7.62 -23.50 3.35
CA PHE C 250 6.80 -22.31 3.44
C PHE C 250 6.52 -22.01 4.91
N GLY C 251 6.48 -20.72 5.27
CA GLY C 251 6.06 -20.38 6.62
C GLY C 251 7.20 -20.05 7.55
N GLN C 252 7.10 -20.45 8.82
CA GLN C 252 8.18 -20.19 9.76
C GLN C 252 9.46 -20.90 9.30
N SER C 253 10.56 -20.53 9.92
CA SER C 253 11.86 -21.04 9.50
C SER C 253 12.21 -22.28 10.29
N ALA C 254 12.96 -23.17 9.64
CA ALA C 254 13.40 -24.42 10.22
C ALA C 254 14.92 -24.48 10.25
N ILE C 255 15.46 -25.21 11.22
CA ILE C 255 16.84 -25.68 11.17
C ILE C 255 16.85 -27.07 10.55
N PHE C 256 17.63 -27.24 9.49
CA PHE C 256 17.75 -28.51 8.78
C PHE C 256 19.15 -29.05 9.02
N LEU C 257 19.25 -30.32 9.39
CA LEU C 257 20.52 -30.99 9.59
C LEU C 257 20.78 -31.93 8.42
N LEU C 258 21.91 -31.76 7.76
CA LEU C 258 22.31 -32.65 6.67
C LEU C 258 23.57 -33.39 7.09
N GLY C 259 23.50 -34.72 7.13
CA GLY C 259 24.59 -35.52 7.64
C GLY C 259 25.15 -36.47 6.60
N GLY C 260 25.54 -37.68 7.04
CA GLY C 260 26.27 -38.61 6.22
C GLY C 260 25.46 -39.83 5.82
N LEU C 261 26.09 -40.64 4.96
CA LEU C 261 25.46 -41.88 4.50
C LEU C 261 25.15 -42.80 5.67
N LYS C 262 25.99 -42.82 6.70
CA LYS C 262 25.65 -43.49 7.93
C LYS C 262 25.43 -42.44 9.00
N ARG C 263 24.56 -42.76 9.97
CA ARG C 263 23.97 -41.79 10.88
C ARG C 263 24.85 -41.47 12.07
N ASP C 264 26.17 -41.67 11.97
CA ASP C 264 27.14 -41.22 12.97
C ASP C 264 27.91 -39.99 12.53
N GLU C 265 28.06 -39.78 11.22
CA GLU C 265 28.75 -38.60 10.70
C GLU C 265 28.02 -37.34 11.17
N ALA C 266 28.78 -36.40 11.73
CA ALA C 266 28.19 -35.17 12.24
C ALA C 266 27.58 -34.37 11.07
N PRO C 267 26.49 -33.67 11.33
CA PRO C 267 25.80 -32.98 10.23
C PRO C 267 26.06 -31.49 10.22
N THR C 268 25.85 -30.89 9.05
CA THR C 268 25.94 -29.45 8.88
C THR C 268 24.55 -28.85 9.04
N ALA C 269 24.46 -27.78 9.82
CA ALA C 269 23.18 -27.15 10.10
C ALA C 269 22.92 -26.03 9.09
N MET C 270 21.65 -25.85 8.73
CA MET C 270 21.32 -24.78 7.81
C MET C 270 19.89 -24.34 8.06
N PHE C 271 19.60 -23.10 7.68
CA PHE C 271 18.25 -22.56 7.76
C PHE C 271 17.45 -22.97 6.54
N MET C 272 16.15 -23.14 6.74
CA MET C 272 15.20 -23.25 5.64
C MET C 272 14.14 -22.17 5.82
N HIS C 273 14.24 -21.11 5.01
CA HIS C 273 13.32 -19.98 5.12
C HIS C 273 12.19 -20.16 4.13
N SER C 274 11.18 -19.31 4.24
CA SER C 274 9.96 -19.46 3.45
C SER C 274 10.24 -19.26 1.97
N GLY C 275 9.81 -20.24 1.15
CA GLY C 275 10.08 -20.26 -0.28
C GLY C 275 11.37 -20.95 -0.67
N ASP C 276 12.22 -21.32 0.28
CA ASP C 276 13.46 -22.03 -0.04
C ASP C 276 13.18 -23.41 -0.62
N ILE C 277 14.08 -23.86 -1.51
CA ILE C 277 13.93 -25.12 -2.23
C ILE C 277 15.23 -25.90 -2.09
N MET C 278 15.13 -27.16 -1.63
CA MET C 278 16.27 -28.08 -1.56
C MET C 278 16.09 -29.20 -2.57
N VAL C 279 17.16 -29.54 -3.25
CA VAL C 279 17.19 -30.65 -4.20
C VAL C 279 18.28 -31.58 -3.73
N MET C 280 17.90 -32.78 -3.28
CA MET C 280 18.86 -33.77 -2.79
C MET C 280 19.13 -34.75 -3.92
N SER C 281 20.19 -34.51 -4.67
CA SER C 281 20.46 -35.32 -5.85
C SER C 281 21.83 -35.98 -5.77
N GLY C 282 22.02 -36.99 -6.62
CA GLY C 282 23.32 -37.62 -6.76
C GLY C 282 23.78 -38.19 -5.45
N PHE C 283 25.00 -37.83 -5.03
CA PHE C 283 25.59 -38.43 -3.83
C PHE C 283 24.79 -38.08 -2.57
N SER C 284 24.10 -36.94 -2.56
CA SER C 284 23.38 -36.50 -1.37
C SER C 284 22.01 -37.16 -1.21
N ARG C 285 21.55 -37.89 -2.23
CA ARG C 285 20.18 -38.39 -2.24
C ARG C 285 19.88 -39.32 -1.07
N LEU C 286 20.89 -40.01 -0.54
CA LEU C 286 20.66 -41.03 0.48
C LEU C 286 21.29 -40.66 1.82
N LEU C 287 21.60 -39.37 2.00
CA LEU C 287 22.15 -38.85 3.25
C LEU C 287 21.08 -38.77 4.34
N ASN C 288 21.52 -38.97 5.58
CA ASN C 288 20.67 -38.76 6.73
C ASN C 288 20.40 -37.28 6.95
N HIS C 289 19.27 -36.97 7.57
CA HIS C 289 18.87 -35.60 7.78
C HIS C 289 17.74 -35.57 8.78
N ALA C 290 17.54 -34.41 9.40
CA ALA C 290 16.46 -34.23 10.36
C ALA C 290 16.08 -32.77 10.38
N VAL C 291 14.93 -32.48 10.98
CA VAL C 291 14.58 -31.11 11.29
C VAL C 291 14.45 -31.02 12.80
N PRO C 292 15.51 -30.60 13.52
CA PRO C 292 15.41 -30.49 15.00
C PRO C 292 14.56 -29.35 15.48
N ARG C 293 14.34 -28.31 14.68
CA ARG C 293 13.70 -27.11 15.19
C ARG C 293 12.97 -26.35 14.09
N VAL C 294 11.73 -25.99 14.37
CA VAL C 294 11.05 -24.88 13.72
C VAL C 294 11.15 -23.68 14.66
N LEU C 295 11.74 -22.56 14.17
CA LEU C 295 11.93 -21.42 15.07
C LEU C 295 10.78 -20.43 14.93
N PRO C 296 10.33 -19.82 16.02
CA PRO C 296 9.27 -18.81 15.93
C PRO C 296 9.81 -17.52 15.32
N HIS C 297 8.88 -16.73 14.78
CA HIS C 297 9.27 -15.44 14.20
C HIS C 297 9.91 -14.58 15.28
N PRO C 298 10.90 -13.73 14.91
CA PRO C 298 11.67 -13.02 15.94
C PRO C 298 10.87 -12.04 16.79
N ASP C 299 9.82 -11.44 16.23
CA ASP C 299 8.94 -10.54 16.97
C ASP C 299 7.69 -11.22 17.46
N GLY C 300 7.66 -12.56 17.46
CA GLY C 300 6.52 -13.30 17.94
C GLY C 300 5.75 -14.01 16.85
N GLU C 301 4.41 -13.91 16.89
CA GLU C 301 3.53 -14.65 15.98
C GLU C 301 3.23 -13.75 14.77
N CYS C 302 4.20 -13.70 13.87
CA CYS C 302 4.13 -12.90 12.66
C CYS C 302 4.58 -13.74 11.47
N LEU C 303 4.21 -13.28 10.27
CA LEU C 303 4.74 -13.94 9.09
C LEU C 303 6.05 -13.30 8.69
N PRO C 304 6.97 -14.06 8.07
CA PRO C 304 8.13 -13.43 7.44
C PRO C 304 7.68 -12.47 6.34
N HIS C 305 8.58 -11.55 5.99
CA HIS C 305 8.19 -10.47 5.09
C HIS C 305 7.70 -10.98 3.74
N CYS C 306 8.32 -12.03 3.19
CA CYS C 306 7.92 -12.49 1.86
C CYS C 306 6.46 -12.95 1.81
N LEU C 307 5.91 -13.44 2.93
CA LEU C 307 4.52 -13.84 2.95
C LEU C 307 3.57 -12.67 3.16
N GLU C 308 4.09 -11.48 3.43
CA GLU C 308 3.24 -10.29 3.53
C GLU C 308 2.92 -9.69 2.17
N THR C 309 3.81 -9.86 1.20
CA THR C 309 3.58 -9.38 -0.16
C THR C 309 2.35 -10.05 -0.75
N PRO C 310 1.34 -9.30 -1.18
CA PRO C 310 0.14 -9.93 -1.73
C PRO C 310 0.39 -10.47 -3.14
N LEU C 311 -0.48 -11.43 -3.52
CA LEU C 311 -0.47 -12.03 -4.86
C LEU C 311 -0.58 -10.91 -5.89
N PRO C 312 -0.03 -11.10 -7.09
CA PRO C 312 -0.23 -10.07 -8.13
C PRO C 312 -1.71 -9.91 -8.44
N ALA C 313 -2.12 -8.65 -8.58
CA ALA C 313 -3.51 -8.35 -8.92
C ALA C 313 -3.89 -8.98 -10.25
N VAL C 314 -2.95 -9.00 -11.20
CA VAL C 314 -3.21 -9.45 -12.56
C VAL C 314 -2.33 -10.66 -12.83
N LEU C 315 -2.92 -11.75 -12.96
CA LEU C 315 -2.09 -12.92 -13.22
C LEU C 315 -1.94 -13.15 -14.71
N PRO C 316 -0.81 -13.70 -15.13
CA PRO C 316 -0.60 -13.99 -16.56
C PRO C 316 -1.66 -14.92 -17.10
N SER C 317 -1.67 -15.02 -18.42
CA SER C 317 -2.53 -15.97 -19.09
C SER C 317 -2.08 -17.39 -18.79
N ASN C 318 -3.06 -18.31 -18.75
CA ASN C 318 -2.76 -19.73 -18.58
C ASN C 318 -2.03 -20.03 -17.27
N SER C 319 -2.21 -19.18 -16.25
CA SER C 319 -1.41 -19.32 -15.05
C SER C 319 -1.87 -20.51 -14.22
N LEU C 320 -0.91 -21.18 -13.58
CA LEU C 320 -1.24 -22.20 -12.62
C LEU C 320 -1.37 -21.61 -11.22
N VAL C 321 -0.64 -20.53 -10.92
CA VAL C 321 -0.93 -19.74 -9.72
C VAL C 321 -2.31 -19.11 -9.86
N GLU C 322 -3.11 -19.19 -8.78
CA GLU C 322 -4.51 -18.74 -8.77
C GLU C 322 -4.70 -17.63 -7.73
N PRO C 323 -5.83 -16.91 -7.77
CA PRO C 323 -6.05 -15.87 -6.76
C PRO C 323 -6.48 -16.45 -5.43
N CYS C 324 -6.09 -15.75 -4.36
CA CYS C 324 -6.39 -16.17 -3.00
C CYS C 324 -7.30 -15.14 -2.33
N SER C 325 -8.52 -15.56 -1.98
CA SER C 325 -9.47 -14.67 -1.35
C SER C 325 -8.94 -14.23 0.03
N VAL C 326 -9.41 -13.07 0.48
CA VAL C 326 -9.01 -12.57 1.80
C VAL C 326 -9.45 -13.54 2.90
N GLU C 327 -10.64 -14.11 2.72
CA GLU C 327 -11.16 -15.12 3.63
C GLU C 327 -10.19 -16.29 3.73
N ASP C 328 -9.82 -16.87 2.59
CA ASP C 328 -8.87 -17.97 2.56
C ASP C 328 -7.53 -17.56 3.12
N TRP C 329 -7.00 -16.42 2.69
CA TRP C 329 -5.68 -16.03 3.16
C TRP C 329 -5.68 -15.75 4.66
N GLN C 330 -6.81 -15.31 5.22
CA GLN C 330 -6.86 -15.10 6.66
C GLN C 330 -6.58 -16.40 7.40
N VAL C 331 -7.16 -17.50 6.94
CA VAL C 331 -6.87 -18.80 7.54
C VAL C 331 -5.38 -19.12 7.40
N CYS C 332 -4.84 -19.04 6.17
CA CYS C 332 -3.44 -19.38 5.96
C CYS C 332 -2.53 -18.51 6.81
N ALA C 333 -2.76 -17.19 6.77
CA ALA C 333 -1.94 -16.26 7.52
C ALA C 333 -1.92 -16.62 9.00
N THR C 334 -3.08 -16.76 9.64
CA THR C 334 -3.06 -16.99 11.08
C THR C 334 -2.47 -18.37 11.43
N TYR C 335 -2.61 -19.34 10.53
CA TYR C 335 -1.99 -20.65 10.75
C TYR C 335 -0.48 -20.57 10.68
N LEU C 336 0.06 -19.89 9.65
CA LEU C 336 1.51 -19.85 9.45
C LEU C 336 2.23 -18.95 10.43
N ARG C 337 1.54 -18.15 11.25
CA ARG C 337 2.25 -17.39 12.27
C ARG C 337 2.97 -18.31 13.25
N THR C 338 2.51 -19.56 13.38
CA THR C 338 3.11 -20.53 14.28
C THR C 338 3.27 -21.90 13.62
N ALA C 339 3.51 -21.94 12.31
CA ALA C 339 3.59 -23.21 11.62
C ALA C 339 4.55 -23.12 10.43
N ARG C 340 4.94 -24.28 9.93
CA ARG C 340 5.78 -24.38 8.76
C ARG C 340 5.29 -25.56 7.94
N VAL C 341 5.17 -25.38 6.62
CA VAL C 341 4.77 -26.43 5.70
C VAL C 341 5.95 -26.84 4.86
N ASN C 342 6.15 -28.15 4.71
CA ASN C 342 7.20 -28.72 3.86
C ASN C 342 6.55 -29.59 2.79
N MET C 343 6.86 -29.34 1.53
CA MET C 343 6.47 -30.20 0.43
C MET C 343 7.69 -30.95 -0.09
N THR C 344 7.60 -32.28 -0.16
CA THR C 344 8.62 -33.06 -0.85
C THR C 344 7.99 -33.85 -1.97
N VAL C 345 8.66 -33.88 -3.13
CA VAL C 345 8.18 -34.56 -4.32
C VAL C 345 9.27 -35.52 -4.76
N ARG C 346 8.87 -36.76 -5.06
CA ARG C 346 9.79 -37.82 -5.43
C ARG C 346 9.31 -38.50 -6.70
N GLN C 347 10.27 -38.98 -7.49
CA GLN C 347 9.98 -39.96 -8.50
C GLN C 347 10.13 -41.32 -7.86
N VAL C 348 9.11 -42.17 -8.02
CA VAL C 348 9.09 -43.45 -7.33
C VAL C 348 9.70 -44.56 -8.18
N LEU C 349 9.37 -44.58 -9.47
CA LEU C 349 9.70 -45.67 -10.37
C LEU C 349 10.67 -45.20 -11.45
N ALA C 350 11.73 -45.98 -11.67
CA ALA C 350 12.57 -45.77 -12.85
C ALA C 350 11.74 -45.91 -14.13
N THR C 351 12.03 -45.06 -15.12
CA THR C 351 11.30 -45.15 -16.38
C THR C 351 11.52 -46.52 -17.03
N GLY C 352 10.44 -47.09 -17.57
CA GLY C 352 10.44 -48.45 -18.06
C GLY C 352 10.30 -49.51 -16.99
N GLN C 353 10.13 -49.11 -15.74
CA GLN C 353 10.00 -50.03 -14.61
C GLN C 353 8.58 -49.90 -14.04
N ASP C 354 8.04 -51.01 -13.56
CA ASP C 354 6.77 -51.03 -12.85
C ASP C 354 6.99 -51.73 -11.52
N PHE C 355 6.04 -51.57 -10.62
CA PHE C 355 6.07 -52.39 -9.42
C PHE C 355 5.88 -53.84 -9.84
N PRO C 356 6.78 -54.74 -9.44
CA PRO C 356 6.59 -56.16 -9.75
C PRO C 356 5.19 -56.62 -9.40
N LEU C 357 4.57 -57.36 -10.32
CA LEU C 357 3.35 -58.08 -9.99
C LEU C 357 3.67 -59.14 -8.94
N GLU C 358 2.66 -59.52 -8.17
CA GLU C 358 3.10 -60.36 -7.08
C GLU C 358 2.69 -61.80 -7.31
N PRO C 359 3.51 -62.77 -6.93
CA PRO C 359 3.28 -64.16 -7.31
C PRO C 359 2.50 -64.94 -6.23
N VAL C 360 2.10 -66.16 -6.62
CA VAL C 360 1.12 -66.98 -5.87
C VAL C 360 1.69 -67.91 -4.79
N ARG D 21 7.54 -14.77 -22.51
CA ARG D 21 6.89 -14.04 -21.43
C ARG D 21 5.94 -12.93 -21.98
N GLU D 22 4.66 -12.99 -21.61
CA GLU D 22 3.70 -11.97 -22.04
C GLU D 22 4.08 -10.62 -21.46
N ASP D 23 4.16 -9.59 -22.33
CA ASP D 23 4.65 -8.32 -21.83
C ASP D 23 3.57 -7.62 -21.02
N ALA D 24 3.99 -6.52 -20.36
CA ALA D 24 3.14 -5.91 -19.34
C ALA D 24 1.86 -5.34 -19.94
N PHE D 25 1.96 -4.70 -21.11
CA PHE D 25 0.79 -4.06 -21.70
C PHE D 25 -0.25 -5.09 -22.13
N ARG D 26 0.16 -6.10 -22.91
CA ARG D 26 -0.77 -7.15 -23.33
C ARG D 26 -1.42 -7.83 -22.13
N LYS D 27 -0.69 -7.90 -21.02
CA LYS D 27 -1.19 -8.55 -19.81
C LYS D 27 -2.33 -7.74 -19.19
N LEU D 28 -2.07 -6.44 -18.95
CA LEU D 28 -3.10 -5.55 -18.40
C LEU D 28 -4.26 -5.34 -19.37
N PHE D 29 -3.98 -5.29 -20.68
CA PHE D 29 -5.06 -5.16 -21.65
C PHE D 29 -5.97 -6.37 -21.63
N ARG D 30 -5.40 -7.58 -21.59
CA ARG D 30 -6.27 -8.74 -21.47
C ARG D 30 -7.02 -8.71 -20.16
N PHE D 31 -6.38 -8.25 -19.09
CA PHE D 31 -7.03 -8.27 -17.79
C PHE D 31 -8.27 -7.39 -17.77
N TYR D 32 -8.16 -6.15 -18.25
CA TYR D 32 -9.31 -5.27 -18.14
C TYR D 32 -10.38 -5.57 -19.17
N ARG D 33 -10.03 -6.26 -20.26
CA ARG D 33 -11.06 -6.64 -21.22
C ARG D 33 -12.03 -7.62 -20.60
N GLN D 34 -11.56 -8.46 -19.67
CA GLN D 34 -12.40 -9.46 -19.05
C GLN D 34 -12.82 -9.09 -17.64
N SER D 35 -12.39 -7.93 -17.13
CA SER D 35 -12.61 -7.56 -15.75
C SER D 35 -14.09 -7.54 -15.40
N ARG D 36 -14.38 -7.85 -14.13
CA ARG D 36 -15.74 -7.80 -13.62
C ARG D 36 -15.94 -6.49 -12.87
N PRO D 37 -16.82 -5.61 -13.33
CA PRO D 37 -16.99 -4.32 -12.67
C PRO D 37 -17.59 -4.46 -11.28
N GLY D 38 -17.42 -3.42 -10.48
CA GLY D 38 -17.89 -3.44 -9.11
C GLY D 38 -17.14 -4.36 -8.17
N THR D 39 -16.04 -4.97 -8.62
CA THR D 39 -15.25 -5.86 -7.80
C THR D 39 -13.85 -5.29 -7.64
N ALA D 40 -12.98 -6.06 -6.99
CA ALA D 40 -11.60 -5.62 -6.80
C ALA D 40 -10.81 -5.55 -8.09
N ASP D 41 -11.37 -5.99 -9.23
CA ASP D 41 -10.67 -5.93 -10.50
C ASP D 41 -10.31 -4.49 -10.89
N LEU D 42 -11.19 -3.54 -10.61
CA LEU D 42 -11.01 -2.14 -10.98
C LEU D 42 -10.38 -1.30 -9.87
N GLY D 43 -9.71 -1.93 -8.89
CA GLY D 43 -9.23 -1.21 -7.74
C GLY D 43 -8.03 -0.33 -8.03
N ALA D 44 -7.27 -0.63 -9.08
CA ALA D 44 -6.09 0.13 -9.44
C ALA D 44 -6.35 1.20 -10.50
N VAL D 45 -7.61 1.40 -10.89
CA VAL D 45 -7.97 2.28 -11.99
C VAL D 45 -8.18 3.68 -11.43
N ILE D 46 -7.47 4.67 -11.98
CA ILE D 46 -7.56 6.03 -11.49
C ILE D 46 -8.88 6.66 -11.95
N ASP D 47 -9.59 7.28 -11.03
CA ASP D 47 -10.78 8.07 -11.37
C ASP D 47 -10.48 9.54 -11.05
N PHE D 48 -10.11 10.30 -12.09
CA PHE D 48 -9.86 11.72 -11.94
C PHE D 48 -11.10 12.47 -11.47
N SER D 49 -12.29 12.01 -11.84
CA SER D 49 -13.51 12.66 -11.37
C SER D 49 -13.66 12.59 -9.86
N GLU D 50 -13.00 11.64 -9.21
CA GLU D 50 -13.09 11.46 -7.78
C GLU D 50 -11.87 12.00 -7.05
N ALA D 51 -10.92 12.63 -7.77
CA ALA D 51 -9.69 13.07 -7.13
C ALA D 51 -9.96 14.16 -6.09
N HIS D 52 -10.88 15.09 -6.39
CA HIS D 52 -11.13 16.19 -5.46
C HIS D 52 -11.74 15.70 -4.15
N LEU D 53 -12.38 14.54 -4.13
CA LEU D 53 -13.03 14.01 -2.93
C LEU D 53 -12.14 13.05 -2.13
N ALA D 54 -10.92 12.82 -2.57
CA ALA D 54 -10.06 11.83 -1.92
C ALA D 54 -9.65 12.30 -0.53
N ARG D 55 -9.83 11.43 0.46
CA ARG D 55 -9.39 11.77 1.82
C ARG D 55 -7.87 11.72 1.95
N SER D 56 -7.21 10.87 1.16
CA SER D 56 -5.77 10.77 1.13
C SER D 56 -5.36 10.25 -0.25
N PRO D 57 -4.12 10.49 -0.67
CA PRO D 57 -3.70 10.04 -2.01
C PRO D 57 -3.85 8.53 -2.19
N LYS D 58 -4.56 8.15 -3.26
CA LYS D 58 -4.87 6.75 -3.55
C LYS D 58 -3.59 5.92 -3.61
N PRO D 59 -3.56 4.76 -2.98
CA PRO D 59 -2.32 3.97 -2.94
C PRO D 59 -2.18 3.10 -4.18
N GLY D 60 -0.91 2.79 -4.50
CA GLY D 60 -0.57 1.81 -5.51
C GLY D 60 -0.65 2.27 -6.95
N VAL D 61 -0.98 3.54 -7.19
CA VAL D 61 -1.04 4.07 -8.55
C VAL D 61 -0.15 5.30 -8.61
N PRO D 62 0.33 5.67 -9.82
CA PRO D 62 1.05 6.95 -9.97
C PRO D 62 0.27 8.09 -9.38
N GLN D 63 0.90 9.19 -9.03
CA GLN D 63 0.19 10.18 -8.22
C GLN D 63 -0.47 11.24 -9.08
N VAL D 64 -1.74 11.47 -8.79
CA VAL D 64 -2.57 12.46 -9.47
C VAL D 64 -2.22 13.84 -8.90
N VAL D 65 -1.53 14.65 -9.68
CA VAL D 65 -1.21 16.02 -9.32
C VAL D 65 -2.03 16.96 -10.19
N ARG D 66 -2.45 18.10 -9.61
CA ARG D 66 -3.26 19.03 -10.39
C ARG D 66 -2.37 19.89 -11.26
N PHE D 67 -2.92 20.33 -12.38
CA PHE D 67 -2.19 21.06 -13.42
C PHE D 67 -2.86 22.40 -13.57
N PRO D 68 -2.19 23.50 -13.21
CA PRO D 68 -2.83 24.81 -13.29
C PRO D 68 -2.98 25.25 -14.73
N LEU D 69 -4.20 25.59 -15.11
CA LEU D 69 -4.48 26.19 -16.41
C LEU D 69 -4.32 27.70 -16.29
N ASN D 70 -4.08 28.36 -17.43
CA ASN D 70 -4.17 29.81 -17.43
C ASN D 70 -5.61 30.14 -17.74
N VAL D 71 -6.35 30.55 -16.70
CA VAL D 71 -7.80 30.74 -16.74
C VAL D 71 -8.14 32.02 -17.50
N SER D 72 -7.12 32.76 -17.92
CA SER D 72 -7.30 33.98 -18.69
C SER D 72 -7.09 33.80 -20.18
N SER D 73 -6.57 32.65 -20.62
CA SER D 73 -6.30 32.48 -22.04
C SER D 73 -7.57 32.32 -22.88
N VAL D 74 -8.70 32.02 -22.25
CA VAL D 74 -9.96 31.82 -22.95
C VAL D 74 -11.04 32.59 -22.22
N THR D 75 -11.72 33.49 -22.92
CA THR D 75 -12.72 34.31 -22.26
C THR D 75 -13.94 33.47 -21.94
N GLU D 76 -14.67 33.91 -20.91
CA GLU D 76 -15.85 33.17 -20.50
C GLU D 76 -16.89 33.12 -21.62
N ARG D 77 -16.96 34.16 -22.45
CA ARG D 77 -17.93 34.15 -23.54
C ARG D 77 -17.59 33.09 -24.56
N ASP D 78 -16.30 32.88 -24.81
CA ASP D 78 -15.89 31.90 -25.81
C ASP D 78 -16.01 30.48 -25.29
N ALA D 79 -15.63 30.24 -24.02
CA ALA D 79 -15.89 28.94 -23.40
C ALA D 79 -17.36 28.58 -23.48
N GLU D 80 -18.23 29.56 -23.30
CA GLU D 80 -19.65 29.30 -23.31
C GLU D 80 -20.18 29.00 -24.71
N ARG D 81 -19.60 29.65 -25.73
CA ARG D 81 -20.07 29.46 -27.11
C ARG D 81 -20.07 28.00 -27.53
N VAL D 82 -19.11 27.21 -27.01
CA VAL D 82 -18.98 25.80 -27.35
C VAL D 82 -19.41 24.90 -26.20
N GLY D 83 -20.07 25.46 -25.18
CA GLY D 83 -20.67 24.65 -24.14
C GLY D 83 -19.76 24.28 -23.00
N LEU D 84 -18.69 25.03 -22.78
CA LEU D 84 -17.74 24.72 -21.73
C LEU D 84 -17.96 25.65 -20.55
N GLU D 85 -17.77 25.11 -19.34
CA GLU D 85 -17.64 25.94 -18.16
C GLU D 85 -16.51 26.95 -18.35
N PRO D 86 -16.46 27.99 -17.52
CA PRO D 86 -15.29 28.87 -17.53
C PRO D 86 -14.06 28.07 -17.12
N VAL D 87 -12.92 28.40 -17.73
CA VAL D 87 -11.69 27.67 -17.44
C VAL D 87 -11.36 27.70 -15.96
N SER D 88 -11.77 28.75 -15.25
CA SER D 88 -11.54 28.83 -13.81
C SER D 88 -12.31 27.77 -13.02
N LYS D 89 -13.40 27.23 -13.56
CA LYS D 89 -14.08 26.12 -12.92
C LYS D 89 -13.55 24.74 -13.34
N TRP D 90 -12.57 24.66 -14.26
CA TRP D 90 -12.02 23.38 -14.71
C TRP D 90 -11.06 22.80 -13.68
N ARG D 91 -11.15 21.50 -13.46
CA ARG D 91 -10.12 20.80 -12.70
C ARG D 91 -9.28 20.00 -13.68
N ALA D 92 -8.01 20.38 -13.84
CA ALA D 92 -7.08 19.69 -14.73
C ALA D 92 -6.04 18.97 -13.90
N TYR D 93 -5.70 17.75 -14.34
CA TYR D 93 -4.79 16.88 -13.61
C TYR D 93 -3.71 16.38 -14.56
N GLY D 94 -2.54 16.11 -13.98
CA GLY D 94 -1.52 15.33 -14.63
C GLY D 94 -1.17 14.14 -13.76
N LEU D 95 -0.35 13.26 -14.30
CA LEU D 95 0.12 12.07 -13.61
C LEU D 95 1.64 12.13 -13.50
N GLU D 96 2.17 11.83 -12.32
CA GLU D 96 3.61 11.68 -12.15
C GLU D 96 4.17 10.65 -13.12
N GLY D 97 5.29 11.00 -13.75
CA GLY D 97 5.96 10.12 -14.68
C GLY D 97 5.40 10.13 -16.09
N TYR D 98 4.40 10.97 -16.37
CA TYR D 98 3.87 11.18 -17.72
C TYR D 98 3.73 12.68 -17.92
N PRO D 99 4.84 13.39 -18.01
CA PRO D 99 4.75 14.84 -18.23
C PRO D 99 4.09 15.12 -19.56
N GLY D 100 3.27 16.17 -19.59
CA GLY D 100 2.50 16.52 -20.75
C GLY D 100 1.14 15.87 -20.84
N PHE D 101 0.89 14.81 -20.08
CA PHE D 101 -0.45 14.20 -20.07
C PHE D 101 -1.37 15.06 -19.21
N ILE D 102 -2.44 15.58 -19.81
CA ILE D 102 -3.41 16.43 -19.11
C ILE D 102 -4.77 15.74 -19.17
N PHE D 103 -5.45 15.66 -18.02
CA PHE D 103 -6.79 15.08 -17.91
C PHE D 103 -7.73 16.10 -17.31
N ILE D 104 -8.85 16.35 -17.97
CA ILE D 104 -9.84 17.28 -17.46
C ILE D 104 -11.18 16.57 -17.31
N PRO D 105 -11.61 16.23 -16.09
CA PRO D 105 -12.95 15.65 -15.94
C PRO D 105 -14.01 16.61 -16.43
N ASN D 106 -15.07 16.05 -17.03
CA ASN D 106 -16.22 16.75 -17.62
C ASN D 106 -16.31 18.24 -17.32
N PRO D 107 -15.83 19.12 -18.22
CA PRO D 107 -15.95 20.56 -17.95
C PRO D 107 -17.06 21.21 -18.76
N PHE D 108 -18.02 20.39 -19.21
CA PHE D 108 -19.11 20.89 -20.04
C PHE D 108 -20.22 21.49 -19.19
N LEU D 109 -20.79 22.59 -19.67
CA LEU D 109 -21.98 23.16 -19.07
C LEU D 109 -23.11 22.13 -19.12
N PRO D 110 -24.01 22.15 -18.14
CA PRO D 110 -25.00 21.08 -18.03
C PRO D 110 -25.85 20.96 -19.28
N GLY D 111 -26.06 19.72 -19.71
CA GLY D 111 -26.77 19.42 -20.95
C GLY D 111 -26.00 19.71 -22.21
N CYS D 112 -24.87 20.40 -22.14
CA CYS D 112 -24.17 20.77 -23.35
C CYS D 112 -23.39 19.65 -24.00
N GLN D 113 -23.19 18.51 -23.31
CA GLN D 113 -22.69 17.35 -24.03
C GLN D 113 -23.67 16.87 -25.09
N ARG D 114 -24.96 17.23 -24.96
CA ARG D 114 -25.94 16.70 -25.90
C ARG D 114 -25.73 17.25 -27.29
N HIS D 115 -25.27 18.49 -27.40
CA HIS D 115 -24.96 19.04 -28.72
C HIS D 115 -23.88 18.21 -29.40
N TRP D 116 -22.75 18.02 -28.71
CA TRP D 116 -21.60 17.37 -29.32
C TRP D 116 -21.90 15.91 -29.62
N VAL D 117 -22.68 15.26 -28.76
CA VAL D 117 -23.13 13.89 -29.04
C VAL D 117 -23.96 13.85 -30.32
N LYS D 118 -24.91 14.78 -30.46
CA LYS D 118 -25.74 14.81 -31.65
C LYS D 118 -24.90 15.05 -32.90
N GLN D 119 -23.91 15.95 -32.81
CA GLN D 119 -23.07 16.23 -33.96
C GLN D 119 -22.34 14.97 -34.43
N CYS D 120 -21.76 14.23 -33.47
CA CYS D 120 -21.03 13.03 -33.81
C CYS D 120 -21.94 11.98 -34.40
N LEU D 121 -23.16 11.84 -33.87
CA LEU D 121 -24.02 10.75 -34.33
C LEU D 121 -24.76 11.13 -35.61
N LYS D 122 -25.24 12.38 -35.71
CA LYS D 122 -26.12 12.77 -36.81
C LYS D 122 -25.44 13.57 -37.93
N LEU D 123 -24.52 14.48 -37.61
CA LEU D 123 -23.97 15.37 -38.63
C LEU D 123 -22.63 14.87 -39.16
N TYR D 124 -21.65 14.68 -38.27
CA TYR D 124 -20.31 14.30 -38.66
C TYR D 124 -20.28 12.97 -39.38
N SER D 125 -21.27 12.13 -39.19
CA SER D 125 -21.26 10.83 -39.84
C SER D 125 -21.65 10.92 -41.31
N GLN D 126 -22.18 12.04 -41.77
CA GLN D 126 -22.68 12.14 -43.13
C GLN D 126 -21.58 12.52 -44.09
N LYS D 127 -21.72 12.07 -45.33
CA LYS D 127 -20.99 12.66 -46.44
C LYS D 127 -21.12 14.18 -46.36
N PRO D 128 -20.05 14.95 -46.64
CA PRO D 128 -18.82 14.48 -47.28
C PRO D 128 -17.67 14.00 -46.36
N ASN D 129 -17.88 13.83 -45.07
CA ASN D 129 -16.89 13.13 -44.27
C ASN D 129 -16.84 11.64 -44.66
N VAL D 130 -15.85 10.91 -44.14
CA VAL D 130 -15.62 9.50 -44.50
C VAL D 130 -15.83 8.61 -43.27
N CYS D 131 -16.53 7.50 -43.47
CA CYS D 131 -16.77 6.57 -42.36
C CYS D 131 -16.54 5.14 -42.83
N ASN D 132 -16.52 4.22 -41.85
CA ASN D 132 -16.18 2.82 -42.09
C ASN D 132 -17.18 2.12 -42.98
N LEU D 133 -18.42 2.63 -43.05
CA LEU D 133 -19.45 2.02 -43.89
C LEU D 133 -19.19 2.24 -45.39
N ASP D 134 -18.30 3.17 -45.76
CA ASP D 134 -18.25 3.59 -47.16
C ASP D 134 -17.57 2.57 -48.06
N LYS D 135 -16.69 1.73 -47.50
CA LYS D 135 -15.96 0.77 -48.33
C LYS D 135 -16.90 -0.24 -49.00
N HIS D 136 -17.97 -0.65 -48.33
CA HIS D 136 -18.88 -1.65 -48.90
C HIS D 136 -20.32 -1.16 -49.01
N MET D 137 -20.59 0.12 -48.76
CA MET D 137 -21.95 0.62 -48.89
C MET D 137 -21.97 1.90 -49.72
N THR D 138 -22.86 1.93 -50.70
CA THR D 138 -23.09 3.12 -51.51
C THR D 138 -23.65 4.25 -50.65
N LYS D 139 -23.56 5.45 -51.20
CA LYS D 139 -24.01 6.63 -50.47
C LYS D 139 -25.51 6.61 -50.27
N GLU D 140 -26.26 6.15 -51.26
CA GLU D 140 -27.71 6.08 -51.08
C GLU D 140 -28.04 5.19 -49.89
N GLU D 141 -27.36 4.05 -49.76
CA GLU D 141 -27.54 3.19 -48.59
C GLU D 141 -27.23 3.94 -47.31
N THR D 142 -26.00 4.40 -47.15
CA THR D 142 -25.56 5.00 -45.89
C THR D 142 -26.26 6.31 -45.56
N GLN D 143 -26.83 7.01 -46.56
CA GLN D 143 -27.35 8.35 -46.27
C GLN D 143 -28.62 8.31 -45.44
N GLY D 144 -29.34 7.20 -45.44
CA GLY D 144 -30.54 7.09 -44.63
C GLY D 144 -30.31 6.73 -43.19
N LEU D 145 -29.05 6.70 -42.75
CA LEU D 145 -28.67 6.30 -41.40
C LEU D 145 -29.58 6.87 -40.33
N TRP D 146 -29.78 8.19 -40.35
CA TRP D 146 -30.47 8.82 -39.23
C TRP D 146 -31.97 8.55 -39.29
N GLU D 147 -32.55 8.58 -40.50
CA GLU D 147 -33.98 8.36 -40.62
C GLU D 147 -34.35 6.96 -40.16
N GLN D 148 -33.52 5.99 -40.53
CA GLN D 148 -33.74 4.59 -40.16
C GLN D 148 -33.81 4.44 -38.64
N SER D 149 -32.88 5.07 -37.94
CA SER D 149 -32.86 4.93 -36.49
C SER D 149 -34.03 5.66 -35.85
N LYS D 150 -34.57 6.69 -36.49
CA LYS D 150 -35.75 7.35 -35.95
C LYS D 150 -36.99 6.48 -36.15
N GLU D 151 -37.09 5.78 -37.28
CA GLU D 151 -38.27 4.98 -37.59
C GLU D 151 -38.40 3.79 -36.65
N VAL D 152 -37.27 3.18 -36.27
CA VAL D 152 -37.30 2.07 -35.34
C VAL D 152 -37.97 2.46 -34.04
N LEU D 153 -37.66 3.67 -33.54
CA LEU D 153 -38.27 4.16 -32.30
C LEU D 153 -39.76 4.46 -32.47
N ARG D 154 -40.25 4.55 -33.70
CA ARG D 154 -41.66 4.80 -33.96
C ARG D 154 -42.48 3.51 -34.06
N SER D 155 -41.85 2.34 -33.90
CA SER D 155 -42.58 1.09 -33.99
C SER D 155 -43.70 1.04 -32.96
N LYS D 156 -44.84 0.48 -33.37
CA LYS D 156 -45.96 0.18 -32.48
C LYS D 156 -45.81 -1.15 -31.76
N GLU D 157 -44.87 -2.00 -32.18
CA GLU D 157 -44.65 -3.31 -31.58
C GLU D 157 -43.47 -3.27 -30.60
N VAL D 158 -43.42 -4.28 -29.72
CA VAL D 158 -42.36 -4.34 -28.71
C VAL D 158 -41.02 -4.57 -29.40
N THR D 159 -39.94 -4.10 -28.76
CA THR D 159 -38.61 -4.16 -29.36
C THR D 159 -38.20 -5.60 -29.61
N LYS D 160 -37.94 -5.92 -30.88
CA LYS D 160 -37.59 -7.28 -31.31
C LYS D 160 -36.08 -7.46 -31.36
N ARG D 161 -35.66 -8.72 -31.42
CA ARG D 161 -34.32 -9.07 -31.86
C ARG D 161 -34.24 -8.75 -33.34
N ARG D 162 -33.41 -7.77 -33.70
CA ARG D 162 -33.29 -7.35 -35.10
C ARG D 162 -31.83 -7.00 -35.42
N PRO D 163 -31.46 -7.07 -36.70
CA PRO D 163 -30.07 -6.75 -37.06
C PRO D 163 -29.72 -5.29 -36.81
N ARG D 164 -28.41 -5.05 -36.68
CA ARG D 164 -27.90 -3.71 -36.38
C ARG D 164 -28.34 -2.71 -37.43
N SER D 165 -28.87 -1.58 -36.99
CA SER D 165 -29.08 -0.42 -37.86
C SER D 165 -27.77 0.05 -38.51
N LEU D 166 -27.85 1.06 -39.38
CA LEU D 166 -26.63 1.67 -39.91
C LEU D 166 -25.87 2.38 -38.79
N LEU D 167 -26.60 3.18 -37.99
CA LEU D 167 -26.01 3.85 -36.83
C LEU D 167 -25.27 2.87 -35.93
N GLU D 168 -25.84 1.69 -35.68
CA GLU D 168 -25.15 0.76 -34.81
C GLU D 168 -23.95 0.13 -35.49
N ARG D 169 -23.83 0.25 -36.80
CA ARG D 169 -22.70 -0.29 -37.52
C ARG D 169 -21.55 0.69 -37.67
N LEU D 170 -21.75 1.95 -37.28
CA LEU D 170 -20.68 2.93 -37.30
C LEU D 170 -19.54 2.49 -36.39
N ARG D 171 -18.33 2.58 -36.88
CA ARG D 171 -17.13 2.32 -36.09
C ARG D 171 -16.16 3.50 -36.07
N TRP D 172 -15.92 4.15 -37.22
CA TRP D 172 -15.07 5.34 -37.28
C TRP D 172 -15.59 6.33 -38.32
N VAL D 173 -15.33 7.59 -38.03
CA VAL D 173 -15.51 8.71 -38.94
C VAL D 173 -14.21 9.52 -38.94
N THR D 174 -13.76 9.93 -40.12
CA THR D 174 -12.63 10.85 -40.19
C THR D 174 -13.09 12.20 -40.72
N LEU D 175 -12.41 13.26 -40.26
CA LEU D 175 -12.67 14.64 -40.61
C LEU D 175 -11.37 15.33 -41.04
N GLY D 176 -11.50 16.40 -41.84
CA GLY D 176 -10.33 17.18 -42.26
C GLY D 176 -9.45 16.42 -43.22
N TYR D 177 -8.18 16.25 -42.90
CA TYR D 177 -7.34 15.32 -43.66
C TYR D 177 -7.68 13.90 -43.21
N HIS D 178 -8.22 13.11 -44.13
CA HIS D 178 -8.71 11.79 -43.82
C HIS D 178 -7.55 10.81 -43.65
N TYR D 179 -7.38 10.29 -42.45
CA TYR D 179 -6.39 9.27 -42.22
C TYR D 179 -6.63 8.07 -43.13
N ASN D 180 -5.58 7.64 -43.82
CA ASN D 180 -5.65 6.45 -44.66
C ASN D 180 -5.26 5.26 -43.81
N TRP D 181 -6.18 4.31 -43.66
CA TRP D 181 -5.95 3.21 -42.71
C TRP D 181 -4.94 2.21 -43.25
N ASP D 182 -4.85 2.07 -44.58
CA ASP D 182 -3.92 1.13 -45.18
C ASP D 182 -2.47 1.62 -45.04
N SER D 183 -2.18 2.83 -45.55
CA SER D 183 -0.82 3.34 -45.58
C SER D 183 -0.38 4.00 -44.29
N LYS D 184 -1.25 4.08 -43.28
CA LYS D 184 -1.01 4.84 -42.06
C LYS D 184 -0.39 6.21 -42.36
N LYS D 185 -1.03 6.94 -43.29
CA LYS D 185 -0.55 8.27 -43.64
C LYS D 185 -1.71 9.18 -44.03
N TYR D 186 -1.51 10.48 -43.85
CA TYR D 186 -2.38 11.54 -44.34
C TYR D 186 -1.84 12.07 -45.67
N SER D 187 -2.72 12.75 -46.41
CA SER D 187 -2.36 13.29 -47.70
C SER D 187 -3.29 14.45 -48.04
N ALA D 188 -2.75 15.41 -48.78
CA ALA D 188 -3.56 16.52 -49.27
C ALA D 188 -4.56 16.07 -50.32
N ASP D 189 -4.42 14.85 -50.84
CA ASP D 189 -5.33 14.31 -51.84
C ASP D 189 -6.70 13.96 -51.27
N HIS D 190 -6.81 13.73 -49.97
CA HIS D 190 -8.06 13.33 -49.33
C HIS D 190 -8.32 14.28 -48.17
N TYR D 191 -9.25 15.20 -48.37
CA TYR D 191 -9.52 16.27 -47.41
C TYR D 191 -10.97 16.71 -47.53
N THR D 192 -11.64 16.85 -46.41
CA THR D 192 -12.92 17.53 -46.29
C THR D 192 -12.76 18.69 -45.31
N PRO D 193 -13.39 19.83 -45.57
CA PRO D 193 -13.26 20.94 -44.61
C PRO D 193 -13.64 20.48 -43.20
N PHE D 194 -12.74 20.72 -42.25
CA PHE D 194 -12.96 20.32 -40.87
C PHE D 194 -14.09 21.14 -40.25
N PRO D 195 -14.99 20.49 -39.51
CA PRO D 195 -16.15 21.21 -38.95
C PRO D 195 -15.73 22.35 -38.06
N SER D 196 -16.29 23.55 -38.34
CA SER D 196 -15.82 24.76 -37.65
C SER D 196 -16.21 24.79 -36.18
N ASP D 197 -17.31 24.15 -35.79
CA ASP D 197 -17.66 24.20 -34.37
C ASP D 197 -16.74 23.29 -33.56
N LEU D 198 -16.45 22.09 -34.05
CA LEU D 198 -15.46 21.24 -33.39
C LEU D 198 -14.08 21.90 -33.43
N ALA D 199 -13.78 22.59 -34.52
CA ALA D 199 -12.51 23.34 -34.59
C ALA D 199 -12.44 24.37 -33.48
N PHE D 200 -13.49 25.17 -33.31
CA PHE D 200 -13.49 26.20 -32.26
C PHE D 200 -13.41 25.58 -30.86
N LEU D 201 -14.16 24.49 -30.62
CA LEU D 201 -14.08 23.77 -29.35
C LEU D 201 -12.66 23.27 -29.08
N SER D 202 -12.01 22.67 -30.09
CA SER D 202 -10.67 22.14 -29.93
C SER D 202 -9.68 23.25 -29.59
N GLU D 203 -9.77 24.37 -30.29
CA GLU D 203 -8.91 25.51 -30.04
C GLU D 203 -9.03 26.00 -28.60
N GLN D 204 -10.26 26.15 -28.08
CA GLN D 204 -10.43 26.61 -26.69
C GLN D 204 -9.76 25.64 -25.72
N VAL D 205 -10.01 24.34 -25.87
CA VAL D 205 -9.39 23.37 -24.97
C VAL D 205 -7.87 23.49 -25.05
N ALA D 206 -7.34 23.64 -26.27
CA ALA D 206 -5.89 23.70 -26.44
C ALA D 206 -5.32 25.01 -25.91
N THR D 207 -6.00 26.13 -26.16
CA THR D 207 -5.56 27.40 -25.58
C THR D 207 -5.49 27.32 -24.05
N ALA D 208 -6.56 26.79 -23.42
CA ALA D 208 -6.61 26.72 -21.97
C ALA D 208 -5.52 25.82 -21.38
N CYS D 209 -4.94 24.93 -22.18
CA CYS D 209 -3.86 24.06 -21.71
C CYS D 209 -2.48 24.59 -22.09
N GLY D 210 -2.38 25.83 -22.57
CA GLY D 210 -1.10 26.39 -22.92
C GLY D 210 -0.63 26.06 -24.32
N PHE D 211 -1.55 25.91 -25.28
CA PHE D 211 -1.22 25.55 -26.65
C PHE D 211 -2.05 26.37 -27.63
N GLN D 212 -1.87 27.68 -27.61
CA GLN D 212 -2.57 28.49 -28.58
C GLN D 212 -1.95 28.30 -29.96
N GLY D 213 -2.67 28.75 -30.98
CA GLY D 213 -2.25 28.45 -32.34
C GLY D 213 -2.60 27.06 -32.82
N PHE D 214 -3.28 26.26 -32.00
CA PHE D 214 -3.67 24.91 -32.41
C PHE D 214 -4.57 24.93 -33.63
N GLN D 215 -4.24 24.11 -34.61
CA GLN D 215 -4.98 23.99 -35.87
C GLN D 215 -5.65 22.62 -35.89
N ALA D 216 -6.98 22.60 -35.84
CA ALA D 216 -7.74 21.37 -35.95
C ALA D 216 -7.77 20.97 -37.42
N GLU D 217 -6.95 19.96 -37.78
CA GLU D 217 -6.79 19.56 -39.17
C GLU D 217 -7.22 18.13 -39.44
N ALA D 218 -7.12 17.23 -38.47
CA ALA D 218 -7.57 15.85 -38.64
C ALA D 218 -8.40 15.44 -37.45
N GLY D 219 -9.59 14.93 -37.72
CA GLY D 219 -10.43 14.28 -36.72
C GLY D 219 -10.50 12.79 -36.97
N ILE D 220 -10.43 12.02 -35.89
CA ILE D 220 -10.81 10.61 -35.91
C ILE D 220 -11.83 10.39 -34.80
N LEU D 221 -13.03 10.02 -35.20
CA LEU D 221 -14.13 9.74 -34.29
C LEU D 221 -14.31 8.24 -34.21
N ASN D 222 -14.33 7.69 -33.00
CA ASN D 222 -14.51 6.25 -32.79
C ASN D 222 -15.86 5.98 -32.14
N TYR D 223 -16.56 4.98 -32.64
CA TYR D 223 -17.88 4.60 -32.10
C TYR D 223 -17.79 3.19 -31.53
N TYR D 224 -17.86 3.10 -30.19
CA TYR D 224 -17.71 1.84 -29.46
C TYR D 224 -19.04 1.25 -29.05
N ARG D 225 -19.20 -0.06 -29.25
CA ARG D 225 -20.20 -0.84 -28.55
C ARG D 225 -19.63 -1.30 -27.21
N LEU D 226 -20.43 -2.01 -26.41
CA LEU D 226 -19.93 -2.47 -25.11
C LEU D 226 -18.85 -3.53 -25.27
N ASP D 227 -18.85 -4.27 -26.38
CA ASP D 227 -17.83 -5.28 -26.61
C ASP D 227 -16.68 -4.77 -27.49
N SER D 228 -16.66 -3.48 -27.82
CA SER D 228 -15.62 -2.94 -28.68
C SER D 228 -14.33 -2.66 -27.90
N THR D 229 -13.21 -2.65 -28.62
CA THR D 229 -11.91 -2.32 -28.05
C THR D 229 -11.10 -1.51 -29.04
N LEU D 230 -10.01 -0.91 -28.56
CA LEU D 230 -9.01 -0.29 -29.41
C LEU D 230 -7.67 -0.77 -28.91
N GLY D 231 -6.91 -1.42 -29.77
CA GLY D 231 -5.68 -2.06 -29.37
C GLY D 231 -4.57 -1.08 -29.11
N ILE D 232 -3.45 -1.65 -28.67
CA ILE D 232 -2.26 -0.86 -28.31
C ILE D 232 -1.68 -0.23 -29.57
N HIS D 233 -1.34 1.07 -29.48
CA HIS D 233 -0.90 1.86 -30.62
C HIS D 233 -0.29 3.17 -30.13
N VAL D 234 0.46 3.83 -31.01
CA VAL D 234 0.84 5.22 -30.81
C VAL D 234 0.40 6.02 -32.03
N ASP D 235 -0.02 7.26 -31.79
CA ASP D 235 -0.52 8.18 -32.81
C ASP D 235 0.66 8.98 -33.33
N ARG D 236 1.33 8.47 -34.36
CA ARG D 236 2.50 9.14 -34.91
C ARG D 236 2.37 9.55 -36.38
N SER D 237 1.20 9.33 -36.99
CA SER D 237 1.07 9.58 -38.42
C SER D 237 1.06 11.07 -38.74
N GLU D 238 0.79 11.92 -37.76
CA GLU D 238 0.94 13.34 -37.94
C GLU D 238 2.41 13.67 -38.18
N LEU D 239 2.66 14.73 -38.96
CA LEU D 239 4.05 15.13 -39.20
C LEU D 239 4.60 15.98 -38.04
N ASP D 240 3.76 16.75 -37.36
CA ASP D 240 4.18 17.65 -36.28
C ASP D 240 3.92 16.99 -34.93
N HIS D 241 4.94 16.35 -34.37
CA HIS D 241 4.78 15.62 -33.11
C HIS D 241 4.96 16.50 -31.90
N SER D 242 5.11 17.81 -32.09
CA SER D 242 5.12 18.77 -31.00
C SER D 242 3.73 19.30 -30.70
N LYS D 243 2.73 18.94 -31.50
CA LYS D 243 1.42 19.51 -31.27
C LYS D 243 0.55 18.54 -30.46
N PRO D 244 -0.25 19.04 -29.51
CA PRO D 244 -1.03 18.13 -28.65
C PRO D 244 -2.07 17.37 -29.43
N LEU D 245 -2.38 16.17 -28.95
CA LEU D 245 -3.53 15.42 -29.42
C LEU D 245 -4.65 15.59 -28.41
N LEU D 246 -5.84 15.99 -28.88
CA LEU D 246 -7.00 16.20 -28.03
C LEU D 246 -7.97 15.03 -28.18
N SER D 247 -8.55 14.58 -27.06
CA SER D 247 -9.42 13.42 -27.06
C SER D 247 -10.62 13.63 -26.14
N PHE D 248 -11.82 13.67 -26.74
CA PHE D 248 -13.08 13.87 -26.03
C PHE D 248 -13.82 12.55 -25.91
N SER D 249 -14.62 12.43 -24.85
CA SER D 249 -15.33 11.20 -24.54
C SER D 249 -16.78 11.53 -24.18
N PHE D 250 -17.74 10.80 -24.77
CA PHE D 250 -19.15 10.93 -24.42
C PHE D 250 -19.77 9.54 -24.29
N GLY D 251 -20.75 9.39 -23.38
CA GLY D 251 -21.53 8.17 -23.31
C GLY D 251 -21.07 7.23 -22.22
N GLN D 252 -21.03 5.93 -22.49
CA GLN D 252 -20.62 4.98 -21.44
C GLN D 252 -19.13 5.14 -21.12
N SER D 253 -18.74 4.69 -19.93
CA SER D 253 -17.39 4.91 -19.47
C SER D 253 -16.44 3.84 -20.00
N ALA D 254 -15.18 4.19 -20.09
CA ALA D 254 -14.17 3.35 -20.69
C ALA D 254 -13.00 3.20 -19.73
N ILE D 255 -12.24 2.13 -19.89
CA ILE D 255 -10.93 2.02 -19.27
C ILE D 255 -9.87 2.34 -20.31
N PHE D 256 -8.97 3.25 -19.97
CA PHE D 256 -7.90 3.71 -20.84
C PHE D 256 -6.58 3.27 -20.21
N LEU D 257 -5.70 2.66 -21.01
CA LEU D 257 -4.35 2.35 -20.57
C LEU D 257 -3.37 3.33 -21.19
N LEU D 258 -2.50 3.92 -20.36
CA LEU D 258 -1.45 4.83 -20.83
C LEU D 258 -0.10 4.23 -20.49
N GLY D 259 0.66 3.84 -21.51
CA GLY D 259 1.93 3.16 -21.34
C GLY D 259 3.13 4.05 -21.50
N GLY D 260 4.23 3.45 -21.99
CA GLY D 260 5.47 4.17 -22.20
C GLY D 260 5.81 4.25 -23.68
N LEU D 261 6.97 4.90 -23.94
CA LEU D 261 7.38 5.13 -25.32
C LEU D 261 7.56 3.83 -26.09
N LYS D 262 8.09 2.79 -25.45
CA LYS D 262 8.10 1.46 -26.02
C LYS D 262 6.93 0.68 -25.45
N ARG D 263 6.38 -0.22 -26.26
CA ARG D 263 5.17 -0.93 -25.84
C ARG D 263 5.45 -2.01 -24.80
N ASP D 264 6.65 -2.05 -24.25
CA ASP D 264 6.96 -3.01 -23.19
C ASP D 264 6.62 -2.48 -21.80
N GLU D 265 6.71 -1.16 -21.61
CA GLU D 265 6.43 -0.55 -20.31
C GLU D 265 5.03 -0.92 -19.84
N ALA D 266 4.89 -1.12 -18.54
CA ALA D 266 3.57 -1.38 -17.97
C ALA D 266 2.75 -0.09 -17.95
N PRO D 267 1.47 -0.16 -18.30
CA PRO D 267 0.67 1.07 -18.37
C PRO D 267 -0.13 1.31 -17.11
N THR D 268 -0.52 2.55 -16.90
CA THR D 268 -1.44 2.93 -15.83
C THR D 268 -2.85 3.04 -16.39
N ALA D 269 -3.80 2.43 -15.70
CA ALA D 269 -5.20 2.42 -16.10
C ALA D 269 -5.92 3.62 -15.52
N MET D 270 -6.91 4.12 -16.25
CA MET D 270 -7.70 5.23 -15.77
C MET D 270 -9.07 5.15 -16.41
N PHE D 271 -10.05 5.75 -15.76
CA PHE D 271 -11.38 5.81 -16.34
C PHE D 271 -11.46 7.00 -17.30
N MET D 272 -12.39 6.90 -18.24
CA MET D 272 -12.76 8.04 -19.06
C MET D 272 -14.27 8.12 -19.04
N HIS D 273 -14.80 9.10 -18.31
CA HIS D 273 -16.24 9.24 -18.12
C HIS D 273 -16.79 10.22 -19.14
N SER D 274 -18.11 10.30 -19.20
CA SER D 274 -18.78 11.14 -20.19
C SER D 274 -18.43 12.62 -19.97
N GLY D 275 -17.94 13.27 -21.05
CA GLY D 275 -17.52 14.65 -21.01
C GLY D 275 -16.07 14.85 -20.67
N ASP D 276 -15.34 13.80 -20.32
CA ASP D 276 -13.94 13.97 -19.99
C ASP D 276 -13.10 14.25 -21.24
N ILE D 277 -12.06 15.06 -21.05
CA ILE D 277 -11.17 15.48 -22.13
C ILE D 277 -9.74 15.11 -21.74
N MET D 278 -9.03 14.46 -22.65
CA MET D 278 -7.62 14.15 -22.47
C MET D 278 -6.80 14.97 -23.46
N VAL D 279 -5.71 15.53 -23.00
CA VAL D 279 -4.79 16.24 -23.85
C VAL D 279 -3.43 15.54 -23.71
N MET D 280 -3.00 14.88 -24.77
CA MET D 280 -1.70 14.20 -24.80
C MET D 280 -0.67 15.11 -25.46
N SER D 281 0.10 15.83 -24.64
CA SER D 281 1.09 16.77 -25.13
C SER D 281 2.47 16.39 -24.62
N GLY D 282 3.47 17.13 -25.15
CA GLY D 282 4.85 16.97 -24.72
C GLY D 282 5.35 15.55 -24.81
N PHE D 283 6.03 15.12 -23.74
CA PHE D 283 6.56 13.76 -23.67
C PHE D 283 5.47 12.71 -23.86
N SER D 284 4.22 13.03 -23.48
CA SER D 284 3.17 12.02 -23.51
C SER D 284 2.62 11.77 -24.92
N ARG D 285 2.95 12.64 -25.88
CA ARG D 285 2.28 12.62 -27.18
C ARG D 285 2.51 11.32 -27.94
N LEU D 286 3.61 10.63 -27.71
CA LEU D 286 3.93 9.45 -28.49
C LEU D 286 3.92 8.17 -27.67
N LEU D 287 3.43 8.22 -26.42
CA LEU D 287 3.27 7.04 -25.61
C LEU D 287 2.25 6.07 -26.21
N ASN D 288 2.42 4.79 -25.91
CA ASN D 288 1.44 3.79 -26.27
C ASN D 288 0.21 3.89 -25.38
N HIS D 289 -0.94 3.59 -25.96
CA HIS D 289 -2.19 3.64 -25.20
C HIS D 289 -3.17 2.69 -25.88
N ALA D 290 -4.25 2.38 -25.17
CA ALA D 290 -5.26 1.45 -25.65
C ALA D 290 -6.56 1.69 -24.89
N VAL D 291 -7.64 1.10 -25.39
CA VAL D 291 -8.92 1.07 -24.70
C VAL D 291 -9.39 -0.39 -24.60
N PRO D 292 -9.05 -1.10 -23.51
CA PRO D 292 -9.46 -2.52 -23.40
C PRO D 292 -10.93 -2.72 -23.11
N ARG D 293 -11.66 -1.70 -22.67
CA ARG D 293 -13.02 -1.95 -22.17
C ARG D 293 -13.87 -0.68 -22.21
N VAL D 294 -15.09 -0.83 -22.70
CA VAL D 294 -16.17 0.13 -22.46
C VAL D 294 -17.09 -0.53 -21.44
N LEU D 295 -17.29 0.14 -20.25
CA LEU D 295 -18.03 -0.55 -19.21
C LEU D 295 -19.54 -0.31 -19.35
N PRO D 296 -20.37 -1.29 -19.02
CA PRO D 296 -21.82 -1.05 -19.01
C PRO D 296 -22.20 -0.18 -17.83
N HIS D 297 -23.30 0.55 -17.97
CA HIS D 297 -23.79 1.34 -16.86
C HIS D 297 -24.12 0.40 -15.70
N PRO D 298 -23.86 0.80 -14.45
CA PRO D 298 -24.00 -0.14 -13.32
C PRO D 298 -25.41 -0.70 -13.14
N ASP D 299 -26.44 0.10 -13.41
CA ASP D 299 -27.82 -0.34 -13.30
C ASP D 299 -28.41 -0.80 -14.62
N GLY D 300 -27.58 -1.03 -15.64
CA GLY D 300 -28.00 -1.62 -16.90
C GLY D 300 -27.89 -0.65 -18.06
N GLU D 301 -28.87 -0.69 -18.96
CA GLU D 301 -28.86 0.12 -20.17
C GLU D 301 -29.46 1.48 -19.84
N CYS D 302 -28.65 2.30 -19.15
CA CYS D 302 -29.03 3.65 -18.74
C CYS D 302 -27.94 4.63 -19.14
N LEU D 303 -28.26 5.91 -19.06
CA LEU D 303 -27.27 6.93 -19.32
C LEU D 303 -26.56 7.34 -18.04
N PRO D 304 -25.33 7.83 -18.13
CA PRO D 304 -24.74 8.49 -16.96
C PRO D 304 -25.57 9.71 -16.62
N HIS D 305 -25.44 10.15 -15.37
CA HIS D 305 -26.31 11.24 -14.91
C HIS D 305 -26.08 12.53 -15.71
N CYS D 306 -24.82 12.82 -16.07
CA CYS D 306 -24.52 14.10 -16.71
C CYS D 306 -25.17 14.25 -18.08
N LEU D 307 -25.54 13.14 -18.73
CA LEU D 307 -26.26 13.15 -20.01
C LEU D 307 -27.77 13.22 -19.83
N GLU D 308 -28.26 13.13 -18.60
CA GLU D 308 -29.68 13.25 -18.31
C GLU D 308 -30.13 14.70 -18.18
N THR D 309 -29.22 15.61 -17.84
CA THR D 309 -29.56 17.04 -17.81
C THR D 309 -29.89 17.56 -19.20
N PRO D 310 -30.97 18.33 -19.36
CA PRO D 310 -31.33 18.85 -20.69
C PRO D 310 -30.49 20.07 -21.07
N LEU D 311 -30.48 20.36 -22.37
CA LEU D 311 -29.85 21.57 -22.86
C LEU D 311 -30.51 22.80 -22.24
N PRO D 312 -29.78 23.90 -22.12
CA PRO D 312 -30.40 25.16 -21.70
C PRO D 312 -31.50 25.54 -22.67
N ALA D 313 -32.60 26.08 -22.12
CA ALA D 313 -33.69 26.56 -22.97
C ALA D 313 -33.31 27.85 -23.70
N VAL D 314 -32.43 28.65 -23.10
CA VAL D 314 -32.05 29.96 -23.64
C VAL D 314 -30.56 29.90 -23.94
N LEU D 315 -30.23 29.74 -25.21
CA LEU D 315 -28.84 29.62 -25.59
C LEU D 315 -28.23 31.00 -25.77
N PRO D 316 -26.95 31.14 -25.48
CA PRO D 316 -26.31 32.46 -25.54
C PRO D 316 -26.20 32.95 -26.97
N SER D 317 -25.89 34.24 -27.07
CA SER D 317 -25.77 34.88 -28.36
C SER D 317 -24.58 34.31 -29.13
N ASN D 318 -24.80 33.99 -30.40
CA ASN D 318 -23.77 33.42 -31.27
C ASN D 318 -23.24 32.09 -30.74
N SER D 319 -24.11 31.29 -30.15
CA SER D 319 -23.69 29.99 -29.64
C SER D 319 -23.44 29.02 -30.78
N LEU D 320 -22.44 28.16 -30.60
CA LEU D 320 -22.26 27.06 -31.54
C LEU D 320 -22.95 25.79 -31.05
N VAL D 321 -23.19 25.69 -29.73
CA VAL D 321 -24.16 24.73 -29.21
C VAL D 321 -25.53 25.08 -29.76
N GLU D 322 -26.22 24.10 -30.31
CA GLU D 322 -27.51 24.27 -30.94
C GLU D 322 -28.59 23.54 -30.15
N PRO D 323 -29.86 23.79 -30.43
CA PRO D 323 -30.91 23.01 -29.79
C PRO D 323 -30.93 21.58 -30.31
N CYS D 324 -31.40 20.66 -29.46
CA CYS D 324 -31.56 19.26 -29.82
C CYS D 324 -33.04 18.87 -29.70
N SER D 325 -33.68 18.59 -30.83
CA SER D 325 -35.08 18.17 -30.83
C SER D 325 -35.27 16.87 -30.04
N VAL D 326 -36.49 16.70 -29.52
CA VAL D 326 -36.80 15.54 -28.68
C VAL D 326 -36.60 14.25 -29.46
N GLU D 327 -37.07 14.21 -30.71
CA GLU D 327 -36.89 12.98 -31.48
C GLU D 327 -35.42 12.70 -31.72
N ASP D 328 -34.66 13.74 -32.07
CA ASP D 328 -33.22 13.59 -32.26
C ASP D 328 -32.55 13.07 -31.01
N TRP D 329 -32.85 13.67 -29.85
CA TRP D 329 -32.22 13.20 -28.63
C TRP D 329 -32.65 11.77 -28.26
N GLN D 330 -33.85 11.33 -28.62
CA GLN D 330 -34.22 9.97 -28.25
C GLN D 330 -33.40 8.94 -29.03
N VAL D 331 -33.05 9.22 -30.28
CA VAL D 331 -32.09 8.35 -30.96
C VAL D 331 -30.76 8.31 -30.21
N CYS D 332 -30.26 9.48 -29.79
CA CYS D 332 -28.95 9.55 -29.11
C CYS D 332 -28.97 8.80 -27.79
N ALA D 333 -30.00 9.07 -26.97
CA ALA D 333 -30.11 8.45 -25.65
C ALA D 333 -30.18 6.93 -25.76
N THR D 334 -30.95 6.41 -26.71
CA THR D 334 -31.08 4.96 -26.78
C THR D 334 -29.80 4.32 -27.30
N TYR D 335 -29.11 4.97 -28.24
CA TYR D 335 -27.80 4.51 -28.69
C TYR D 335 -26.76 4.59 -27.57
N LEU D 336 -26.69 5.72 -26.87
CA LEU D 336 -25.65 5.90 -25.87
C LEU D 336 -25.84 5.01 -24.65
N ARG D 337 -26.98 4.34 -24.51
CA ARG D 337 -27.18 3.46 -23.37
C ARG D 337 -26.29 2.25 -23.43
N THR D 338 -25.82 1.87 -24.61
CA THR D 338 -24.86 0.77 -24.76
C THR D 338 -23.73 1.16 -25.70
N ALA D 339 -23.21 2.39 -25.59
CA ALA D 339 -22.20 2.83 -26.54
C ALA D 339 -21.41 4.01 -25.97
N ARG D 340 -20.25 4.23 -26.58
CA ARG D 340 -19.37 5.34 -26.22
C ARG D 340 -18.85 5.97 -27.50
N VAL D 341 -18.74 7.30 -27.51
CA VAL D 341 -18.25 8.07 -28.64
C VAL D 341 -16.96 8.76 -28.22
N ASN D 342 -15.91 8.61 -29.05
CA ASN D 342 -14.62 9.25 -28.82
C ASN D 342 -14.29 10.16 -30.00
N MET D 343 -14.03 11.44 -29.72
CA MET D 343 -13.51 12.36 -30.73
C MET D 343 -12.06 12.69 -30.42
N THR D 344 -11.18 12.47 -31.40
CA THR D 344 -9.78 12.90 -31.31
C THR D 344 -9.53 13.92 -32.39
N VAL D 345 -8.73 14.94 -32.09
CA VAL D 345 -8.50 16.07 -32.98
C VAL D 345 -7.00 16.35 -33.01
N ARG D 346 -6.43 16.48 -34.20
CA ARG D 346 -4.98 16.52 -34.33
C ARG D 346 -4.58 17.62 -35.29
N GLN D 347 -3.42 18.19 -35.05
CA GLN D 347 -2.80 19.08 -36.02
C GLN D 347 -1.83 18.21 -36.81
N VAL D 348 -2.04 18.18 -38.13
CA VAL D 348 -1.23 17.33 -39.00
C VAL D 348 0.08 18.00 -39.36
N LEU D 349 0.02 19.30 -39.70
CA LEU D 349 1.14 20.02 -40.30
C LEU D 349 1.56 21.18 -39.42
N ALA D 350 2.87 21.31 -39.20
CA ALA D 350 3.40 22.56 -38.65
C ALA D 350 3.01 23.74 -39.54
N THR D 351 2.85 24.90 -38.93
CA THR D 351 2.51 26.12 -39.67
C THR D 351 3.50 26.30 -40.82
N GLY D 352 2.96 26.52 -42.02
CA GLY D 352 3.82 26.62 -43.18
C GLY D 352 4.63 25.37 -43.49
N GLN D 353 4.13 24.19 -43.08
CA GLN D 353 4.67 22.91 -43.50
C GLN D 353 3.77 22.30 -44.56
N ASP D 354 4.36 21.48 -45.44
CA ASP D 354 3.62 20.79 -46.48
C ASP D 354 4.04 19.33 -46.52
N PHE D 355 3.24 18.54 -47.22
CA PHE D 355 3.56 17.14 -47.44
C PHE D 355 4.68 17.02 -48.49
N PRO D 356 5.73 16.28 -48.21
CA PRO D 356 6.78 16.05 -49.23
C PRO D 356 6.24 15.52 -50.56
N LEU D 357 6.42 16.28 -51.64
CA LEU D 357 5.90 15.87 -52.96
C LEU D 357 6.57 14.58 -53.43
N GLU D 358 5.76 13.74 -54.08
CA GLU D 358 6.23 12.43 -54.51
C GLU D 358 7.17 12.58 -55.69
N PRO D 359 8.29 11.82 -55.73
CA PRO D 359 9.15 11.85 -56.92
C PRO D 359 8.42 11.38 -58.17
N VAL D 360 9.07 11.58 -59.31
CA VAL D 360 8.41 11.53 -60.62
C VAL D 360 9.02 10.43 -61.50
#